data_5AZS
#
_entry.id   5AZS
#
_cell.length_a   86.329
_cell.length_b   92.388
_cell.length_c   252.765
_cell.angle_alpha   90.00
_cell.angle_beta   90.00
_cell.angle_gamma   90.00
#
_symmetry.space_group_name_H-M   'P 21 21 21'
#
_entity_poly.entity_id   1
_entity_poly.type   'polypeptide(L)'
_entity_poly.pdbx_seq_one_letter_code
;CSMAPTYERPAAPVADSWSGAAAQRQGAAIDTLDWKSFIVDAELRRLVDMALDNNRSLRQTLLDIEAARAQYRIQRADRV
PGLNAAATGNRQRQPADLSAGNRSEVASSYQVGLALPEYELDLFGRVKSLTDAALQQYLASEEAARAARIALVAEVSQAY
LSYDGALRRLALTRQTLVSREYSFALIDQRRAAGAATALDYQEALGLVEQARAEQERNLRQKQQAFNALVLLLGSDDAAQ
AIPRSPGQRPKLLQDIAPGTPSELIERRPDILAAEHRLRARNADIGAARAAFFPRISLTGSFGTSSAEMSGLFDGGSRSW
SFLPTLTLPIFDGGRNRANLSLAEARKDSAVAAYEGTIQTAFREVADALAASDTLRREEKALRALANSSNEALKLAKARY
ESGVDNHLRYLDAQRSSFLNEIAFIDGSTQRQIALVDLFRALGGGWDEGRSLVVHRGGRSGSHHHHHH
;
_entity_poly.pdbx_strand_id   A,B,C
#
# COMPACT_ATOMS: atom_id res chain seq x y z
N CYS A 1 34.31 -8.78 23.54
CA CYS A 1 34.52 -8.41 22.10
C CYS A 1 33.17 -8.17 21.41
N SER A 2 33.20 -7.39 20.32
CA SER A 2 32.02 -7.12 19.50
C SER A 2 32.40 -6.97 18.02
N MET A 3 31.93 -7.92 17.20
CA MET A 3 32.29 -8.00 15.78
C MET A 3 31.47 -7.04 14.89
N ALA A 4 30.48 -6.36 15.47
CA ALA A 4 29.72 -5.33 14.77
C ALA A 4 30.65 -4.22 14.25
N PRO A 5 30.64 -3.95 12.92
CA PRO A 5 31.50 -2.88 12.39
C PRO A 5 31.19 -1.50 12.95
N THR A 6 32.09 -0.56 12.70
CA THR A 6 31.94 0.81 13.16
C THR A 6 30.99 1.54 12.20
N TYR A 7 29.93 2.14 12.74
CA TYR A 7 28.93 2.83 11.93
C TYR A 7 29.42 4.20 11.47
N GLU A 8 29.47 4.38 10.16
CA GLU A 8 29.76 5.65 9.51
C GLU A 8 28.52 6.03 8.73
N ARG A 9 28.03 7.27 8.91
CA ARG A 9 26.89 7.77 8.14
C ARG A 9 27.26 7.92 6.66
N PRO A 10 26.44 7.37 5.74
CA PRO A 10 26.75 7.52 4.31
C PRO A 10 26.63 8.96 3.86
N ALA A 11 27.53 9.38 2.98
CA ALA A 11 27.54 10.75 2.48
C ALA A 11 26.21 11.05 1.80
N ALA A 12 25.59 12.17 2.18
CA ALA A 12 24.32 12.60 1.61
C ALA A 12 24.43 12.67 0.08
N PRO A 13 23.69 11.82 -0.65
CA PRO A 13 23.86 11.79 -2.10
C PRO A 13 23.20 12.96 -2.85
N VAL A 14 22.50 13.83 -2.12
CA VAL A 14 21.89 15.04 -2.67
C VAL A 14 22.89 16.17 -2.87
N ALA A 15 22.52 17.14 -3.71
CA ALA A 15 23.32 18.36 -3.92
C ALA A 15 23.32 19.23 -2.65
N ASP A 16 24.36 20.04 -2.52
CA ASP A 16 24.60 20.83 -1.30
C ASP A 16 23.69 22.05 -1.09
N SER A 17 22.92 22.44 -2.11
CA SER A 17 22.05 23.62 -2.02
C SER A 17 20.76 23.49 -2.84
N TRP A 18 19.71 24.20 -2.41
CA TRP A 18 18.45 24.33 -3.17
C TRP A 18 18.45 25.64 -3.98
N SER A 19 17.91 25.60 -5.19
CA SER A 19 17.69 26.82 -6.00
C SER A 19 16.49 27.59 -5.46
N LEU A 33 10.67 27.48 15.16
CA LEU A 33 10.40 26.28 14.38
C LEU A 33 9.47 25.31 15.13
N ASP A 34 8.49 25.86 15.86
CA ASP A 34 7.57 25.09 16.71
C ASP A 34 6.18 25.10 16.06
N TRP A 35 5.40 24.03 16.25
CA TRP A 35 4.09 23.90 15.58
C TRP A 35 3.05 24.90 16.13
N LYS A 36 3.02 25.08 17.45
CA LYS A 36 2.20 26.14 18.07
C LYS A 36 2.68 27.50 17.59
N SER A 37 4.00 27.68 17.57
CA SER A 37 4.64 28.90 17.08
C SER A 37 4.30 29.18 15.62
N PHE A 38 4.19 28.12 14.83
CA PHE A 38 3.84 28.21 13.42
C PHE A 38 2.36 28.50 13.20
N ILE A 39 1.51 27.69 13.83
CA ILE A 39 0.05 27.81 13.68
C ILE A 39 -0.46 28.93 14.59
N VAL A 40 -0.57 30.14 14.05
CA VAL A 40 -1.00 31.33 14.82
C VAL A 40 -2.47 31.31 15.25
N ASP A 41 -3.34 30.74 14.41
CA ASP A 41 -4.78 30.70 14.67
C ASP A 41 -5.07 29.91 15.95
N ALA A 42 -5.86 30.50 16.85
CA ALA A 42 -6.13 29.93 18.17
C ALA A 42 -7.01 28.68 18.09
N GLU A 43 -7.99 28.69 17.17
CA GLU A 43 -8.91 27.56 17.01
C GLU A 43 -8.29 26.39 16.27
N LEU A 44 -7.54 26.64 15.21
CA LEU A 44 -6.85 25.57 14.48
C LEU A 44 -5.88 24.83 15.38
N ARG A 45 -5.08 25.59 16.10
CA ARG A 45 -4.18 25.04 17.13
C ARG A 45 -4.94 24.27 18.20
N ARG A 46 -6.13 24.75 18.58
CA ARG A 46 -7.03 23.99 19.47
C ARG A 46 -7.42 22.66 18.82
N LEU A 47 -7.79 22.70 17.54
CA LEU A 47 -8.16 21.49 16.80
C LEU A 47 -7.02 20.48 16.68
N VAL A 48 -5.81 20.97 16.41
CA VAL A 48 -4.63 20.10 16.30
C VAL A 48 -4.33 19.42 17.63
N ASP A 49 -4.44 20.16 18.73
CA ASP A 49 -4.31 19.59 20.08
C ASP A 49 -5.32 18.47 20.34
N MET A 50 -6.55 18.64 19.88
CA MET A 50 -7.57 17.59 20.00
C MET A 50 -7.19 16.36 19.18
N ALA A 51 -6.82 16.59 17.92
CA ALA A 51 -6.41 15.52 16.99
C ALA A 51 -5.19 14.77 17.49
N LEU A 52 -4.16 15.52 17.88
CA LEU A 52 -2.94 14.94 18.46
C LEU A 52 -3.22 14.08 19.69
N ASP A 53 -4.21 14.45 20.49
CA ASP A 53 -4.62 13.66 21.65
C ASP A 53 -5.46 12.43 21.28
N ASN A 54 -6.28 12.52 20.23
CA ASN A 54 -7.30 11.49 19.95
C ASN A 54 -7.24 10.74 18.59
N ASN A 55 -6.44 11.19 17.62
CA ASN A 55 -6.36 10.50 16.33
C ASN A 55 -5.84 9.08 16.48
N ARG A 56 -6.58 8.14 15.89
CA ARG A 56 -6.39 6.72 16.16
C ARG A 56 -5.24 6.09 15.38
N SER A 57 -4.93 6.65 14.20
CA SER A 57 -3.80 6.20 13.40
C SER A 57 -2.48 6.57 14.06
N LEU A 58 -2.40 7.77 14.63
CA LEU A 58 -1.24 8.18 15.43
C LEU A 58 -1.15 7.36 16.72
N ARG A 59 -2.31 7.03 17.31
CA ARG A 59 -2.36 6.21 18.52
C ARG A 59 -1.77 4.82 18.28
N GLN A 60 -2.04 4.23 17.12
CA GLN A 60 -1.43 2.96 16.72
C GLN A 60 0.09 3.07 16.63
N THR A 61 0.58 4.16 16.02
CA THR A 61 2.02 4.42 15.91
C THR A 61 2.68 4.72 17.26
N LEU A 62 1.93 5.30 18.20
CA LEU A 62 2.41 5.44 19.58
C LEU A 62 2.52 4.11 20.29
N LEU A 63 1.59 3.20 20.04
CA LEU A 63 1.65 1.86 20.63
C LEU A 63 2.63 0.95 19.89
N ASP A 64 2.98 1.31 18.66
CA ASP A 64 4.08 0.66 17.92
C ASP A 64 5.41 0.78 18.65
N ILE A 65 5.67 1.93 19.26
CA ILE A 65 6.92 2.16 20.00
C ILE A 65 6.93 1.40 21.34
N GLU A 66 5.75 1.19 21.92
CA GLU A 66 5.59 0.37 23.14
C GLU A 66 5.88 -1.10 22.86
N ALA A 67 5.46 -1.57 21.69
CA ALA A 67 5.82 -2.91 21.22
C ALA A 67 7.32 -3.01 20.97
N ALA A 68 7.86 -2.04 20.23
CA ALA A 68 9.29 -2.01 19.91
C ALA A 68 10.19 -1.91 21.15
N ARG A 69 9.70 -1.25 22.20
CA ARG A 69 10.38 -1.20 23.51
C ARG A 69 10.36 -2.57 24.18
N ALA A 70 9.21 -3.24 24.14
CA ALA A 70 9.07 -4.60 24.68
C ALA A 70 9.95 -5.64 23.97
N GLN A 71 10.27 -5.42 22.70
CA GLN A 71 11.14 -6.32 21.94
C GLN A 71 12.60 -6.19 22.38
N TYR A 72 13.02 -4.95 22.63
CA TYR A 72 14.33 -4.67 23.24
C TYR A 72 14.42 -5.27 24.64
N ARG A 73 13.36 -5.12 25.44
CA ARG A 73 13.30 -5.76 26.77
C ARG A 73 13.36 -7.28 26.70
N ILE A 74 12.75 -7.86 25.65
CA ILE A 74 12.86 -9.30 25.36
C ILE A 74 14.29 -9.71 25.00
N GLN A 75 14.97 -8.90 24.19
CA GLN A 75 16.36 -9.19 23.83
C GLN A 75 17.35 -8.94 24.97
N ARG A 76 17.14 -7.88 25.75
CA ARG A 76 17.97 -7.58 26.92
C ARG A 76 17.99 -8.74 27.92
N ALA A 77 16.84 -9.39 28.08
CA ALA A 77 16.69 -10.55 28.98
C ALA A 77 17.67 -11.71 28.70
N ASP A 78 18.07 -11.88 27.44
CA ASP A 78 19.04 -12.92 27.05
C ASP A 78 20.46 -12.68 27.59
N ARG A 79 20.86 -11.42 27.75
CA ARG A 79 22.20 -11.09 28.25
C ARG A 79 22.46 -11.55 29.69
N VAL A 80 21.41 -11.53 30.52
CA VAL A 80 21.45 -12.01 31.92
C VAL A 80 21.10 -13.51 31.97
N PRO A 81 21.74 -14.28 32.88
CA PRO A 81 21.29 -15.67 33.14
C PRO A 81 20.09 -15.75 34.07
N GLY A 82 19.22 -16.73 33.82
CA GLY A 82 17.99 -16.93 34.60
C GLY A 82 18.10 -18.07 35.60
N LEU A 83 17.02 -18.30 36.34
CA LEU A 83 16.99 -19.28 37.42
C LEU A 83 15.56 -19.85 37.59
N ASN A 84 15.41 -21.16 37.41
CA ASN A 84 14.10 -21.83 37.32
C ASN A 84 13.96 -23.00 38.29
N ALA A 85 12.91 -22.96 39.12
CA ALA A 85 12.57 -24.06 40.05
C ALA A 85 11.75 -25.13 39.36
N ALA A 86 12.36 -26.30 39.12
CA ALA A 86 11.74 -27.41 38.37
C ALA A 86 11.72 -28.70 39.17
N ALA A 87 10.72 -29.54 38.92
CA ALA A 87 10.61 -30.88 39.52
C ALA A 87 10.44 -31.92 38.41
N THR A 88 11.39 -32.86 38.30
CA THR A 88 11.41 -33.83 37.20
C THR A 88 11.52 -35.28 37.68
N GLY A 89 10.41 -36.02 37.58
CA GLY A 89 10.39 -37.46 37.83
C GLY A 89 10.72 -38.24 36.56
N ASN A 90 11.43 -39.36 36.73
CA ASN A 90 11.73 -40.28 35.62
C ASN A 90 11.57 -41.73 36.10
N ARG A 91 10.46 -42.36 35.69
CA ARG A 91 10.17 -43.75 36.02
C ARG A 91 10.08 -44.58 34.74
N GLN A 92 10.80 -45.71 34.70
CA GLN A 92 10.92 -46.53 33.48
C GLN A 92 11.32 -47.98 33.76
N ARG A 93 10.67 -48.91 33.06
CA ARG A 93 11.00 -50.34 33.14
C ARG A 93 11.96 -50.68 32.01
N GLN A 94 13.18 -51.11 32.36
CA GLN A 94 14.21 -51.48 31.37
C GLN A 94 14.39 -53.01 31.33
N PRO A 95 14.89 -53.54 30.20
CA PRO A 95 15.11 -54.98 30.11
C PRO A 95 16.29 -55.47 30.98
N ALA A 96 16.27 -56.77 31.26
CA ALA A 96 17.34 -57.48 31.96
C ALA A 96 18.68 -57.32 31.24
N ASP A 97 18.62 -57.59 29.94
CA ASP A 97 19.75 -57.51 29.02
C ASP A 97 20.59 -56.22 29.14
N LEU A 98 19.92 -55.07 29.20
CA LEU A 98 20.61 -53.78 29.24
C LEU A 98 21.21 -53.41 30.61
N SER A 99 20.50 -53.71 31.69
CA SER A 99 20.95 -53.36 33.05
C SER A 99 22.14 -54.19 33.54
N ALA A 100 22.87 -53.65 34.52
CA ALA A 100 23.96 -54.38 35.20
C ALA A 100 23.44 -55.51 36.08
N GLY A 101 22.23 -55.32 36.63
CA GLY A 101 21.55 -56.34 37.43
C GLY A 101 21.22 -57.62 36.68
N ASN A 102 21.02 -57.52 35.36
CA ASN A 102 20.72 -58.67 34.48
C ASN A 102 19.35 -59.35 34.73
N ARG A 103 18.43 -58.64 35.39
CA ARG A 103 17.03 -59.05 35.53
C ARG A 103 16.17 -57.77 35.41
N SER A 104 15.10 -57.83 34.61
CA SER A 104 14.37 -56.62 34.17
C SER A 104 13.81 -55.83 35.36
N GLU A 105 14.19 -54.56 35.44
CA GLU A 105 13.96 -53.75 36.65
C GLU A 105 13.18 -52.46 36.34
N VAL A 106 12.44 -51.99 37.35
CA VAL A 106 11.73 -50.72 37.29
C VAL A 106 12.52 -49.71 38.12
N ALA A 107 13.08 -48.69 37.47
CA ALA A 107 13.88 -47.65 38.12
C ALA A 107 13.12 -46.32 38.17
N SER A 108 13.20 -45.64 39.32
CA SER A 108 12.56 -44.34 39.52
C SER A 108 13.60 -43.34 40.00
N SER A 109 13.45 -42.08 39.59
CA SER A 109 14.35 -41.00 40.02
C SER A 109 13.63 -39.66 40.00
N TYR A 110 13.55 -39.00 41.15
CA TYR A 110 12.91 -37.70 41.30
C TYR A 110 13.96 -36.63 41.59
N GLN A 111 13.74 -35.42 41.07
CA GLN A 111 14.60 -34.25 41.33
C GLN A 111 13.72 -33.03 41.57
N VAL A 112 14.09 -32.20 42.54
CA VAL A 112 13.45 -30.89 42.74
C VAL A 112 14.53 -29.86 43.05
N GLY A 113 14.18 -28.59 42.91
CA GLY A 113 15.08 -27.47 43.22
C GLY A 113 15.34 -26.58 42.02
N LEU A 114 16.36 -25.73 42.15
CA LEU A 114 16.67 -24.71 41.15
C LEU A 114 17.49 -25.22 39.97
N ALA A 115 17.41 -24.50 38.85
CA ALA A 115 18.10 -24.88 37.61
C ALA A 115 18.42 -23.65 36.75
N LEU A 116 19.56 -23.71 36.08
CA LEU A 116 20.05 -22.68 35.15
C LEU A 116 19.74 -23.11 33.72
N PRO A 117 18.83 -22.39 33.02
CA PRO A 117 18.62 -22.69 31.60
C PRO A 117 19.79 -22.24 30.75
N GLU A 118 20.01 -22.90 29.62
CA GLU A 118 21.17 -22.66 28.75
C GLU A 118 21.49 -21.18 28.60
N TYR A 119 22.61 -20.77 29.19
CA TYR A 119 23.07 -19.37 29.20
C TYR A 119 24.31 -19.22 28.33
N GLU A 120 24.26 -18.30 27.36
CA GLU A 120 25.37 -18.09 26.44
C GLU A 120 26.41 -17.12 27.04
N LEU A 121 27.66 -17.59 27.18
CA LEU A 121 28.77 -16.68 27.50
C LEU A 121 28.99 -15.81 26.28
N ASP A 122 29.18 -14.51 26.51
CA ASP A 122 29.14 -13.50 25.46
C ASP A 122 30.56 -13.04 25.13
N LEU A 123 31.40 -13.99 24.73
CA LEU A 123 32.80 -13.71 24.39
C LEU A 123 32.95 -12.96 23.07
N PHE A 124 32.05 -13.21 22.12
CA PHE A 124 32.10 -12.58 20.80
C PHE A 124 30.96 -11.60 20.51
N GLY A 125 30.07 -11.40 21.49
CA GLY A 125 29.04 -10.35 21.43
C GLY A 125 27.95 -10.59 20.40
N ARG A 126 27.46 -11.83 20.33
CA ARG A 126 26.37 -12.16 19.42
C ARG A 126 25.06 -11.65 20.01
N VAL A 127 24.85 -11.91 21.29
CA VAL A 127 23.65 -11.49 22.00
C VAL A 127 23.69 -9.97 22.23
N LYS A 128 24.87 -9.44 22.53
CA LYS A 128 25.09 -7.99 22.67
C LYS A 128 24.61 -7.28 21.42
N SER A 129 25.11 -7.76 20.28
CA SER A 129 24.75 -7.25 18.96
C SER A 129 23.26 -7.33 18.69
N LEU A 130 22.63 -8.47 18.99
CA LEU A 130 21.17 -8.63 18.80
C LEU A 130 20.39 -7.66 19.69
N THR A 131 20.83 -7.49 20.92
CA THR A 131 20.20 -6.53 21.83
C THR A 131 20.37 -5.09 21.34
N ASP A 132 21.52 -4.78 20.76
CA ASP A 132 21.76 -3.47 20.13
C ASP A 132 20.84 -3.20 18.94
N ALA A 133 20.61 -4.21 18.09
CA ALA A 133 19.69 -4.07 16.96
C ALA A 133 18.27 -3.77 17.43
N ALA A 134 17.81 -4.47 18.46
CA ALA A 134 16.47 -4.24 19.02
C ALA A 134 16.30 -2.85 19.64
N LEU A 135 17.40 -2.24 20.09
CA LEU A 135 17.41 -0.85 20.55
C LEU A 135 17.23 0.11 19.40
N GLN A 136 17.99 -0.11 18.32
CA GLN A 136 17.96 0.77 17.16
C GLN A 136 16.62 0.79 16.44
N GLN A 137 15.93 -0.35 16.38
CA GLN A 137 14.56 -0.40 15.86
C GLN A 137 13.54 0.26 16.83
N TYR A 138 13.79 0.19 18.14
CA TYR A 138 12.99 0.94 19.14
C TYR A 138 13.11 2.43 18.94
N LEU A 139 14.32 2.89 18.70
CA LEU A 139 14.58 4.30 18.44
C LEU A 139 14.01 4.72 17.08
N ALA A 140 14.15 3.86 16.07
CA ALA A 140 13.53 4.09 14.76
C ALA A 140 12.00 4.15 14.80
N SER A 141 11.39 3.44 15.76
CA SER A 141 9.95 3.52 15.98
C SER A 141 9.55 4.88 16.55
N GLU A 142 10.33 5.39 17.50
CA GLU A 142 10.07 6.72 18.09
C GLU A 142 10.20 7.86 17.07
N GLU A 143 11.18 7.73 16.17
CA GLU A 143 11.33 8.69 15.08
C GLU A 143 10.16 8.60 14.10
N ALA A 144 9.66 7.39 13.86
CA ALA A 144 8.44 7.20 13.05
C ALA A 144 7.19 7.83 13.69
N ALA A 145 7.09 7.75 15.02
CA ALA A 145 6.01 8.40 15.77
C ALA A 145 6.08 9.92 15.69
N ARG A 146 7.29 10.46 15.67
CA ARG A 146 7.51 11.89 15.42
C ARG A 146 7.09 12.27 14.01
N ALA A 147 7.47 11.47 13.01
CA ALA A 147 7.09 11.70 11.61
C ALA A 147 5.57 11.73 11.42
N ALA A 148 4.88 10.80 12.09
CA ALA A 148 3.42 10.74 12.08
C ALA A 148 2.79 11.96 12.75
N ARG A 149 3.34 12.37 13.90
CA ARG A 149 2.90 13.61 14.58
C ARG A 149 3.00 14.83 13.65
N ILE A 150 4.16 14.99 12.99
CA ILE A 150 4.35 16.04 11.97
C ILE A 150 3.32 15.92 10.85
N ALA A 151 3.11 14.69 10.37
CA ALA A 151 2.15 14.44 9.30
C ALA A 151 0.70 14.74 9.71
N LEU A 152 0.34 14.43 10.97
CA LEU A 152 -1.03 14.67 11.46
C LEU A 152 -1.35 16.17 11.51
N VAL A 153 -0.46 16.94 12.12
CA VAL A 153 -0.64 18.39 12.26
C VAL A 153 -0.81 19.05 10.89
N ALA A 154 0.01 18.62 9.92
CA ALA A 154 -0.07 19.08 8.55
C ALA A 154 -1.36 18.67 7.84
N GLU A 155 -1.84 17.46 8.11
CA GLU A 155 -3.12 17.00 7.54
C GLU A 155 -4.33 17.68 8.18
N VAL A 156 -4.28 17.97 9.48
CA VAL A 156 -5.37 18.68 10.16
C VAL A 156 -5.48 20.11 9.64
N SER A 157 -4.34 20.76 9.45
CA SER A 157 -4.29 22.12 8.92
C SER A 157 -4.79 22.20 7.47
N GLN A 158 -4.28 21.34 6.60
CA GLN A 158 -4.73 21.26 5.19
C GLN A 158 -6.24 21.07 5.06
N ALA A 159 -6.79 20.23 5.93
CA ALA A 159 -8.23 19.97 5.98
C ALA A 159 -9.04 21.16 6.52
N TYR A 160 -8.44 21.94 7.43
CA TYR A 160 -9.08 23.18 7.90
C TYR A 160 -9.02 24.31 6.87
N LEU A 161 -7.91 24.39 6.14
CA LEU A 161 -7.78 25.34 5.02
C LEU A 161 -8.75 25.04 3.87
N SER A 162 -8.91 23.78 3.52
CA SER A 162 -9.88 23.39 2.49
C SER A 162 -11.32 23.62 2.94
N TYR A 163 -11.62 23.30 4.20
CA TYR A 163 -12.93 23.61 4.82
C TYR A 163 -13.24 25.09 4.79
N ASP A 164 -12.22 25.90 5.12
CA ASP A 164 -12.33 27.35 5.04
C ASP A 164 -12.57 27.79 3.60
N GLY A 165 -11.69 27.34 2.69
CA GLY A 165 -11.80 27.63 1.26
C GLY A 165 -13.15 27.29 0.65
N ALA A 166 -13.76 26.20 1.13
CA ALA A 166 -15.10 25.82 0.71
C ALA A 166 -16.14 26.85 1.18
N LEU A 167 -16.05 27.27 2.44
CA LEU A 167 -16.99 28.24 2.99
C LEU A 167 -16.91 29.60 2.29
N ARG A 168 -15.71 29.98 1.86
CA ARG A 168 -15.50 31.19 1.07
C ARG A 168 -16.17 31.10 -0.31
N ARG A 169 -16.12 29.91 -0.92
CA ARG A 169 -16.78 29.64 -2.19
C ARG A 169 -18.29 29.61 -2.08
N LEU A 170 -18.81 28.98 -1.03
CA LEU A 170 -20.24 28.91 -0.76
C LEU A 170 -20.85 30.30 -0.49
N ALA A 171 -20.16 31.11 0.30
CA ALA A 171 -20.58 32.48 0.60
C ALA A 171 -20.62 33.34 -0.66
N LEU A 172 -19.60 33.22 -1.49
CA LEU A 172 -19.54 33.93 -2.78
C LEU A 172 -20.67 33.51 -3.71
N THR A 173 -20.83 32.19 -3.86
CA THR A 173 -21.91 31.63 -4.68
C THR A 173 -23.30 32.08 -4.21
N ARG A 174 -23.51 32.19 -2.90
CA ARG A 174 -24.80 32.62 -2.35
C ARG A 174 -25.11 34.08 -2.67
N GLN A 175 -24.10 34.96 -2.57
CA GLN A 175 -24.26 36.37 -2.96
C GLN A 175 -24.42 36.48 -4.49
N THR A 176 -23.73 35.60 -5.22
CA THR A 176 -23.86 35.52 -6.67
C THR A 176 -25.27 35.05 -7.08
N LEU A 177 -25.82 34.11 -6.31
CA LEU A 177 -27.16 33.58 -6.56
C LEU A 177 -28.26 34.64 -6.35
N VAL A 178 -28.23 35.34 -5.21
CA VAL A 178 -29.23 36.41 -4.95
C VAL A 178 -29.18 37.51 -6.03
N SER A 179 -27.98 37.86 -6.47
CA SER A 179 -27.75 38.83 -7.56
C SER A 179 -28.39 38.40 -8.87
N ARG A 180 -28.13 37.14 -9.25
CA ARG A 180 -28.65 36.59 -10.50
C ARG A 180 -30.15 36.29 -10.43
N GLU A 181 -30.65 35.97 -9.23
CA GLU A 181 -32.09 35.75 -9.00
C GLU A 181 -32.90 37.05 -9.10
N TYR A 182 -32.40 38.11 -8.46
CA TYR A 182 -32.99 39.45 -8.58
C TYR A 182 -32.85 39.99 -10.01
N SER A 183 -31.68 39.79 -10.62
CA SER A 183 -31.43 40.20 -12.02
C SER A 183 -32.28 39.44 -13.03
N PHE A 184 -32.62 38.19 -12.72
CA PHE A 184 -33.53 37.41 -13.56
C PHE A 184 -34.97 37.89 -13.45
N ALA A 185 -35.40 38.21 -12.22
CA ALA A 185 -36.75 38.75 -11.98
C ALA A 185 -37.03 40.02 -12.79
N LEU A 186 -36.01 40.86 -12.96
CA LEU A 186 -36.11 42.07 -13.79
C LEU A 186 -36.26 41.77 -15.27
N ILE A 187 -35.55 40.76 -15.76
CA ILE A 187 -35.61 40.35 -17.18
C ILE A 187 -36.92 39.63 -17.53
N ASP A 188 -37.49 38.88 -16.57
CA ASP A 188 -38.74 38.14 -16.78
C ASP A 188 -39.91 39.08 -17.09
N GLN A 189 -40.08 40.09 -16.24
CA GLN A 189 -41.18 41.05 -16.38
C GLN A 189 -41.04 42.04 -17.53
N ARG A 190 -39.82 42.23 -18.04
CA ARG A 190 -39.61 42.93 -19.31
C ARG A 190 -40.24 42.15 -20.48
N ARG A 191 -40.20 40.81 -20.46
CA ARG A 191 -40.82 39.99 -21.52
C ARG A 191 -42.35 39.99 -21.31
N ALA A 192 -42.82 39.80 -20.08
CA ALA A 192 -44.25 39.95 -19.75
C ALA A 192 -44.83 41.29 -20.25
N ALA A 193 -44.01 42.34 -20.23
CA ALA A 193 -44.31 43.59 -20.93
C ALA A 193 -44.18 43.42 -22.45
N GLY A 194 -43.06 42.84 -22.89
CA GLY A 194 -42.76 42.65 -24.32
C GLY A 194 -41.41 43.21 -24.73
N ALA A 195 -40.85 44.10 -23.89
CA ALA A 195 -39.56 44.75 -24.11
C ALA A 195 -38.34 43.81 -24.17
N ALA A 196 -38.39 42.70 -23.43
CA ALA A 196 -37.25 41.77 -23.34
C ALA A 196 -37.27 40.72 -24.43
N THR A 197 -36.09 40.48 -25.00
CA THR A 197 -35.84 39.37 -25.90
C THR A 197 -36.01 38.06 -25.13
N ALA A 198 -36.43 37.00 -25.83
CA ALA A 198 -36.58 35.66 -25.22
C ALA A 198 -35.22 34.98 -24.99
N LEU A 199 -34.29 35.17 -25.92
CA LEU A 199 -32.89 34.76 -25.77
C LEU A 199 -32.20 35.36 -24.54
N ASP A 200 -32.41 36.65 -24.31
CA ASP A 200 -31.92 37.34 -23.10
C ASP A 200 -32.43 36.66 -21.83
N TYR A 201 -33.73 36.35 -21.83
CA TYR A 201 -34.39 35.66 -20.71
C TYR A 201 -33.77 34.29 -20.41
N GLN A 202 -33.50 33.50 -21.45
CA GLN A 202 -32.88 32.18 -21.28
C GLN A 202 -31.43 32.30 -20.80
N GLU A 203 -30.66 33.20 -21.42
CA GLU A 203 -29.28 33.48 -21.00
C GLU A 203 -29.18 33.89 -19.53
N ALA A 204 -30.16 34.65 -19.05
CA ALA A 204 -30.23 34.99 -17.63
C ALA A 204 -30.63 33.80 -16.75
N LEU A 205 -31.49 32.92 -17.27
CA LEU A 205 -31.87 31.69 -16.56
C LEU A 205 -30.69 30.73 -16.40
N GLY A 206 -30.00 30.46 -17.51
CA GLY A 206 -28.77 29.65 -17.52
C GLY A 206 -27.71 30.13 -16.54
N LEU A 207 -27.64 31.45 -16.36
CA LEU A 207 -26.82 32.05 -15.31
C LEU A 207 -27.24 31.66 -13.89
N VAL A 208 -28.54 31.69 -13.62
CA VAL A 208 -29.07 31.36 -12.29
C VAL A 208 -28.84 29.90 -11.94
N GLU A 209 -29.05 29.01 -12.92
CA GLU A 209 -28.86 27.58 -12.70
C GLU A 209 -27.39 27.23 -12.47
N GLN A 210 -26.49 27.85 -13.23
CA GLN A 210 -25.04 27.71 -12.97
C GLN A 210 -24.73 27.94 -11.50
N ALA A 211 -25.24 29.03 -10.96
CA ALA A 211 -25.04 29.37 -9.55
C ALA A 211 -25.63 28.34 -8.59
N ARG A 212 -26.79 27.77 -8.93
CA ARG A 212 -27.42 26.74 -8.07
C ARG A 212 -26.58 25.48 -8.08
N ALA A 213 -26.14 25.08 -9.27
CA ALA A 213 -25.29 23.91 -9.45
C ALA A 213 -23.92 24.05 -8.78
N GLU A 214 -23.31 25.22 -8.89
CA GLU A 214 -22.04 25.48 -8.20
C GLU A 214 -22.23 25.51 -6.68
N GLN A 215 -23.38 25.98 -6.20
CA GLN A 215 -23.64 26.00 -4.75
C GLN A 215 -23.67 24.59 -4.19
N GLU A 216 -24.30 23.66 -4.94
CA GLU A 216 -24.35 22.25 -4.56
C GLU A 216 -22.96 21.67 -4.50
N ARG A 217 -22.16 21.94 -5.53
CA ARG A 217 -20.73 21.54 -5.55
C ARG A 217 -19.96 22.08 -4.35
N ASN A 218 -20.19 23.34 -3.99
CA ASN A 218 -19.52 23.95 -2.83
C ASN A 218 -20.02 23.42 -1.49
N LEU A 219 -21.31 23.11 -1.40
CA LEU A 219 -21.88 22.43 -0.20
C LEU A 219 -21.28 21.05 0.01
N ARG A 220 -21.04 20.34 -1.09
CA ARG A 220 -20.40 19.03 -1.05
C ARG A 220 -18.98 19.16 -0.51
N GLN A 221 -18.18 20.01 -1.16
CA GLN A 221 -16.78 20.26 -0.79
C GLN A 221 -16.63 20.65 0.67
N LYS A 222 -17.52 21.54 1.11
CA LYS A 222 -17.61 21.99 2.50
C LYS A 222 -17.79 20.84 3.47
N GLN A 223 -18.83 20.05 3.28
CA GLN A 223 -19.18 19.01 4.25
C GLN A 223 -18.20 17.82 4.21
N GLN A 224 -17.71 17.47 3.01
CA GLN A 224 -16.66 16.45 2.86
C GLN A 224 -15.37 16.86 3.58
N ALA A 225 -15.04 18.15 3.53
CA ALA A 225 -13.92 18.69 4.31
C ALA A 225 -14.20 18.65 5.81
N PHE A 226 -15.44 18.97 6.20
CA PHE A 226 -15.89 18.92 7.60
C PHE A 226 -15.83 17.50 8.16
N ASN A 227 -16.28 16.52 7.37
CA ASN A 227 -16.26 15.11 7.79
C ASN A 227 -14.83 14.59 7.97
N ALA A 228 -13.97 14.90 6.99
CA ALA A 228 -12.54 14.58 7.06
C ALA A 228 -11.88 15.14 8.31
N LEU A 229 -12.29 16.34 8.71
CA LEU A 229 -11.80 16.96 9.93
C LEU A 229 -12.30 16.18 11.14
N VAL A 230 -13.60 15.91 11.18
CA VAL A 230 -14.23 15.18 12.30
C VAL A 230 -13.51 13.85 12.54
N LEU A 231 -13.15 13.17 11.46
CA LEU A 231 -12.32 11.96 11.55
C LEU A 231 -11.00 12.27 12.23
N LEU A 232 -10.22 13.18 11.63
CA LEU A 232 -8.85 13.46 12.07
C LEU A 232 -8.75 13.91 13.54
N LEU A 233 -9.76 14.63 14.02
CA LEU A 233 -9.87 14.92 15.46
C LEU A 233 -10.05 13.62 16.24
N GLY A 234 -10.98 12.79 15.81
CA GLY A 234 -11.19 11.47 16.42
C GLY A 234 -11.88 11.45 17.78
N SER A 235 -12.43 12.60 18.19
CA SER A 235 -13.27 12.70 19.38
C SER A 235 -14.69 12.33 18.98
N ASP A 236 -15.47 11.86 19.95
CA ASP A 236 -16.93 11.71 19.75
C ASP A 236 -17.65 13.08 19.64
N ASP A 237 -17.05 14.12 20.23
CA ASP A 237 -17.56 15.50 20.15
C ASP A 237 -16.81 16.40 19.15
N ALA A 238 -16.07 15.81 18.21
CA ALA A 238 -15.27 16.58 17.24
C ALA A 238 -16.09 17.45 16.28
N ALA A 239 -17.36 17.08 16.07
CA ALA A 239 -18.29 17.91 15.30
C ALA A 239 -18.61 19.24 16.02
N GLN A 240 -18.69 19.19 17.35
CA GLN A 240 -18.94 20.38 18.17
C GLN A 240 -17.74 21.34 18.19
N ALA A 241 -16.54 20.77 18.20
CA ALA A 241 -15.30 21.55 18.38
C ALA A 241 -14.93 22.47 17.21
N ILE A 242 -15.40 22.17 16.00
CA ILE A 242 -15.05 22.96 14.82
C ILE A 242 -16.00 24.15 14.78
N PRO A 243 -15.49 25.36 14.47
CA PRO A 243 -16.41 26.50 14.39
C PRO A 243 -17.09 26.56 13.01
N ARG A 244 -18.41 26.71 13.04
CA ARG A 244 -19.20 26.83 11.80
C ARG A 244 -18.82 28.12 11.08
N SER A 245 -18.71 29.21 11.83
CA SER A 245 -18.15 30.48 11.35
C SER A 245 -16.64 30.52 11.65
N PRO A 246 -15.78 30.35 10.62
CA PRO A 246 -14.34 30.34 10.85
C PRO A 246 -13.74 31.74 10.85
N GLY A 247 -12.66 31.93 11.62
CA GLY A 247 -11.90 33.18 11.60
C GLY A 247 -11.18 33.33 10.28
N GLN A 248 -11.42 34.46 9.60
CA GLN A 248 -10.93 34.68 8.23
C GLN A 248 -9.49 35.19 8.15
N ARG A 249 -8.88 35.47 9.30
CA ARG A 249 -7.48 35.89 9.36
C ARG A 249 -6.57 34.71 8.98
N PRO A 250 -5.42 34.98 8.34
CA PRO A 250 -4.41 33.93 8.07
C PRO A 250 -4.02 33.13 9.32
N LYS A 251 -3.90 31.81 9.16
CA LYS A 251 -3.71 30.90 10.28
C LYS A 251 -2.27 30.50 10.57
N LEU A 252 -1.34 30.84 9.66
CA LEU A 252 0.04 30.36 9.73
C LEU A 252 1.05 31.43 9.31
N LEU A 253 2.30 31.22 9.70
CA LEU A 253 3.37 32.19 9.41
C LEU A 253 3.69 32.19 7.92
N GLN A 254 3.42 33.32 7.26
CA GLN A 254 3.59 33.51 5.81
C GLN A 254 4.98 33.17 5.25
N ASP A 255 6.03 33.21 6.09
CA ASP A 255 7.40 32.98 5.63
C ASP A 255 8.18 32.07 6.58
N ILE A 256 8.90 31.11 5.99
CA ILE A 256 9.79 30.21 6.73
C ILE A 256 11.09 30.07 5.94
N ALA A 257 12.23 30.15 6.63
CA ALA A 257 13.54 29.94 6.02
C ALA A 257 13.80 28.44 5.86
N PRO A 258 14.21 28.00 4.65
CA PRO A 258 14.39 26.56 4.39
C PRO A 258 15.59 25.94 5.14
N GLY A 259 16.70 26.66 5.21
CA GLY A 259 17.93 26.15 5.83
C GLY A 259 18.75 25.32 4.88
N THR A 260 19.84 24.77 5.40
CA THR A 260 20.73 23.87 4.64
C THR A 260 20.04 22.49 4.51
N PRO A 261 20.34 21.73 3.43
CA PRO A 261 19.90 20.33 3.38
C PRO A 261 20.55 19.43 4.46
N SER A 262 21.80 19.73 4.78
CA SER A 262 22.50 19.13 5.91
C SER A 262 21.77 19.23 7.25
N GLU A 263 21.11 20.35 7.51
CA GLU A 263 20.32 20.51 8.74
C GLU A 263 19.06 19.63 8.66
N LEU A 264 18.44 19.59 7.48
CA LEU A 264 17.27 18.73 7.22
C LEU A 264 17.52 17.27 7.54
N ILE A 265 18.70 16.78 7.14
CA ILE A 265 19.11 15.40 7.37
C ILE A 265 19.14 15.06 8.87
N GLU A 266 19.64 15.98 9.68
CA GLU A 266 19.66 15.79 11.14
C GLU A 266 18.32 16.15 11.82
N ARG A 267 17.45 16.89 11.12
CA ARG A 267 16.19 17.39 11.70
C ARG A 267 14.99 16.45 11.46
N ARG A 268 14.78 16.04 10.20
CA ARG A 268 13.55 15.31 9.81
C ARG A 268 13.43 13.88 10.37
N PRO A 269 12.32 13.56 11.08
CA PRO A 269 12.10 12.23 11.67
C PRO A 269 12.28 11.04 10.71
N ASP A 270 11.81 11.22 9.48
CA ASP A 270 11.94 10.21 8.40
C ASP A 270 13.38 9.72 8.21
N ILE A 271 14.30 10.68 8.27
CA ILE A 271 15.71 10.43 8.06
C ILE A 271 16.27 9.71 9.28
N LEU A 272 15.88 10.18 10.45
CA LEU A 272 16.34 9.62 11.71
C LEU A 272 15.81 8.19 11.91
N ALA A 273 14.55 7.95 11.54
CA ALA A 273 14.00 6.60 11.52
C ALA A 273 14.79 5.66 10.59
N ALA A 274 15.23 6.17 9.44
CA ALA A 274 15.97 5.40 8.44
C ALA A 274 17.42 5.10 8.81
N GLU A 275 18.10 6.05 9.44
CA GLU A 275 19.49 5.82 9.88
C GLU A 275 19.54 4.80 11.02
N HIS A 276 18.55 4.87 11.91
CA HIS A 276 18.48 3.97 13.06
C HIS A 276 18.22 2.53 12.59
N ARG A 277 17.42 2.37 11.53
CA ARG A 277 17.27 1.07 10.86
C ARG A 277 18.59 0.53 10.34
N LEU A 278 19.41 1.40 9.75
CA LEU A 278 20.75 1.01 9.27
C LEU A 278 21.68 0.61 10.41
N ARG A 279 21.54 1.27 11.56
CA ARG A 279 22.33 0.91 12.74
C ARG A 279 21.95 -0.47 13.24
N ALA A 280 20.65 -0.74 13.32
CA ALA A 280 20.14 -2.08 13.66
C ALA A 280 20.69 -3.16 12.71
N ARG A 281 20.67 -2.87 11.41
CA ARG A 281 21.22 -3.75 10.39
C ARG A 281 22.72 -3.94 10.51
N ASN A 282 23.42 -2.90 10.96
CA ASN A 282 24.85 -3.01 11.23
C ASN A 282 25.12 -3.93 12.42
N ALA A 283 24.34 -3.78 13.48
CA ALA A 283 24.42 -4.69 14.63
C ALA A 283 24.17 -6.12 14.18
N ASP A 284 23.16 -6.33 13.33
CA ASP A 284 22.87 -7.65 12.73
C ASP A 284 24.10 -8.29 12.08
N ILE A 285 24.91 -7.49 11.38
CA ILE A 285 26.17 -8.01 10.83
C ILE A 285 27.02 -8.58 11.97
N GLY A 286 27.18 -7.80 13.04
CA GLY A 286 27.89 -8.21 14.25
C GLY A 286 27.46 -9.53 14.88
N ALA A 287 26.18 -9.89 14.71
CA ALA A 287 25.68 -11.19 15.14
C ALA A 287 26.08 -12.32 14.16
N ALA A 288 26.03 -12.05 12.86
CA ALA A 288 26.44 -13.01 11.83
C ALA A 288 27.92 -13.38 11.95
N ARG A 289 28.74 -12.42 12.37
CA ARG A 289 30.17 -12.63 12.52
C ARG A 289 30.44 -13.50 13.75
N ALA A 290 29.71 -13.24 14.84
CA ALA A 290 29.88 -14.00 16.09
C ALA A 290 29.43 -15.47 16.00
N ALA A 291 28.58 -15.78 15.00
CA ALA A 291 28.21 -17.17 14.71
C ALA A 291 29.37 -18.00 14.18
N PHE A 292 30.21 -17.42 13.31
CA PHE A 292 31.46 -18.05 12.85
C PHE A 292 32.42 -18.43 13.99
N PHE A 293 32.46 -17.59 15.01
CA PHE A 293 33.31 -17.82 16.19
C PHE A 293 32.64 -18.80 17.16
N PRO A 294 33.42 -19.44 18.06
CA PRO A 294 32.85 -20.48 18.91
C PRO A 294 31.87 -19.98 19.97
N ARG A 295 30.74 -20.68 20.11
CA ARG A 295 29.75 -20.39 21.13
C ARG A 295 30.09 -21.19 22.38
N ILE A 296 30.05 -20.55 23.54
CA ILE A 296 30.21 -21.21 24.83
C ILE A 296 28.96 -21.00 25.64
N SER A 297 28.53 -22.03 26.36
CA SER A 297 27.29 -21.97 27.14
C SER A 297 27.36 -22.82 28.41
N LEU A 298 26.61 -22.39 29.44
CA LEU A 298 26.55 -23.09 30.72
C LEU A 298 25.12 -23.60 30.97
N THR A 299 25.02 -24.86 31.40
CA THR A 299 23.78 -25.43 31.92
C THR A 299 24.06 -25.84 33.36
N GLY A 300 23.05 -25.76 34.21
CA GLY A 300 23.20 -26.10 35.62
C GLY A 300 21.92 -26.57 36.29
N SER A 301 22.06 -27.50 37.24
CA SER A 301 20.96 -27.98 38.07
C SER A 301 21.48 -28.09 39.50
N PHE A 302 20.63 -27.75 40.47
CA PHE A 302 21.04 -27.78 41.89
C PHE A 302 19.81 -27.99 42.77
N GLY A 303 19.78 -29.11 43.48
CA GLY A 303 18.64 -29.42 44.35
C GLY A 303 18.79 -30.71 45.15
N THR A 304 17.76 -31.56 45.10
CA THR A 304 17.74 -32.82 45.86
C THR A 304 17.14 -33.97 45.05
N SER A 305 17.93 -35.04 44.87
CA SER A 305 17.52 -36.22 44.11
C SER A 305 17.23 -37.42 45.02
N SER A 306 16.28 -38.26 44.62
CA SER A 306 15.84 -39.43 45.40
C SER A 306 15.43 -40.59 44.49
N ALA A 307 15.33 -41.79 45.07
CA ALA A 307 14.88 -43.00 44.37
C ALA A 307 13.38 -43.28 44.53
N GLU A 308 12.80 -42.83 45.64
CA GLU A 308 11.36 -42.96 45.92
C GLU A 308 10.81 -41.57 46.25
N MET A 309 9.50 -41.40 46.20
CA MET A 309 8.83 -40.17 46.66
C MET A 309 9.04 -39.85 48.16
N SER A 310 9.27 -40.89 48.98
CA SER A 310 9.47 -40.74 50.42
C SER A 310 10.89 -40.28 50.81
N GLY A 311 11.87 -40.36 49.89
CA GLY A 311 13.27 -40.03 50.19
C GLY A 311 13.80 -38.68 49.77
N LEU A 312 12.93 -37.78 49.28
CA LEU A 312 13.35 -36.46 48.75
C LEU A 312 13.35 -35.33 49.79
N PHE A 313 12.54 -35.48 50.85
CA PHE A 313 12.48 -34.53 51.98
C PHE A 313 13.25 -35.16 53.17
N ASP A 314 14.51 -35.56 52.91
CA ASP A 314 15.36 -36.26 53.89
C ASP A 314 16.77 -35.64 53.95
N GLY A 315 17.54 -36.03 54.97
CA GLY A 315 18.87 -35.49 55.20
C GLY A 315 19.93 -36.09 54.31
N GLY A 316 20.85 -35.24 53.84
CA GLY A 316 21.92 -35.66 52.92
C GLY A 316 21.45 -36.12 51.55
N SER A 317 20.33 -35.58 51.08
CA SER A 317 19.79 -35.88 49.75
C SER A 317 20.27 -34.89 48.67
N ARG A 318 21.22 -34.02 49.02
CA ARG A 318 21.68 -32.93 48.14
C ARG A 318 22.31 -33.48 46.86
N SER A 319 22.07 -32.77 45.76
CA SER A 319 22.58 -33.16 44.44
C SER A 319 22.64 -31.95 43.51
N TRP A 320 23.64 -31.90 42.65
CA TRP A 320 23.81 -30.82 41.68
C TRP A 320 24.44 -31.36 40.41
N SER A 321 24.14 -30.69 39.29
CA SER A 321 24.78 -30.94 38.00
C SER A 321 25.25 -29.60 37.42
N PHE A 322 26.44 -29.58 36.84
CA PHE A 322 26.98 -28.37 36.19
C PHE A 322 27.69 -28.78 34.89
N LEU A 323 27.33 -28.12 33.79
CA LEU A 323 27.67 -28.57 32.44
C LEU A 323 28.05 -27.37 31.55
N PRO A 324 29.35 -27.03 31.50
CA PRO A 324 29.83 -26.04 30.53
C PRO A 324 30.22 -26.73 29.23
N THR A 325 29.82 -26.13 28.10
CA THR A 325 30.12 -26.69 26.78
C THR A 325 30.57 -25.57 25.83
N LEU A 326 31.68 -25.80 25.13
CA LEU A 326 32.13 -24.93 24.03
C LEU A 326 31.88 -25.66 22.73
N THR A 327 31.54 -24.93 21.68
CA THR A 327 31.38 -25.50 20.35
C THR A 327 31.71 -24.51 19.22
N LEU A 328 32.50 -24.99 18.26
CA LEU A 328 33.02 -24.20 17.16
C LEU A 328 32.56 -24.86 15.87
N PRO A 329 31.76 -24.17 15.05
CA PRO A 329 31.45 -24.76 13.73
C PRO A 329 32.69 -24.81 12.82
N ILE A 330 32.90 -25.96 12.18
CA ILE A 330 34.01 -26.19 11.25
C ILE A 330 33.45 -26.34 9.84
N PHE A 331 32.52 -27.28 9.68
CA PHE A 331 31.80 -27.49 8.41
C PHE A 331 30.30 -27.26 8.58
N ASP A 332 29.76 -26.40 7.73
CA ASP A 332 28.32 -26.19 7.59
C ASP A 332 28.04 -26.61 6.16
N GLY A 333 26.85 -26.30 5.66
CA GLY A 333 26.59 -26.42 4.24
C GLY A 333 26.91 -25.16 3.45
N GLY A 334 27.53 -24.17 4.10
CA GLY A 334 27.64 -22.81 3.57
C GLY A 334 26.55 -21.91 4.12
N ARG A 335 26.28 -22.04 5.43
CA ARG A 335 25.15 -21.42 6.10
C ARG A 335 25.55 -20.10 6.75
N ASN A 336 26.62 -20.12 7.54
CA ASN A 336 27.08 -18.93 8.23
C ASN A 336 27.52 -17.83 7.27
N ARG A 337 28.19 -18.21 6.16
CA ARG A 337 28.54 -17.24 5.12
C ARG A 337 27.30 -16.72 4.37
N ALA A 338 26.28 -17.56 4.25
CA ALA A 338 24.99 -17.14 3.74
C ALA A 338 24.31 -16.18 4.72
N ASN A 339 24.31 -16.51 6.02
CA ASN A 339 23.84 -15.60 7.07
C ASN A 339 24.55 -14.25 7.07
N LEU A 340 25.86 -14.27 6.82
CA LEU A 340 26.65 -13.06 6.65
C LEU A 340 26.24 -12.32 5.37
N SER A 341 26.15 -13.06 4.25
CA SER A 341 25.70 -12.48 2.98
C SER A 341 24.30 -11.89 3.04
N LEU A 342 23.43 -12.52 3.85
CA LEU A 342 22.06 -12.05 4.06
C LEU A 342 22.03 -10.78 4.90
N ALA A 343 22.79 -10.76 6.00
CA ALA A 343 22.88 -9.57 6.86
C ALA A 343 23.52 -8.38 6.16
N GLU A 344 24.47 -8.64 5.26
CA GLU A 344 25.13 -7.59 4.47
C GLU A 344 24.19 -7.01 3.42
N ALA A 345 23.46 -7.88 2.73
CA ALA A 345 22.47 -7.44 1.76
C ALA A 345 21.38 -6.60 2.45
N ARG A 346 20.93 -7.05 3.61
CA ARG A 346 19.97 -6.27 4.41
C ARG A 346 20.53 -4.91 4.80
N LYS A 347 21.81 -4.89 5.20
CA LYS A 347 22.49 -3.63 5.54
C LYS A 347 22.58 -2.71 4.32
N ASP A 348 23.06 -3.24 3.20
CA ASP A 348 23.15 -2.45 1.96
C ASP A 348 21.81 -1.82 1.57
N SER A 349 20.72 -2.55 1.81
CA SER A 349 19.37 -2.05 1.55
C SER A 349 19.02 -0.91 2.51
N ALA A 350 19.39 -1.07 3.78
CA ALA A 350 19.17 0.01 4.76
C ALA A 350 19.92 1.29 4.39
N VAL A 351 21.10 1.13 3.79
CA VAL A 351 21.90 2.26 3.28
C VAL A 351 21.18 2.92 2.10
N ALA A 352 20.80 2.10 1.12
CA ALA A 352 20.01 2.58 -0.02
C ALA A 352 18.69 3.23 0.42
N ALA A 353 18.03 2.63 1.40
CA ALA A 353 16.82 3.19 2.01
C ALA A 353 17.10 4.56 2.62
N TYR A 354 18.16 4.64 3.41
CA TYR A 354 18.60 5.89 4.02
C TYR A 354 18.90 6.95 2.95
N GLU A 355 19.69 6.57 1.94
CA GLU A 355 20.03 7.49 0.84
C GLU A 355 18.78 7.95 0.08
N GLY A 356 17.90 7.00 -0.23
CA GLY A 356 16.65 7.30 -0.92
C GLY A 356 15.68 8.15 -0.11
N THR A 357 15.65 7.93 1.21
CA THR A 357 14.84 8.74 2.12
C THR A 357 15.31 10.19 2.17
N ILE A 358 16.63 10.40 2.17
CA ILE A 358 17.22 11.73 2.06
C ILE A 358 16.79 12.37 0.73
N GLN A 359 17.12 11.73 -0.37
CA GLN A 359 16.80 12.24 -1.72
C GLN A 359 15.32 12.61 -1.89
N THR A 360 14.42 11.81 -1.31
CA THR A 360 12.98 12.10 -1.31
C THR A 360 12.69 13.41 -0.56
N ALA A 361 13.10 13.48 0.69
CA ALA A 361 12.93 14.71 1.50
C ALA A 361 13.50 15.96 0.80
N PHE A 362 14.58 15.78 0.04
CA PHE A 362 15.17 16.86 -0.78
C PHE A 362 14.21 17.33 -1.87
N ARG A 363 13.55 16.37 -2.53
CA ARG A 363 12.55 16.66 -3.54
C ARG A 363 11.25 17.25 -2.97
N GLU A 364 10.84 16.81 -1.78
CA GLU A 364 9.57 17.27 -1.18
C GLU A 364 9.60 18.73 -0.75
N VAL A 365 10.73 19.19 -0.22
CA VAL A 365 10.90 20.60 0.14
C VAL A 365 11.13 21.49 -1.09
N ALA A 366 11.93 21.00 -2.05
CA ALA A 366 12.16 21.71 -3.32
C ALA A 366 10.83 21.98 -4.04
N ASP A 367 9.94 20.98 -4.05
CA ASP A 367 8.55 21.12 -4.53
C ASP A 367 7.78 22.17 -3.74
N ALA A 368 7.87 22.12 -2.41
CA ALA A 368 7.18 23.09 -1.54
C ALA A 368 7.69 24.53 -1.71
N LEU A 369 8.99 24.67 -1.99
CA LEU A 369 9.58 25.98 -2.27
C LEU A 369 9.14 26.51 -3.64
N ALA A 370 9.31 25.67 -4.67
CA ALA A 370 8.84 25.99 -6.03
C ALA A 370 7.37 26.41 -6.03
N ALA A 371 6.55 25.68 -5.29
CA ALA A 371 5.13 25.99 -5.12
C ALA A 371 4.93 27.33 -4.42
N SER A 372 5.50 27.49 -3.23
CA SER A 372 5.35 28.72 -2.44
C SER A 372 5.79 29.98 -3.19
N ASP A 373 6.91 29.89 -3.91
CA ASP A 373 7.41 30.99 -4.75
C ASP A 373 6.42 31.36 -5.87
N THR A 374 5.92 30.33 -6.53
CA THR A 374 4.92 30.48 -7.59
C THR A 374 3.58 31.01 -7.07
N LEU A 375 3.12 30.44 -5.95
CA LEU A 375 1.78 30.74 -5.41
C LEU A 375 1.64 32.13 -4.78
N ARG A 376 2.72 32.65 -4.19
CA ARG A 376 2.72 34.06 -3.75
C ARG A 376 2.57 35.00 -4.95
N ARG A 377 3.22 34.64 -6.05
CA ARG A 377 3.29 35.43 -7.27
C ARG A 377 1.98 35.27 -8.09
N GLU A 378 1.37 34.09 -8.03
CA GLU A 378 0.05 33.84 -8.64
C GLU A 378 -1.08 34.55 -7.92
N GLU A 379 -1.10 34.51 -6.60
CA GLU A 379 -2.24 35.08 -5.86
C GLU A 379 -2.39 36.60 -6.05
N LYS A 380 -1.28 37.30 -6.37
CA LYS A 380 -1.36 38.71 -6.77
C LYS A 380 -2.07 38.87 -8.13
N ALA A 381 -1.76 37.98 -9.07
CA ALA A 381 -2.39 37.98 -10.40
C ALA A 381 -3.86 37.57 -10.34
N LEU A 382 -4.20 36.71 -9.39
CA LEU A 382 -5.58 36.28 -9.18
C LEU A 382 -6.45 37.37 -8.58
N ARG A 383 -5.93 38.14 -7.63
CA ARG A 383 -6.69 39.25 -7.03
C ARG A 383 -6.94 40.35 -8.05
N ALA A 384 -5.89 40.74 -8.76
CA ALA A 384 -5.95 41.83 -9.73
C ALA A 384 -6.82 41.49 -10.95
N LEU A 385 -6.82 40.22 -11.36
CA LEU A 385 -7.77 39.73 -12.36
C LEU A 385 -9.21 39.71 -11.84
N ALA A 386 -9.40 39.32 -10.58
CA ALA A 386 -10.73 39.34 -9.94
C ALA A 386 -11.29 40.75 -9.82
N ASN A 387 -10.41 41.72 -9.57
CA ASN A 387 -10.78 43.14 -9.58
C ASN A 387 -10.99 43.70 -11.01
N SER A 388 -10.14 43.28 -11.95
CA SER A 388 -10.31 43.64 -13.37
C SER A 388 -11.58 43.06 -13.98
N SER A 389 -11.93 41.84 -13.58
CA SER A 389 -13.16 41.20 -14.01
C SER A 389 -14.39 41.86 -13.38
N ASN A 390 -14.32 42.20 -12.09
CA ASN A 390 -15.44 42.83 -11.37
C ASN A 390 -15.73 44.27 -11.77
N GLU A 391 -14.70 44.98 -12.25
CA GLU A 391 -14.90 46.33 -12.81
C GLU A 391 -15.41 46.26 -14.26
N ALA A 392 -14.81 45.38 -15.06
CA ALA A 392 -15.29 45.11 -16.43
C ALA A 392 -16.75 44.60 -16.42
N LEU A 393 -17.14 43.88 -15.38
CA LEU A 393 -18.54 43.48 -15.16
C LEU A 393 -19.42 44.71 -15.00
N LYS A 394 -19.00 45.63 -14.14
CA LYS A 394 -19.79 46.83 -13.84
C LYS A 394 -19.88 47.81 -15.03
N LEU A 395 -18.81 47.91 -15.81
CA LEU A 395 -18.83 48.70 -17.05
C LEU A 395 -19.77 48.09 -18.09
N ALA A 396 -19.72 46.77 -18.24
CA ALA A 396 -20.52 46.04 -19.23
C ALA A 396 -22.02 45.99 -18.86
N LYS A 397 -22.30 45.84 -17.57
CA LYS A 397 -23.65 45.97 -17.01
C LYS A 397 -24.32 47.23 -17.53
N ALA A 398 -23.70 48.38 -17.24
CA ALA A 398 -24.23 49.69 -17.63
C ALA A 398 -24.34 49.88 -19.15
N ARG A 399 -23.45 49.23 -19.91
CA ARG A 399 -23.45 49.30 -21.37
C ARG A 399 -24.64 48.56 -21.99
N TYR A 400 -24.95 47.37 -21.46
CA TYR A 400 -26.19 46.65 -21.80
C TYR A 400 -27.41 47.42 -21.26
N GLU A 401 -27.39 47.74 -19.97
CA GLU A 401 -28.50 48.42 -19.29
C GLU A 401 -28.94 49.72 -19.98
N SER A 402 -27.97 50.48 -20.50
CA SER A 402 -28.26 51.65 -21.33
C SER A 402 -28.92 51.23 -22.64
N GLY A 403 -28.38 50.17 -23.25
CA GLY A 403 -28.85 49.65 -24.54
C GLY A 403 -27.89 49.90 -25.69
N VAL A 404 -26.60 50.09 -25.37
CA VAL A 404 -25.57 50.30 -26.38
C VAL A 404 -25.17 48.96 -27.02
N ASP A 405 -24.95 47.94 -26.19
CA ASP A 405 -24.50 46.60 -26.63
C ASP A 405 -25.45 45.48 -26.25
N ASN A 406 -25.36 44.38 -26.99
CA ASN A 406 -26.20 43.19 -26.75
C ASN A 406 -25.97 42.58 -25.37
N HIS A 407 -26.85 41.65 -24.99
CA HIS A 407 -26.76 40.98 -23.69
C HIS A 407 -25.53 40.09 -23.54
N LEU A 408 -24.99 39.60 -24.65
CA LEU A 408 -23.83 38.67 -24.63
C LEU A 408 -22.65 39.18 -23.82
N ARG A 409 -22.25 40.42 -24.06
CA ARG A 409 -21.10 41.01 -23.35
C ARG A 409 -21.28 41.04 -21.84
N TYR A 410 -22.48 41.41 -21.41
CA TYR A 410 -22.82 41.42 -19.99
C TYR A 410 -22.83 39.99 -19.44
N LEU A 411 -23.48 39.08 -20.15
CA LEU A 411 -23.51 37.63 -19.84
C LEU A 411 -22.12 37.02 -19.66
N ASP A 412 -21.27 37.23 -20.66
CA ASP A 412 -19.90 36.75 -20.67
C ASP A 412 -19.08 37.34 -19.51
N ALA A 413 -19.35 38.60 -19.18
CA ALA A 413 -18.72 39.26 -18.04
C ALA A 413 -19.16 38.68 -16.69
N GLN A 414 -20.43 38.25 -16.58
CA GLN A 414 -20.95 37.61 -15.36
C GLN A 414 -20.29 36.26 -15.09
N ARG A 415 -20.10 35.48 -16.17
CA ARG A 415 -19.34 34.24 -16.10
C ARG A 415 -17.92 34.54 -15.64
N SER A 416 -17.23 35.41 -16.37
CA SER A 416 -15.82 35.76 -16.09
C SER A 416 -15.61 36.29 -14.67
N SER A 417 -16.51 37.15 -14.21
CA SER A 417 -16.45 37.65 -12.83
C SER A 417 -16.45 36.50 -11.83
N PHE A 418 -17.42 35.60 -12.00
CA PHE A 418 -17.64 34.48 -11.08
C PHE A 418 -16.48 33.48 -11.11
N LEU A 419 -16.03 33.11 -12.30
CA LEU A 419 -14.90 32.19 -12.50
C LEU A 419 -13.66 32.74 -11.80
N ASN A 420 -13.30 33.97 -12.14
CA ASN A 420 -12.08 34.63 -11.63
C ASN A 420 -12.09 34.82 -10.10
N GLU A 421 -13.26 35.10 -9.54
CA GLU A 421 -13.41 35.29 -8.10
C GLU A 421 -13.31 33.97 -7.32
N ILE A 422 -13.83 32.88 -7.91
CA ILE A 422 -13.68 31.54 -7.32
C ILE A 422 -12.25 31.05 -7.48
N ALA A 423 -11.72 31.15 -8.69
CA ALA A 423 -10.32 30.79 -8.98
C ALA A 423 -9.29 31.52 -8.09
N PHE A 424 -9.64 32.72 -7.62
CA PHE A 424 -8.86 33.43 -6.59
C PHE A 424 -8.96 32.72 -5.23
N ILE A 425 -10.18 32.40 -4.79
CA ILE A 425 -10.39 31.71 -3.50
C ILE A 425 -9.62 30.39 -3.51
N ASP A 426 -9.64 29.71 -4.65
CA ASP A 426 -8.87 28.51 -4.90
C ASP A 426 -7.37 28.75 -4.66
N GLY A 427 -6.75 29.58 -5.51
CA GLY A 427 -5.31 29.86 -5.43
C GLY A 427 -4.81 30.51 -4.14
N SER A 428 -5.69 31.13 -3.37
CA SER A 428 -5.38 31.61 -2.02
C SER A 428 -5.25 30.46 -1.04
N THR A 429 -6.17 29.50 -1.15
CA THR A 429 -6.12 28.30 -0.31
C THR A 429 -4.97 27.36 -0.72
N GLN A 430 -4.69 27.28 -2.03
CA GLN A 430 -3.51 26.55 -2.55
C GLN A 430 -2.17 27.14 -2.09
N ARG A 431 -2.15 28.44 -1.79
CA ARG A 431 -0.95 29.09 -1.24
C ARG A 431 -0.73 28.69 0.22
N GLN A 432 -1.79 28.74 1.02
CA GLN A 432 -1.69 28.39 2.45
C GLN A 432 -1.45 26.92 2.74
N ILE A 433 -2.05 26.03 1.94
CA ILE A 433 -1.78 24.59 2.05
C ILE A 433 -0.35 24.23 1.65
N ALA A 434 0.16 24.84 0.58
CA ALA A 434 1.56 24.61 0.14
C ALA A 434 2.57 25.17 1.14
N LEU A 435 2.12 26.12 1.95
CA LEU A 435 2.90 26.62 3.07
C LEU A 435 3.04 25.58 4.19
N VAL A 436 1.96 24.87 4.49
CA VAL A 436 2.02 23.84 5.55
C VAL A 436 2.75 22.61 5.03
N ASP A 437 2.60 22.33 3.74
CA ASP A 437 3.39 21.28 3.06
C ASP A 437 4.89 21.52 3.21
N LEU A 438 5.31 22.79 3.21
CA LEU A 438 6.70 23.15 3.50
C LEU A 438 7.09 22.88 4.94
N PHE A 439 6.22 23.25 5.90
CA PHE A 439 6.45 22.97 7.32
C PHE A 439 6.56 21.47 7.64
N ARG A 440 5.73 20.66 6.96
CA ARG A 440 5.83 19.20 7.04
C ARG A 440 7.15 18.72 6.44
N ALA A 441 7.42 19.12 5.20
CA ALA A 441 8.59 18.62 4.44
C ALA A 441 9.94 18.94 5.08
N LEU A 442 10.01 20.03 5.85
CA LEU A 442 11.21 20.37 6.62
C LEU A 442 11.24 19.56 7.92
N GLY A 443 10.15 19.66 8.69
CA GLY A 443 10.01 18.94 9.96
C GLY A 443 10.39 19.81 11.16
N CYS B 1 13.34 -39.09 -4.86
CA CYS B 1 11.93 -39.31 -4.39
C CYS B 1 11.33 -38.00 -3.83
N SER B 2 11.18 -37.00 -4.71
CA SER B 2 10.56 -35.71 -4.38
C SER B 2 9.05 -35.80 -4.48
N MET B 3 8.36 -35.56 -3.36
CA MET B 3 6.90 -35.74 -3.30
C MET B 3 6.09 -34.50 -3.73
N ALA B 4 6.77 -33.47 -4.24
CA ALA B 4 6.09 -32.32 -4.82
C ALA B 4 5.32 -32.75 -6.09
N PRO B 5 4.07 -32.26 -6.27
CA PRO B 5 3.33 -32.54 -7.49
C PRO B 5 4.05 -32.08 -8.75
N THR B 6 3.78 -32.74 -9.87
CA THR B 6 4.38 -32.36 -11.15
C THR B 6 3.75 -31.05 -11.54
N TYR B 7 4.57 -30.02 -11.74
CA TYR B 7 4.07 -28.67 -12.03
C TYR B 7 3.64 -28.54 -13.48
N GLU B 8 2.36 -28.24 -13.71
CA GLU B 8 1.90 -27.78 -15.02
C GLU B 8 1.49 -26.30 -14.91
N ARG B 9 1.94 -25.51 -15.90
CA ARG B 9 1.61 -24.09 -15.97
C ARG B 9 0.10 -23.89 -16.11
N PRO B 10 -0.51 -23.05 -15.24
CA PRO B 10 -1.92 -22.75 -15.41
C PRO B 10 -2.21 -22.12 -16.76
N ALA B 11 -3.32 -22.51 -17.38
CA ALA B 11 -3.73 -21.94 -18.66
C ALA B 11 -4.12 -20.48 -18.49
N ALA B 12 -3.80 -19.68 -19.50
CA ALA B 12 -3.99 -18.24 -19.46
C ALA B 12 -5.47 -17.91 -19.52
N PRO B 13 -5.99 -17.11 -18.56
CA PRO B 13 -7.39 -16.69 -18.61
C PRO B 13 -7.54 -15.28 -19.24
N VAL B 14 -7.11 -15.17 -20.49
CA VAL B 14 -7.25 -13.96 -21.28
C VAL B 14 -7.58 -14.33 -22.72
N ALA B 15 -7.96 -13.34 -23.51
CA ALA B 15 -8.30 -13.56 -24.92
C ALA B 15 -7.10 -14.08 -25.71
N ASP B 16 -7.38 -14.89 -26.72
CA ASP B 16 -6.34 -15.46 -27.58
C ASP B 16 -5.61 -14.38 -28.41
N SER B 17 -6.20 -13.19 -28.52
CA SER B 17 -5.53 -12.03 -29.11
C SER B 17 -6.01 -10.69 -28.50
N TRP B 18 -5.45 -9.59 -29.01
CA TRP B 18 -5.83 -8.22 -28.62
C TRP B 18 -6.91 -7.65 -29.56
N SER B 19 -7.77 -6.78 -29.02
CA SER B 19 -8.88 -6.20 -29.78
C SER B 19 -8.53 -4.84 -30.41
N GLY B 20 -8.91 -4.64 -31.68
CA GLY B 20 -8.65 -3.37 -32.38
C GLY B 20 -7.21 -3.24 -32.84
N ALA B 21 -6.85 -2.06 -33.33
CA ALA B 21 -5.47 -1.76 -33.78
C ALA B 21 -4.63 -1.10 -32.65
N ILE B 30 8.08 -4.57 -34.11
CA ILE B 30 8.32 -5.87 -33.46
C ILE B 30 8.69 -5.65 -31.98
N ASP B 31 8.27 -6.58 -31.11
CA ASP B 31 8.44 -6.44 -29.66
C ASP B 31 9.65 -7.21 -29.07
N THR B 32 10.62 -7.56 -29.92
CA THR B 32 11.90 -8.14 -29.49
C THR B 32 12.97 -7.06 -29.31
N LEU B 33 12.62 -5.81 -29.63
CA LEU B 33 13.54 -4.67 -29.57
C LEU B 33 14.00 -4.29 -28.15
N ASP B 34 15.22 -3.74 -28.08
CA ASP B 34 15.84 -3.29 -26.83
C ASP B 34 15.24 -1.95 -26.44
N TRP B 35 15.35 -1.55 -25.16
CA TRP B 35 14.87 -0.22 -24.73
C TRP B 35 15.69 0.92 -25.37
N LYS B 36 16.99 0.69 -25.56
CA LYS B 36 17.85 1.64 -26.31
C LYS B 36 17.43 1.75 -27.77
N SER B 37 16.97 0.65 -28.35
CA SER B 37 16.39 0.65 -29.69
C SER B 37 15.05 1.40 -29.75
N PHE B 38 14.22 1.24 -28.73
CA PHE B 38 12.96 1.97 -28.59
C PHE B 38 13.15 3.48 -28.41
N ILE B 39 14.11 3.86 -27.57
CA ILE B 39 14.38 5.27 -27.28
C ILE B 39 15.42 5.83 -28.25
N VAL B 40 14.94 6.54 -29.28
CA VAL B 40 15.82 7.20 -30.25
C VAL B 40 16.58 8.40 -29.67
N ASP B 41 16.02 9.07 -28.66
CA ASP B 41 16.61 10.30 -28.07
C ASP B 41 17.84 9.97 -27.22
N ALA B 42 19.01 10.41 -27.69
CA ALA B 42 20.29 10.12 -27.02
C ALA B 42 20.42 10.76 -25.65
N GLU B 43 19.82 11.94 -25.47
CA GLU B 43 19.76 12.59 -24.15
C GLU B 43 18.96 11.76 -23.15
N LEU B 44 17.80 11.27 -23.57
CA LEU B 44 16.94 10.45 -22.72
C LEU B 44 17.60 9.14 -22.30
N ARG B 45 18.35 8.51 -23.21
CA ARG B 45 19.14 7.30 -22.90
C ARG B 45 20.20 7.54 -21.82
N ARG B 46 20.87 8.70 -21.90
CA ARG B 46 21.85 9.11 -20.89
C ARG B 46 21.19 9.26 -19.51
N LEU B 47 20.03 9.92 -19.49
CA LEU B 47 19.26 10.08 -18.25
C LEU B 47 18.77 8.74 -17.70
N VAL B 48 18.27 7.86 -18.57
CA VAL B 48 17.76 6.56 -18.10
C VAL B 48 18.91 5.66 -17.61
N ASP B 49 20.06 5.68 -18.29
CA ASP B 49 21.27 4.95 -17.84
C ASP B 49 21.73 5.41 -16.44
N MET B 50 21.75 6.72 -16.24
CA MET B 50 22.09 7.33 -14.95
C MET B 50 21.09 6.94 -13.86
N ALA B 51 19.81 6.87 -14.22
CA ALA B 51 18.77 6.39 -13.30
C ALA B 51 18.98 4.92 -12.96
N LEU B 52 19.21 4.11 -14.01
CA LEU B 52 19.50 2.67 -13.85
C LEU B 52 20.66 2.41 -12.89
N ASP B 53 21.73 3.21 -13.03
CA ASP B 53 22.93 3.06 -12.21
C ASP B 53 22.82 3.65 -10.81
N ASN B 54 21.99 4.68 -10.62
CA ASN B 54 21.96 5.39 -9.33
C ASN B 54 20.66 5.41 -8.53
N ASN B 55 19.51 5.08 -9.12
CA ASN B 55 18.26 5.09 -8.33
C ASN B 55 18.36 4.18 -7.11
N ARG B 56 17.70 4.60 -6.03
CA ARG B 56 17.69 3.85 -4.77
C ARG B 56 16.58 2.79 -4.68
N SER B 57 15.38 3.06 -5.22
CA SER B 57 14.31 2.04 -5.23
C SER B 57 14.71 0.79 -6.00
N LEU B 58 15.39 0.98 -7.13
CA LEU B 58 15.91 -0.14 -7.93
C LEU B 58 17.05 -0.83 -7.19
N ARG B 59 17.91 -0.04 -6.57
CA ARG B 59 19.02 -0.56 -5.77
C ARG B 59 18.51 -1.49 -4.67
N GLN B 60 17.45 -1.07 -3.99
CA GLN B 60 16.85 -1.87 -2.92
C GLN B 60 16.24 -3.18 -3.42
N THR B 61 15.62 -3.16 -4.61
CA THR B 61 15.06 -4.38 -5.21
C THR B 61 16.15 -5.33 -5.71
N LEU B 62 17.23 -4.80 -6.25
CA LEU B 62 18.38 -5.62 -6.63
C LEU B 62 19.03 -6.27 -5.40
N LEU B 63 19.05 -5.54 -4.28
CA LEU B 63 19.67 -6.03 -3.05
C LEU B 63 18.85 -7.08 -2.31
N ASP B 64 17.54 -7.14 -2.52
CA ASP B 64 16.76 -8.27 -1.98
C ASP B 64 16.71 -9.48 -2.94
N ILE B 65 17.35 -9.37 -4.11
CA ILE B 65 17.77 -10.57 -4.86
C ILE B 65 18.87 -11.21 -4.04
N GLU B 66 19.85 -10.39 -3.65
CA GLU B 66 21.00 -10.82 -2.86
C GLU B 66 20.57 -11.52 -1.57
N ALA B 67 19.55 -10.98 -0.92
CA ALA B 67 18.92 -11.59 0.23
C ALA B 67 18.33 -12.95 -0.13
N ALA B 68 17.50 -12.97 -1.18
CA ALA B 68 16.84 -14.19 -1.64
C ALA B 68 17.79 -15.32 -2.05
N ARG B 69 18.95 -14.99 -2.62
CA ARG B 69 19.98 -15.97 -2.92
C ARG B 69 20.53 -16.60 -1.64
N ALA B 70 20.84 -15.75 -0.67
CA ALA B 70 21.35 -16.21 0.62
C ALA B 70 20.36 -17.14 1.31
N GLN B 71 19.08 -16.78 1.27
CA GLN B 71 18.03 -17.62 1.88
C GLN B 71 17.93 -19.00 1.22
N TYR B 72 18.16 -19.06 -0.09
CA TYR B 72 18.27 -20.33 -0.83
C TYR B 72 19.46 -21.12 -0.32
N ARG B 73 20.60 -20.45 -0.17
CA ARG B 73 21.82 -21.10 0.29
C ARG B 73 21.73 -21.62 1.73
N ILE B 74 20.90 -20.99 2.57
CA ILE B 74 20.69 -21.47 3.93
C ILE B 74 19.86 -22.76 3.96
N GLN B 75 18.88 -22.87 3.06
CA GLN B 75 18.12 -24.13 2.90
C GLN B 75 18.96 -25.22 2.21
N ARG B 76 19.77 -24.83 1.22
CA ARG B 76 20.66 -25.77 0.52
C ARG B 76 21.74 -26.30 1.45
N ALA B 77 22.13 -25.49 2.44
CA ALA B 77 23.05 -25.92 3.50
C ALA B 77 22.47 -27.00 4.42
N ASP B 78 21.14 -27.00 4.57
CA ASP B 78 20.44 -28.02 5.35
C ASP B 78 20.53 -29.43 4.73
N ARG B 79 20.75 -29.51 3.42
CA ARG B 79 20.80 -30.79 2.70
C ARG B 79 22.00 -31.68 2.98
N VAL B 80 23.14 -31.07 3.35
CA VAL B 80 24.44 -31.76 3.42
C VAL B 80 24.87 -31.85 4.90
N PRO B 81 25.58 -32.96 5.28
CA PRO B 81 26.02 -33.08 6.69
C PRO B 81 27.04 -32.02 7.10
N GLY B 82 26.98 -31.61 8.37
CA GLY B 82 27.89 -30.60 8.93
C GLY B 82 28.73 -31.20 10.03
N LEU B 83 29.77 -30.48 10.45
CA LEU B 83 30.74 -31.00 11.42
C LEU B 83 31.22 -29.87 12.31
N ASN B 84 30.98 -29.98 13.62
CA ASN B 84 31.47 -29.02 14.60
C ASN B 84 32.64 -29.59 15.40
N ALA B 85 33.61 -28.74 15.73
CA ALA B 85 34.61 -29.07 16.74
C ALA B 85 33.95 -28.71 18.07
N ALA B 86 34.13 -29.55 19.08
CA ALA B 86 33.44 -29.38 20.36
C ALA B 86 34.31 -29.75 21.55
N ALA B 87 33.95 -29.21 22.70
CA ALA B 87 34.62 -29.50 23.97
C ALA B 87 33.62 -29.31 25.09
N THR B 88 33.23 -30.41 25.74
CA THR B 88 32.16 -30.40 26.73
C THR B 88 32.67 -30.98 28.04
N GLY B 89 32.41 -30.28 29.14
CA GLY B 89 32.65 -30.79 30.49
C GLY B 89 31.32 -31.05 31.18
N ASN B 90 31.25 -32.12 31.96
CA ASN B 90 30.11 -32.39 32.85
C ASN B 90 30.62 -32.79 34.22
N ARG B 91 30.13 -32.11 35.26
CA ARG B 91 30.33 -32.51 36.65
C ARG B 91 28.96 -32.68 37.30
N GLN B 92 28.85 -33.63 38.23
CA GLN B 92 27.59 -33.87 38.93
C GLN B 92 27.79 -34.59 40.26
N ARG B 93 27.05 -34.16 41.30
CA ARG B 93 26.91 -34.93 42.53
C ARG B 93 25.68 -35.83 42.42
N GLN B 94 25.91 -37.14 42.38
CA GLN B 94 24.85 -38.14 42.44
C GLN B 94 24.77 -38.65 43.88
N PRO B 95 23.56 -38.65 44.49
CA PRO B 95 23.43 -39.25 45.82
C PRO B 95 23.52 -40.79 45.79
N ALA B 96 23.66 -41.38 46.97
CA ALA B 96 24.00 -42.82 47.14
C ALA B 96 22.96 -43.80 46.57
N ASP B 97 21.68 -43.50 46.77
CA ASP B 97 20.56 -44.35 46.32
C ASP B 97 20.41 -44.48 44.79
N LEU B 98 20.81 -43.45 44.06
CA LEU B 98 20.89 -43.50 42.59
C LEU B 98 22.28 -43.91 42.09
N SER B 99 23.33 -43.56 42.83
CA SER B 99 24.72 -43.89 42.46
C SER B 99 25.04 -45.38 42.62
N ALA B 100 25.99 -45.86 41.82
CA ALA B 100 26.45 -47.26 41.87
C ALA B 100 27.31 -47.54 43.10
N GLY B 101 28.03 -46.53 43.58
CA GLY B 101 28.95 -46.69 44.71
C GLY B 101 28.34 -46.92 46.10
N ASN B 102 27.04 -46.65 46.25
CA ASN B 102 26.33 -46.73 47.55
C ASN B 102 26.72 -45.61 48.57
N ARG B 103 27.50 -44.62 48.11
CA ARG B 103 27.87 -43.45 48.89
C ARG B 103 27.77 -42.23 47.95
N SER B 104 27.59 -41.03 48.52
CA SER B 104 27.40 -39.82 47.72
C SER B 104 28.62 -39.55 46.82
N GLU B 105 28.45 -39.77 45.51
CA GLU B 105 29.55 -39.71 44.54
C GLU B 105 29.53 -38.40 43.73
N VAL B 106 30.70 -37.79 43.60
CA VAL B 106 30.93 -36.64 42.69
C VAL B 106 31.72 -37.14 41.47
N ALA B 107 31.11 -37.07 40.29
CA ALA B 107 31.71 -37.59 39.06
C ALA B 107 31.87 -36.48 38.05
N SER B 108 33.06 -36.38 37.46
CA SER B 108 33.34 -35.42 36.39
C SER B 108 33.58 -36.18 35.09
N SER B 109 33.35 -35.49 33.97
CA SER B 109 33.43 -36.10 32.65
C SER B 109 33.73 -35.05 31.58
N TYR B 110 35.01 -34.79 31.36
CA TYR B 110 35.45 -33.81 30.36
C TYR B 110 35.75 -34.53 29.06
N GLN B 111 35.18 -34.03 27.95
CA GLN B 111 35.39 -34.60 26.63
C GLN B 111 35.61 -33.53 25.56
N VAL B 112 36.41 -33.87 24.56
CA VAL B 112 36.87 -32.93 23.54
C VAL B 112 37.03 -33.66 22.20
N GLY B 113 36.56 -33.05 21.12
CA GLY B 113 36.69 -33.62 19.79
C GLY B 113 35.67 -33.13 18.77
N LEU B 114 35.65 -33.79 17.62
CA LEU B 114 34.74 -33.46 16.53
C LEU B 114 33.33 -34.00 16.80
N ALA B 115 32.32 -33.32 16.27
CA ALA B 115 30.92 -33.69 16.47
C ALA B 115 30.03 -33.34 15.27
N LEU B 116 28.93 -34.08 15.15
CA LEU B 116 28.02 -34.02 14.02
C LEU B 116 26.65 -33.61 14.54
N PRO B 117 26.16 -32.41 14.16
CA PRO B 117 24.83 -31.98 14.60
C PRO B 117 23.72 -32.69 13.82
N GLU B 118 22.56 -32.81 14.46
CA GLU B 118 21.44 -33.63 13.95
C GLU B 118 21.20 -33.47 12.43
N TYR B 119 21.50 -34.53 11.69
CA TYR B 119 21.43 -34.53 10.23
C TYR B 119 20.27 -35.37 9.73
N GLU B 120 19.45 -34.78 8.86
CA GLU B 120 18.25 -35.40 8.30
C GLU B 120 18.54 -36.05 6.95
N LEU B 121 18.41 -37.37 6.87
CA LEU B 121 18.61 -38.10 5.63
C LEU B 121 17.36 -37.96 4.76
N ASP B 122 17.55 -37.44 3.54
CA ASP B 122 16.44 -36.96 2.72
C ASP B 122 15.93 -38.03 1.74
N LEU B 123 15.48 -39.16 2.30
CA LEU B 123 14.89 -40.25 1.51
C LEU B 123 13.61 -39.83 0.83
N PHE B 124 12.79 -39.06 1.55
CA PHE B 124 11.44 -38.70 1.12
C PHE B 124 11.36 -37.31 0.43
N GLY B 125 12.52 -36.68 0.23
CA GLY B 125 12.62 -35.45 -0.55
C GLY B 125 12.03 -34.21 0.11
N ARG B 126 12.01 -34.20 1.44
CA ARG B 126 11.45 -33.08 2.20
C ARG B 126 12.33 -31.85 2.06
N VAL B 127 13.61 -32.02 2.36
CA VAL B 127 14.56 -30.92 2.37
C VAL B 127 14.87 -30.45 0.96
N LYS B 128 14.89 -31.36 -0.03
CA LYS B 128 15.03 -30.93 -1.42
C LYS B 128 13.85 -30.03 -1.85
N SER B 129 12.64 -30.39 -1.44
CA SER B 129 11.46 -29.56 -1.70
C SER B 129 11.64 -28.14 -1.17
N LEU B 130 11.99 -28.03 0.12
CA LEU B 130 12.24 -26.73 0.74
C LEU B 130 13.33 -25.93 0.05
N THR B 131 14.36 -26.64 -0.41
CA THR B 131 15.45 -26.03 -1.17
C THR B 131 14.97 -25.56 -2.55
N ASP B 132 14.16 -26.38 -3.23
CA ASP B 132 13.56 -25.97 -4.50
C ASP B 132 12.63 -24.77 -4.32
N ALA B 133 11.87 -24.77 -3.22
CA ALA B 133 11.00 -23.64 -2.86
C ALA B 133 11.78 -22.35 -2.72
N ALA B 134 12.89 -22.42 -1.99
CA ALA B 134 13.75 -21.24 -1.76
C ALA B 134 14.48 -20.79 -3.03
N LEU B 135 14.88 -21.75 -3.88
CA LEU B 135 15.44 -21.44 -5.20
C LEU B 135 14.43 -20.66 -6.03
N GLN B 136 13.20 -21.15 -6.09
CA GLN B 136 12.14 -20.49 -6.87
C GLN B 136 11.86 -19.07 -6.39
N GLN B 137 11.80 -18.85 -5.07
CA GLN B 137 11.65 -17.50 -4.52
C GLN B 137 12.77 -16.56 -4.96
N TYR B 138 13.99 -17.10 -5.05
CA TYR B 138 15.15 -16.36 -5.55
C TYR B 138 15.03 -16.00 -7.04
N LEU B 139 14.59 -16.96 -7.84
CA LEU B 139 14.28 -16.71 -9.26
C LEU B 139 13.13 -15.73 -9.46
N ALA B 140 12.17 -15.73 -8.53
CA ALA B 140 11.08 -14.76 -8.53
C ALA B 140 11.61 -13.35 -8.32
N SER B 141 12.46 -13.20 -7.30
CA SER B 141 13.12 -11.93 -7.02
C SER B 141 13.94 -11.43 -8.20
N GLU B 142 14.64 -12.34 -8.87
CA GLU B 142 15.35 -12.00 -10.12
C GLU B 142 14.43 -11.36 -11.16
N GLU B 143 13.25 -11.95 -11.36
CA GLU B 143 12.25 -11.39 -12.28
C GLU B 143 11.63 -10.10 -11.72
N ALA B 144 11.41 -10.05 -10.40
CA ALA B 144 10.91 -8.84 -9.75
C ALA B 144 11.85 -7.68 -9.95
N ALA B 145 13.14 -7.95 -10.05
CA ALA B 145 14.15 -6.94 -10.36
C ALA B 145 14.10 -6.52 -11.81
N ARG B 146 13.94 -7.49 -12.72
CA ARG B 146 13.76 -7.19 -14.14
C ARG B 146 12.52 -6.30 -14.35
N ALA B 147 11.47 -6.51 -13.55
CA ALA B 147 10.28 -5.64 -13.56
C ALA B 147 10.61 -4.21 -13.09
N ALA B 148 11.14 -4.10 -11.88
CA ALA B 148 11.57 -2.82 -11.30
C ALA B 148 12.44 -2.01 -12.25
N ARG B 149 13.32 -2.71 -12.97
CA ARG B 149 14.14 -2.12 -14.02
C ARG B 149 13.26 -1.48 -15.11
N ILE B 150 12.32 -2.25 -15.66
CA ILE B 150 11.43 -1.74 -16.72
C ILE B 150 10.58 -0.59 -16.21
N ALA B 151 10.03 -0.76 -15.02
CA ALA B 151 9.22 0.29 -14.37
C ALA B 151 9.93 1.64 -14.36
N LEU B 152 11.19 1.63 -13.95
CA LEU B 152 12.01 2.84 -13.90
C LEU B 152 12.35 3.42 -15.27
N VAL B 153 12.58 2.57 -16.28
CA VAL B 153 12.82 3.06 -17.64
C VAL B 153 11.60 3.86 -18.12
N ALA B 154 10.40 3.34 -17.85
CA ALA B 154 9.16 4.03 -18.16
C ALA B 154 9.02 5.31 -17.33
N GLU B 155 9.20 5.22 -16.01
CA GLU B 155 9.02 6.37 -15.12
C GLU B 155 9.91 7.55 -15.49
N VAL B 156 11.12 7.26 -15.95
CA VAL B 156 12.07 8.31 -16.41
C VAL B 156 11.58 8.95 -17.71
N SER B 157 11.18 8.13 -18.68
CA SER B 157 10.63 8.64 -19.95
C SER B 157 9.36 9.49 -19.73
N GLN B 158 8.44 9.00 -18.90
CA GLN B 158 7.21 9.73 -18.55
C GLN B 158 7.50 11.04 -17.85
N ALA B 159 8.44 11.00 -16.89
CA ALA B 159 8.84 12.21 -16.16
C ALA B 159 9.55 13.24 -17.06
N TYR B 160 10.38 12.76 -17.99
CA TYR B 160 11.12 13.63 -18.91
C TYR B 160 10.23 14.26 -19.96
N LEU B 161 9.28 13.49 -20.48
CA LEU B 161 8.29 14.05 -21.41
C LEU B 161 7.37 15.05 -20.70
N SER B 162 6.85 14.68 -19.53
CA SER B 162 6.04 15.60 -18.70
C SER B 162 6.76 16.94 -18.43
N TYR B 163 8.05 16.84 -18.16
CA TYR B 163 8.92 18.02 -18.00
C TYR B 163 9.09 18.77 -19.32
N ASP B 164 9.39 18.04 -20.40
CA ASP B 164 9.47 18.61 -21.75
C ASP B 164 8.18 19.35 -22.15
N GLY B 165 7.03 18.77 -21.80
CA GLY B 165 5.75 19.43 -21.99
C GLY B 165 5.62 20.71 -21.18
N ALA B 166 5.98 20.64 -19.90
CA ALA B 166 5.86 21.78 -18.97
C ALA B 166 6.66 23.02 -19.40
N LEU B 167 7.85 22.83 -19.96
CA LEU B 167 8.64 23.94 -20.50
C LEU B 167 8.14 24.42 -21.86
N ARG B 168 7.56 23.50 -22.65
CA ARG B 168 7.02 23.83 -23.96
C ARG B 168 5.74 24.69 -23.81
N ARG B 169 4.94 24.40 -22.78
CA ARG B 169 3.80 25.24 -22.42
C ARG B 169 4.24 26.59 -21.85
N LEU B 170 5.26 26.57 -21.00
CA LEU B 170 5.88 27.80 -20.47
C LEU B 170 6.36 28.71 -21.59
N ALA B 171 6.96 28.11 -22.62
CA ALA B 171 7.49 28.86 -23.79
C ALA B 171 6.41 29.57 -24.62
N LEU B 172 5.25 28.95 -24.77
CA LEU B 172 4.11 29.60 -25.42
C LEU B 172 3.45 30.63 -24.49
N THR B 173 3.32 30.31 -23.21
CA THR B 173 2.69 31.22 -22.24
C THR B 173 3.42 32.56 -22.09
N ARG B 174 4.77 32.53 -22.15
CA ARG B 174 5.55 33.76 -22.06
C ARG B 174 5.50 34.58 -23.36
N GLN B 175 5.59 33.92 -24.51
CA GLN B 175 5.43 34.59 -25.82
C GLN B 175 4.05 35.20 -25.98
N THR B 176 3.04 34.50 -25.47
CA THR B 176 1.68 35.02 -25.43
C THR B 176 1.59 36.19 -24.46
N LEU B 177 2.24 36.09 -23.29
CA LEU B 177 2.31 37.19 -22.32
C LEU B 177 2.87 38.50 -22.91
N VAL B 178 3.92 38.38 -23.72
CA VAL B 178 4.60 39.54 -24.33
C VAL B 178 3.66 40.26 -25.33
N SER B 179 3.13 39.51 -26.28
CA SER B 179 2.12 40.01 -27.21
C SER B 179 0.85 40.49 -26.50
N ARG B 180 0.53 39.86 -25.36
CA ARG B 180 -0.58 40.28 -24.50
C ARG B 180 -0.38 41.69 -23.95
N GLU B 181 0.79 41.94 -23.37
CA GLU B 181 1.12 43.26 -22.80
C GLU B 181 1.31 44.32 -23.88
N TYR B 182 1.87 43.90 -25.01
CA TYR B 182 2.05 44.78 -26.17
C TYR B 182 0.69 45.27 -26.71
N SER B 183 -0.27 44.37 -26.87
CA SER B 183 -1.62 44.76 -27.29
C SER B 183 -2.34 45.60 -26.22
N PHE B 184 -2.04 45.38 -24.94
CA PHE B 184 -2.57 46.23 -23.86
C PHE B 184 -2.00 47.64 -23.91
N ALA B 185 -0.71 47.77 -24.22
CA ALA B 185 -0.06 49.07 -24.37
C ALA B 185 -0.64 49.91 -25.50
N LEU B 186 -1.04 49.25 -26.60
CA LEU B 186 -1.75 49.92 -27.70
C LEU B 186 -3.15 50.40 -27.29
N ILE B 187 -3.87 49.58 -26.51
CA ILE B 187 -5.17 49.97 -25.97
C ILE B 187 -5.00 51.02 -24.85
N ASP B 188 -3.90 50.94 -24.11
CA ASP B 188 -3.57 51.94 -23.09
C ASP B 188 -3.33 53.35 -23.68
N GLN B 189 -2.60 53.40 -24.80
CA GLN B 189 -2.38 54.66 -25.54
C GLN B 189 -3.66 55.20 -26.20
N ARG B 190 -4.50 54.31 -26.71
CA ARG B 190 -5.80 54.68 -27.28
C ARG B 190 -6.75 55.24 -26.21
N ARG B 191 -6.81 54.56 -25.06
CA ARG B 191 -7.60 55.02 -23.90
C ARG B 191 -7.03 56.32 -23.30
N ALA B 192 -5.70 56.46 -23.28
CA ALA B 192 -5.05 57.70 -22.83
C ALA B 192 -5.42 58.90 -23.72
N ALA B 193 -5.50 58.67 -25.02
CA ALA B 193 -6.01 59.68 -25.97
C ALA B 193 -7.51 59.95 -25.78
N GLY B 194 -8.27 58.90 -25.47
CA GLY B 194 -9.70 58.99 -25.22
C GLY B 194 -10.59 58.37 -26.29
N ALA B 195 -9.98 57.73 -27.29
CA ALA B 195 -10.73 57.07 -28.38
C ALA B 195 -11.35 55.73 -27.94
N ALA B 196 -10.51 54.84 -27.40
CA ALA B 196 -10.94 53.49 -26.98
C ALA B 196 -11.64 53.51 -25.61
N THR B 197 -12.76 52.79 -25.51
CA THR B 197 -13.58 52.75 -24.29
C THR B 197 -12.90 52.11 -23.08
N ALA B 198 -13.47 52.38 -21.90
CA ALA B 198 -12.96 51.87 -20.62
C ALA B 198 -12.94 50.34 -20.53
N LEU B 199 -13.89 49.68 -21.21
CA LEU B 199 -13.98 48.22 -21.21
C LEU B 199 -12.90 47.53 -22.04
N ASP B 200 -12.62 48.05 -23.23
CA ASP B 200 -11.62 47.46 -24.14
C ASP B 200 -10.22 47.47 -23.51
N TYR B 201 -9.95 48.50 -22.70
CA TYR B 201 -8.77 48.56 -21.83
C TYR B 201 -8.86 47.53 -20.69
N GLN B 202 -10.00 47.50 -19.98
CA GLN B 202 -10.19 46.56 -18.86
C GLN B 202 -10.18 45.09 -19.24
N GLU B 203 -10.77 44.78 -20.39
CA GLU B 203 -10.78 43.42 -20.93
C GLU B 203 -9.38 42.98 -21.35
N ALA B 204 -8.62 43.89 -21.97
CA ALA B 204 -7.21 43.66 -22.27
C ALA B 204 -6.32 43.59 -21.01
N LEU B 205 -6.71 44.31 -19.95
CA LEU B 205 -5.97 44.29 -18.66
C LEU B 205 -6.12 42.98 -17.92
N GLY B 206 -7.37 42.55 -17.70
CA GLY B 206 -7.65 41.29 -17.02
C GLY B 206 -7.00 40.10 -17.73
N LEU B 207 -7.13 40.09 -19.05
CA LEU B 207 -6.54 39.07 -19.90
C LEU B 207 -5.00 38.98 -19.85
N VAL B 208 -4.33 40.11 -19.61
CA VAL B 208 -2.87 40.14 -19.36
C VAL B 208 -2.56 39.60 -17.96
N GLU B 209 -3.36 40.01 -16.98
CA GLU B 209 -3.27 39.49 -15.60
C GLU B 209 -3.49 37.98 -15.51
N GLN B 210 -4.40 37.47 -16.34
CA GLN B 210 -4.66 36.02 -16.47
C GLN B 210 -3.44 35.28 -17.06
N ALA B 211 -2.85 35.83 -18.12
CA ALA B 211 -1.64 35.24 -18.74
C ALA B 211 -0.39 35.34 -17.86
N ARG B 212 -0.38 36.30 -16.93
CA ARG B 212 0.63 36.33 -15.87
C ARG B 212 0.51 35.13 -14.93
N ALA B 213 -0.71 34.86 -14.47
CA ALA B 213 -0.98 33.73 -13.56
C ALA B 213 -0.73 32.34 -14.21
N GLU B 214 -1.01 32.22 -15.50
CA GLU B 214 -0.78 30.98 -16.24
C GLU B 214 0.71 30.67 -16.42
N GLN B 215 1.54 31.70 -16.59
CA GLN B 215 3.01 31.53 -16.66
C GLN B 215 3.59 30.98 -15.37
N GLU B 216 3.10 31.49 -14.24
CA GLU B 216 3.49 31.01 -12.92
C GLU B 216 3.15 29.52 -12.76
N ARG B 217 1.92 29.17 -13.08
CA ARG B 217 1.47 27.76 -13.14
C ARG B 217 2.44 26.86 -13.91
N ASN B 218 2.71 27.18 -15.18
CA ASN B 218 3.67 26.43 -16.01
C ASN B 218 5.11 26.42 -15.48
N LEU B 219 5.50 27.47 -14.75
CA LEU B 219 6.80 27.55 -14.11
C LEU B 219 6.90 26.51 -12.98
N ARG B 220 5.94 26.53 -12.07
CA ARG B 220 5.84 25.52 -11.00
C ARG B 220 5.80 24.09 -11.53
N GLN B 221 5.02 23.88 -12.59
CA GLN B 221 4.94 22.58 -13.22
C GLN B 221 6.31 22.07 -13.68
N LYS B 222 7.05 22.89 -14.41
CA LYS B 222 8.37 22.48 -14.90
C LYS B 222 9.34 22.25 -13.75
N GLN B 223 9.28 23.09 -12.71
CA GLN B 223 10.12 22.96 -11.51
C GLN B 223 9.79 21.67 -10.74
N GLN B 224 8.51 21.40 -10.57
CA GLN B 224 8.07 20.15 -9.92
C GLN B 224 8.42 18.92 -10.77
N ALA B 225 8.33 19.07 -12.09
CA ALA B 225 8.72 18.02 -13.01
C ALA B 225 10.23 17.83 -13.06
N PHE B 226 10.98 18.92 -12.90
CA PHE B 226 12.45 18.87 -12.79
C PHE B 226 12.83 18.06 -11.55
N ASN B 227 12.26 18.44 -10.41
CA ASN B 227 12.52 17.80 -9.11
C ASN B 227 12.25 16.29 -9.11
N ALA B 228 11.07 15.91 -9.58
CA ALA B 228 10.69 14.50 -9.74
C ALA B 228 11.65 13.74 -10.65
N LEU B 229 12.09 14.40 -11.73
CA LEU B 229 13.06 13.80 -12.65
C LEU B 229 14.45 13.67 -12.02
N VAL B 230 14.84 14.63 -11.19
CA VAL B 230 16.11 14.55 -10.45
C VAL B 230 16.12 13.33 -9.52
N LEU B 231 15.04 13.10 -8.77
CA LEU B 231 14.96 11.97 -7.82
C LEU B 231 15.11 10.63 -8.51
N LEU B 232 14.37 10.45 -9.60
CA LEU B 232 14.47 9.25 -10.44
C LEU B 232 15.91 8.92 -10.85
N LEU B 233 16.63 9.95 -11.26
CA LEU B 233 18.03 9.81 -11.64
C LEU B 233 18.88 9.45 -10.42
N GLY B 234 18.52 10.00 -9.26
CA GLY B 234 19.08 9.62 -7.96
C GLY B 234 20.58 9.78 -7.79
N SER B 235 21.14 10.75 -8.50
CA SER B 235 22.58 10.99 -8.55
C SER B 235 22.88 12.39 -8.02
N ASP B 236 24.09 12.56 -7.49
CA ASP B 236 24.59 13.87 -7.08
C ASP B 236 24.82 14.79 -8.31
N ASP B 237 25.13 14.17 -9.46
CA ASP B 237 25.42 14.84 -10.74
C ASP B 237 24.16 15.00 -11.63
N ALA B 238 22.96 15.00 -11.02
CA ALA B 238 21.69 14.86 -11.76
C ALA B 238 21.21 16.14 -12.42
N ALA B 239 21.21 17.23 -11.66
CA ALA B 239 20.78 18.54 -12.17
C ALA B 239 21.54 18.94 -13.45
N GLN B 240 22.83 18.62 -13.51
CA GLN B 240 23.67 18.87 -14.70
C GLN B 240 23.22 18.03 -15.91
N ALA B 241 22.76 16.81 -15.64
CA ALA B 241 22.36 15.87 -16.70
C ALA B 241 21.16 16.29 -17.56
N ILE B 242 20.23 17.05 -16.97
CA ILE B 242 18.94 17.36 -17.61
C ILE B 242 19.06 18.53 -18.58
N PRO B 243 18.54 18.38 -19.84
CA PRO B 243 18.43 19.54 -20.74
C PRO B 243 17.35 20.55 -20.33
N ARG B 244 17.65 21.83 -20.56
CA ARG B 244 16.67 22.92 -20.48
C ARG B 244 16.09 23.25 -21.88
N SER B 245 16.75 22.80 -22.95
CA SER B 245 16.20 22.87 -24.31
C SER B 245 15.27 21.68 -24.56
N PRO B 246 14.09 21.90 -25.20
CA PRO B 246 13.25 20.77 -25.60
C PRO B 246 13.82 20.00 -26.80
N GLY B 247 14.04 18.70 -26.64
CA GLY B 247 14.53 17.85 -27.74
C GLY B 247 13.50 17.68 -28.82
N GLN B 248 13.90 17.08 -29.95
CA GLN B 248 13.01 16.92 -31.09
C GLN B 248 11.91 15.90 -30.77
N ARG B 249 10.70 16.16 -31.28
CA ARG B 249 9.50 15.45 -30.80
C ARG B 249 9.50 13.92 -30.93
N PRO B 250 10.08 13.36 -32.03
CA PRO B 250 10.12 11.91 -32.04
C PRO B 250 11.26 11.41 -31.14
N LYS B 251 10.96 11.28 -29.84
CA LYS B 251 11.92 10.81 -28.83
C LYS B 251 11.92 9.30 -28.67
N LEU B 252 10.92 8.63 -29.24
CA LEU B 252 10.84 7.17 -29.25
C LEU B 252 10.15 6.67 -30.53
N LEU B 253 10.28 5.38 -30.81
CA LEU B 253 9.62 4.77 -31.97
C LEU B 253 8.11 4.87 -31.81
N GLN B 254 7.44 5.31 -32.87
CA GLN B 254 6.00 5.50 -32.83
C GLN B 254 5.23 4.20 -33.08
N ASP B 255 5.85 3.25 -33.80
CA ASP B 255 5.20 2.01 -34.22
C ASP B 255 5.80 0.77 -33.55
N ILE B 256 4.97 0.05 -32.79
CA ILE B 256 5.37 -1.21 -32.14
C ILE B 256 4.29 -2.27 -32.42
N ALA B 257 4.70 -3.50 -32.70
CA ALA B 257 3.78 -4.62 -32.87
C ALA B 257 3.71 -5.43 -31.56
N PRO B 258 2.58 -5.39 -30.84
CA PRO B 258 2.47 -6.06 -29.53
C PRO B 258 2.43 -7.61 -29.52
N GLY B 259 2.10 -8.25 -30.64
CA GLY B 259 1.99 -9.72 -30.72
C GLY B 259 0.86 -10.24 -29.84
N THR B 260 0.81 -11.55 -29.62
CA THR B 260 -0.29 -12.16 -28.86
C THR B 260 -0.08 -11.93 -27.35
N PRO B 261 -1.10 -12.25 -26.53
CA PRO B 261 -0.89 -12.37 -25.08
C PRO B 261 -0.02 -13.57 -24.69
N SER B 262 -0.13 -14.68 -25.43
CA SER B 262 0.70 -15.86 -25.18
C SER B 262 2.20 -15.56 -25.30
N GLU B 263 2.55 -14.62 -26.17
CA GLU B 263 3.93 -14.13 -26.27
C GLU B 263 4.26 -13.28 -25.03
N LEU B 264 3.33 -12.42 -24.62
CA LEU B 264 3.45 -11.64 -23.38
C LEU B 264 3.66 -12.47 -22.10
N ILE B 265 3.08 -13.67 -22.04
CA ILE B 265 3.19 -14.51 -20.83
C ILE B 265 4.65 -14.88 -20.56
N GLU B 266 5.38 -15.20 -21.63
CA GLU B 266 6.80 -15.58 -21.54
C GLU B 266 7.77 -14.39 -21.45
N ARG B 267 7.37 -13.21 -21.93
CA ARG B 267 8.18 -11.99 -21.90
C ARG B 267 8.09 -11.21 -20.56
N ARG B 268 6.87 -10.88 -20.14
CA ARG B 268 6.65 -9.91 -19.04
C ARG B 268 7.10 -10.42 -17.66
N PRO B 269 8.02 -9.69 -16.98
CA PRO B 269 8.60 -10.15 -15.70
C PRO B 269 7.62 -10.41 -14.56
N ASP B 270 6.67 -9.50 -14.32
CA ASP B 270 5.67 -9.64 -13.23
C ASP B 270 5.06 -11.02 -13.19
N ILE B 271 4.65 -11.46 -14.37
CA ILE B 271 4.07 -12.77 -14.61
C ILE B 271 5.08 -13.87 -14.29
N LEU B 272 6.27 -13.78 -14.86
CA LEU B 272 7.30 -14.81 -14.67
C LEU B 272 7.71 -14.94 -13.22
N ALA B 273 7.74 -13.82 -12.49
CA ALA B 273 7.98 -13.86 -11.04
C ALA B 273 6.84 -14.59 -10.34
N ALA B 274 5.61 -14.21 -10.66
CA ALA B 274 4.43 -14.89 -10.12
C ALA B 274 4.38 -16.38 -10.45
N GLU B 275 4.90 -16.77 -11.61
CA GLU B 275 5.03 -18.19 -11.98
C GLU B 275 6.02 -18.91 -11.09
N HIS B 276 7.16 -18.27 -10.84
CA HIS B 276 8.16 -18.81 -9.92
C HIS B 276 7.64 -18.89 -8.49
N ARG B 277 6.80 -17.95 -8.08
CA ARG B 277 6.18 -18.01 -6.75
C ARG B 277 5.16 -19.13 -6.65
N LEU B 278 4.56 -19.51 -7.77
CA LEU B 278 3.68 -20.68 -7.86
C LEU B 278 4.46 -21.97 -7.70
N ARG B 279 5.51 -22.11 -8.50
CA ARG B 279 6.46 -23.23 -8.40
C ARG B 279 7.00 -23.43 -7.00
N ALA B 280 7.23 -22.33 -6.28
CA ALA B 280 7.65 -22.40 -4.89
C ALA B 280 6.64 -23.14 -4.02
N ARG B 281 5.35 -22.94 -4.29
CA ARG B 281 4.31 -23.58 -3.49
C ARG B 281 4.06 -25.05 -3.84
N ASN B 282 4.23 -25.41 -5.12
CA ASN B 282 4.29 -26.85 -5.50
C ASN B 282 5.34 -27.58 -4.68
N ALA B 283 6.51 -26.97 -4.55
CA ALA B 283 7.57 -27.51 -3.73
C ALA B 283 7.07 -27.66 -2.29
N ASP B 284 6.56 -26.58 -1.71
CA ASP B 284 6.07 -26.60 -0.31
C ASP B 284 5.07 -27.71 -0.02
N ILE B 285 4.28 -28.10 -1.03
CA ILE B 285 3.41 -29.28 -0.93
C ILE B 285 4.26 -30.54 -0.72
N GLY B 286 5.27 -30.72 -1.57
CA GLY B 286 6.22 -31.83 -1.45
C GLY B 286 6.88 -31.96 -0.08
N ALA B 287 7.12 -30.83 0.57
CA ALA B 287 7.63 -30.80 1.94
C ALA B 287 6.55 -31.24 2.93
N ALA B 288 5.33 -30.73 2.79
CA ALA B 288 4.21 -31.13 3.65
C ALA B 288 3.82 -32.60 3.42
N ARG B 289 3.90 -33.05 2.17
CA ARG B 289 3.70 -34.44 1.82
C ARG B 289 4.73 -35.32 2.52
N ALA B 290 6.00 -34.99 2.36
CA ALA B 290 7.09 -35.78 2.92
C ALA B 290 7.07 -35.83 4.46
N ALA B 291 6.50 -34.80 5.10
CA ALA B 291 6.41 -34.73 6.56
C ALA B 291 5.51 -35.83 7.16
N PHE B 292 4.50 -36.24 6.40
CA PHE B 292 3.71 -37.45 6.75
C PHE B 292 4.60 -38.69 6.92
N PHE B 293 5.56 -38.83 6.02
CA PHE B 293 6.51 -39.96 6.02
C PHE B 293 7.57 -39.83 7.12
N PRO B 294 8.31 -40.94 7.43
CA PRO B 294 9.34 -40.96 8.49
C PRO B 294 10.49 -39.95 8.35
N ARG B 295 11.13 -39.60 9.46
CA ARG B 295 12.27 -38.68 9.47
C ARG B 295 13.45 -39.36 10.16
N ILE B 296 14.57 -39.46 9.44
CA ILE B 296 15.75 -40.18 9.92
C ILE B 296 16.86 -39.19 10.32
N SER B 297 17.09 -39.08 11.63
CA SER B 297 17.99 -38.11 12.24
C SER B 297 19.27 -38.77 12.76
N LEU B 298 20.43 -38.27 12.33
CA LEU B 298 21.75 -38.81 12.72
C LEU B 298 22.55 -37.79 13.50
N THR B 299 23.03 -38.17 14.69
CA THR B 299 24.04 -37.39 15.40
C THR B 299 25.24 -38.29 15.63
N GLY B 300 26.38 -37.68 15.92
CA GLY B 300 27.60 -38.41 16.20
C GLY B 300 28.68 -37.55 16.81
N SER B 301 29.52 -38.13 17.66
CA SER B 301 30.70 -37.47 18.21
C SER B 301 31.93 -38.34 17.97
N PHE B 302 33.10 -37.73 17.95
CA PHE B 302 34.37 -38.46 17.81
C PHE B 302 35.54 -37.65 18.36
N GLY B 303 36.34 -38.27 19.22
CA GLY B 303 37.50 -37.63 19.83
C GLY B 303 37.91 -38.29 21.13
N THR B 304 38.57 -37.53 22.00
CA THR B 304 39.01 -38.04 23.31
C THR B 304 38.07 -37.64 24.45
N SER B 305 38.13 -38.40 25.53
CA SER B 305 37.38 -38.11 26.75
C SER B 305 37.99 -38.84 27.95
N SER B 306 37.66 -38.37 29.15
CA SER B 306 38.18 -38.95 30.39
C SER B 306 37.39 -38.47 31.61
N ALA B 307 37.69 -39.04 32.77
CA ALA B 307 37.11 -38.61 34.05
C ALA B 307 37.78 -37.32 34.54
N GLU B 308 39.11 -37.28 34.46
CA GLU B 308 39.89 -36.07 34.78
C GLU B 308 40.44 -35.42 33.51
N MET B 309 40.78 -34.14 33.65
CA MET B 309 41.15 -33.29 32.53
C MET B 309 42.53 -33.61 31.96
N SER B 310 43.51 -33.83 32.85
CA SER B 310 44.91 -34.09 32.46
C SER B 310 45.10 -35.28 31.51
N GLY B 311 44.21 -36.27 31.62
CA GLY B 311 44.23 -37.44 30.73
C GLY B 311 43.26 -37.39 29.57
N LEU B 312 43.01 -36.20 29.02
CA LEU B 312 42.22 -36.07 27.78
C LEU B 312 42.96 -36.79 26.65
N PHE B 313 44.06 -36.20 26.18
CA PHE B 313 44.83 -36.78 25.07
C PHE B 313 45.76 -37.87 25.61
N ASP B 314 45.22 -39.09 25.65
CA ASP B 314 45.84 -40.25 26.29
C ASP B 314 45.71 -41.46 25.38
N GLY B 315 46.59 -42.45 25.53
CA GLY B 315 46.54 -43.69 24.75
C GLY B 315 45.35 -44.57 25.09
N GLY B 316 44.62 -45.01 24.07
CA GLY B 316 43.38 -45.77 24.25
C GLY B 316 42.20 -44.96 24.80
N SER B 317 42.24 -43.65 24.58
CA SER B 317 41.21 -42.72 25.10
C SER B 317 40.17 -42.31 24.05
N ARG B 318 40.25 -42.91 22.86
CA ARG B 318 39.26 -42.66 21.79
C ARG B 318 37.84 -42.94 22.26
N SER B 319 36.96 -41.94 22.13
CA SER B 319 35.56 -42.02 22.54
C SER B 319 34.68 -41.42 21.46
N TRP B 320 33.82 -42.25 20.87
CA TRP B 320 32.82 -41.80 19.89
C TRP B 320 31.43 -42.24 20.27
N SER B 321 30.45 -41.69 19.56
CA SER B 321 29.06 -42.03 19.72
C SER B 321 28.38 -41.93 18.34
N PHE B 322 27.50 -42.88 18.03
CA PHE B 322 26.77 -42.89 16.75
C PHE B 322 25.29 -43.22 16.99
N LEU B 323 24.42 -42.24 16.78
CA LEU B 323 22.99 -42.33 17.09
C LEU B 323 22.12 -42.05 15.87
N PRO B 324 21.59 -43.11 15.21
CA PRO B 324 20.49 -42.90 14.27
C PRO B 324 19.15 -43.01 14.97
N THR B 325 18.25 -42.07 14.67
CA THR B 325 16.89 -42.04 15.22
C THR B 325 15.88 -41.89 14.08
N LEU B 326 14.93 -42.82 14.02
CA LEU B 326 13.85 -42.82 13.05
C LEU B 326 12.55 -42.53 13.80
N THR B 327 11.72 -41.64 13.25
CA THR B 327 10.43 -41.27 13.84
C THR B 327 9.38 -41.17 12.75
N LEU B 328 8.21 -41.78 12.99
CA LEU B 328 7.04 -41.70 12.12
C LEU B 328 5.81 -41.52 13.00
N PRO B 329 4.94 -40.52 12.69
CA PRO B 329 3.76 -40.28 13.51
C PRO B 329 2.51 -41.06 13.09
N ILE B 330 1.93 -41.79 14.04
CA ILE B 330 0.64 -42.44 13.85
C ILE B 330 -0.41 -41.33 14.00
N PHE B 331 -0.45 -40.71 15.17
CA PHE B 331 -1.37 -39.59 15.44
C PHE B 331 -0.64 -38.36 16.00
N ASP B 332 -1.13 -37.18 15.60
CA ASP B 332 -0.82 -35.92 16.28
C ASP B 332 -2.19 -35.31 16.58
N GLY B 333 -2.41 -34.02 16.31
CA GLY B 333 -3.75 -33.45 16.41
C GLY B 333 -4.27 -32.99 15.06
N GLY B 334 -4.04 -33.80 14.02
CA GLY B 334 -4.32 -33.43 12.64
C GLY B 334 -3.45 -32.31 12.08
N ARG B 335 -2.28 -32.09 12.70
CA ARG B 335 -1.35 -31.03 12.33
C ARG B 335 -0.82 -31.21 10.91
N ASN B 336 -0.21 -32.36 10.66
CA ASN B 336 0.37 -32.66 9.35
C ASN B 336 -0.63 -32.56 8.20
N ARG B 337 -1.89 -32.89 8.49
CA ARG B 337 -3.00 -32.72 7.54
C ARG B 337 -3.33 -31.24 7.40
N ALA B 338 -3.45 -30.56 8.54
CA ALA B 338 -3.66 -29.11 8.58
C ALA B 338 -2.54 -28.36 7.85
N ASN B 339 -1.31 -28.86 7.94
CA ASN B 339 -0.18 -28.27 7.23
C ASN B 339 -0.22 -28.53 5.72
N LEU B 340 -0.75 -29.69 5.30
CA LEU B 340 -0.95 -29.97 3.88
C LEU B 340 -2.13 -29.17 3.32
N SER B 341 -3.17 -28.96 4.14
CA SER B 341 -4.31 -28.10 3.74
C SER B 341 -3.85 -26.68 3.46
N LEU B 342 -3.03 -26.15 4.37
CA LEU B 342 -2.40 -24.84 4.24
C LEU B 342 -1.58 -24.71 2.96
N ALA B 343 -0.71 -25.67 2.71
CA ALA B 343 0.17 -25.66 1.54
C ALA B 343 -0.60 -25.72 0.22
N GLU B 344 -1.68 -26.51 0.21
CA GLU B 344 -2.55 -26.64 -0.97
C GLU B 344 -3.33 -25.35 -1.18
N ALA B 345 -3.83 -24.75 -0.09
CA ALA B 345 -4.51 -23.45 -0.13
C ALA B 345 -3.59 -22.32 -0.60
N ARG B 346 -2.32 -22.37 -0.22
CA ARG B 346 -1.33 -21.39 -0.68
C ARG B 346 -0.87 -21.64 -2.12
N LYS B 347 -0.85 -22.90 -2.55
CA LYS B 347 -0.61 -23.22 -3.96
C LYS B 347 -1.70 -22.56 -4.81
N ASP B 348 -2.95 -22.81 -4.43
CA ASP B 348 -4.12 -22.25 -5.11
C ASP B 348 -4.10 -20.73 -5.16
N SER B 349 -3.73 -20.11 -4.04
CA SER B 349 -3.63 -18.66 -3.97
C SER B 349 -2.56 -18.14 -4.94
N ALA B 350 -1.49 -18.91 -5.12
CA ALA B 350 -0.43 -18.60 -6.09
C ALA B 350 -0.87 -18.78 -7.54
N VAL B 351 -1.77 -19.73 -7.80
CA VAL B 351 -2.36 -19.90 -9.13
C VAL B 351 -3.23 -18.68 -9.43
N ALA B 352 -4.10 -18.34 -8.47
CA ALA B 352 -4.97 -17.15 -8.59
C ALA B 352 -4.16 -15.86 -8.80
N ALA B 353 -3.04 -15.76 -8.09
CA ALA B 353 -2.09 -14.67 -8.25
C ALA B 353 -1.50 -14.65 -9.65
N TYR B 354 -0.94 -15.79 -10.07
CA TYR B 354 -0.35 -15.92 -11.40
C TYR B 354 -1.34 -15.52 -12.47
N GLU B 355 -2.55 -16.05 -12.39
CA GLU B 355 -3.63 -15.70 -13.34
C GLU B 355 -4.07 -14.23 -13.22
N GLY B 356 -4.14 -13.74 -11.97
CA GLY B 356 -4.52 -12.36 -11.69
C GLY B 356 -3.56 -11.30 -12.19
N THR B 357 -2.26 -11.62 -12.24
CA THR B 357 -1.27 -10.71 -12.83
C THR B 357 -1.36 -10.73 -14.36
N ILE B 358 -1.70 -11.88 -14.95
CA ILE B 358 -1.84 -11.96 -16.41
C ILE B 358 -3.02 -11.10 -16.87
N GLN B 359 -4.16 -11.27 -16.20
CA GLN B 359 -5.35 -10.45 -16.44
C GLN B 359 -5.00 -8.98 -16.27
N THR B 360 -4.29 -8.63 -15.20
CA THR B 360 -3.90 -7.24 -14.95
C THR B 360 -2.99 -6.68 -16.05
N ALA B 361 -2.00 -7.46 -16.48
CA ALA B 361 -1.18 -7.12 -17.65
C ALA B 361 -2.05 -6.90 -18.87
N PHE B 362 -3.07 -7.76 -19.04
CA PHE B 362 -4.04 -7.64 -20.13
C PHE B 362 -4.71 -6.25 -20.20
N ARG B 363 -5.29 -5.82 -19.07
CA ARG B 363 -5.91 -4.49 -18.94
C ARG B 363 -4.93 -3.40 -19.33
N GLU B 364 -3.71 -3.50 -18.81
CA GLU B 364 -2.69 -2.47 -18.99
C GLU B 364 -2.26 -2.29 -20.43
N VAL B 365 -2.08 -3.40 -21.14
CA VAL B 365 -1.73 -3.38 -22.55
C VAL B 365 -2.92 -2.86 -23.33
N ALA B 366 -4.11 -3.37 -22.99
CA ALA B 366 -5.36 -2.95 -23.63
C ALA B 366 -5.65 -1.46 -23.48
N ASP B 367 -5.41 -0.90 -22.29
CA ASP B 367 -5.55 0.54 -22.07
C ASP B 367 -4.56 1.32 -22.90
N ALA B 368 -3.31 0.86 -22.92
CA ALA B 368 -2.22 1.49 -23.66
C ALA B 368 -2.49 1.49 -25.16
N LEU B 369 -2.98 0.35 -25.66
CA LEU B 369 -3.38 0.21 -27.07
C LEU B 369 -4.51 1.16 -27.45
N ALA B 370 -5.53 1.24 -26.60
CA ALA B 370 -6.68 2.11 -26.84
C ALA B 370 -6.25 3.56 -26.81
N ALA B 371 -5.52 3.93 -25.76
CA ALA B 371 -4.99 5.29 -25.60
C ALA B 371 -4.18 5.73 -26.82
N SER B 372 -3.33 4.84 -27.35
CA SER B 372 -2.38 5.23 -28.40
C SER B 372 -3.04 5.49 -29.76
N ASP B 373 -4.09 4.75 -30.10
CA ASP B 373 -4.82 5.01 -31.37
C ASP B 373 -5.91 6.11 -31.26
N THR B 374 -6.43 6.36 -30.06
CA THR B 374 -7.35 7.48 -29.80
C THR B 374 -6.62 8.81 -29.75
N LEU B 375 -5.45 8.83 -29.13
CA LEU B 375 -4.63 10.05 -29.02
C LEU B 375 -3.97 10.44 -30.34
N ARG B 376 -3.77 9.47 -31.24
CA ARG B 376 -3.27 9.76 -32.59
C ARG B 376 -4.29 10.57 -33.38
N ARG B 377 -5.55 10.13 -33.34
CA ARG B 377 -6.66 10.81 -34.01
C ARG B 377 -7.01 12.12 -33.29
N GLU B 378 -7.03 12.10 -31.96
CA GLU B 378 -7.30 13.31 -31.17
C GLU B 378 -6.24 14.39 -31.40
N GLU B 379 -4.98 13.98 -31.51
CA GLU B 379 -3.89 14.91 -31.79
C GLU B 379 -4.09 15.64 -33.12
N LYS B 380 -4.45 14.91 -34.17
CA LYS B 380 -4.69 15.52 -35.49
C LYS B 380 -5.84 16.53 -35.41
N ALA B 381 -6.87 16.16 -34.67
CA ALA B 381 -8.03 17.04 -34.43
C ALA B 381 -7.68 18.29 -33.63
N LEU B 382 -6.84 18.15 -32.60
CA LEU B 382 -6.44 19.29 -31.76
C LEU B 382 -5.48 20.28 -32.47
N ARG B 383 -4.61 19.76 -33.33
CA ARG B 383 -3.70 20.57 -34.12
C ARG B 383 -4.47 21.39 -35.16
N ALA B 384 -5.43 20.75 -35.81
CA ALA B 384 -6.33 21.44 -36.76
C ALA B 384 -7.21 22.48 -36.07
N LEU B 385 -7.72 22.14 -34.88
CA LEU B 385 -8.56 23.05 -34.09
C LEU B 385 -7.84 24.34 -33.69
N ALA B 386 -6.63 24.17 -33.15
CA ALA B 386 -5.80 25.30 -32.72
C ALA B 386 -5.44 26.25 -33.88
N ASN B 387 -5.25 25.68 -35.07
CA ASN B 387 -4.88 26.45 -36.25
C ASN B 387 -6.04 27.29 -36.76
N SER B 388 -7.26 26.75 -36.67
CA SER B 388 -8.47 27.50 -37.00
C SER B 388 -8.72 28.64 -36.00
N SER B 389 -8.43 28.39 -34.72
CA SER B 389 -8.50 29.42 -33.68
C SER B 389 -7.45 30.52 -33.85
N ASN B 390 -6.24 30.11 -34.22
CA ASN B 390 -5.11 31.02 -34.44
C ASN B 390 -5.37 31.97 -35.61
N GLU B 391 -5.89 31.42 -36.71
CA GLU B 391 -6.29 32.23 -37.85
C GLU B 391 -7.59 33.00 -37.58
N ALA B 392 -8.49 32.43 -36.77
CA ALA B 392 -9.69 33.16 -36.31
C ALA B 392 -9.33 34.39 -35.47
N LEU B 393 -8.22 34.31 -34.73
CA LEU B 393 -7.71 35.47 -33.98
C LEU B 393 -7.10 36.53 -34.89
N LYS B 394 -6.39 36.12 -35.94
CA LYS B 394 -5.90 37.05 -36.98
C LYS B 394 -7.06 37.86 -37.58
N LEU B 395 -8.17 37.19 -37.87
CA LEU B 395 -9.33 37.85 -38.47
C LEU B 395 -10.07 38.75 -37.47
N ALA B 396 -10.09 38.37 -36.19
CA ALA B 396 -10.68 39.20 -35.14
C ALA B 396 -9.91 40.50 -34.88
N LYS B 397 -8.59 40.50 -35.11
CA LYS B 397 -7.77 41.73 -35.02
C LYS B 397 -8.06 42.67 -36.20
N ALA B 398 -8.20 42.12 -37.40
CA ALA B 398 -8.56 42.89 -38.59
C ALA B 398 -9.91 43.60 -38.43
N ARG B 399 -10.88 42.90 -37.83
CA ARG B 399 -12.19 43.48 -37.50
C ARG B 399 -12.12 44.55 -36.40
N TYR B 400 -11.15 44.44 -35.50
CA TYR B 400 -10.93 45.44 -34.45
C TYR B 400 -10.18 46.67 -34.96
N GLU B 401 -9.21 46.48 -35.85
CA GLU B 401 -8.48 47.59 -36.48
C GLU B 401 -9.35 48.41 -37.43
N SER B 402 -10.15 47.71 -38.23
CA SER B 402 -11.20 48.32 -39.06
C SER B 402 -12.25 49.02 -38.19
N GLY B 403 -12.53 48.45 -37.02
CA GLY B 403 -13.51 48.98 -36.08
C GLY B 403 -14.92 48.45 -36.35
N VAL B 404 -15.02 47.46 -37.24
CA VAL B 404 -16.32 46.92 -37.66
C VAL B 404 -16.99 46.04 -36.59
N ASP B 405 -16.18 45.43 -35.73
CA ASP B 405 -16.66 44.52 -34.67
C ASP B 405 -16.10 44.91 -33.31
N ASN B 406 -16.77 44.47 -32.26
CA ASN B 406 -16.40 44.78 -30.87
C ASN B 406 -15.13 44.06 -30.43
N HIS B 407 -14.68 44.42 -29.23
CA HIS B 407 -13.55 43.74 -28.57
C HIS B 407 -13.86 42.28 -28.20
N LEU B 408 -15.14 41.96 -28.01
CA LEU B 408 -15.54 40.65 -27.47
C LEU B 408 -15.26 39.45 -28.38
N ARG B 409 -15.31 39.65 -29.69
CA ARG B 409 -14.83 38.64 -30.64
C ARG B 409 -13.32 38.48 -30.52
N TYR B 410 -12.61 39.60 -30.51
CA TYR B 410 -11.16 39.62 -30.33
C TYR B 410 -10.69 39.07 -28.98
N LEU B 411 -11.57 39.16 -27.98
CA LEU B 411 -11.32 38.60 -26.65
C LEU B 411 -11.46 37.08 -26.68
N ASP B 412 -12.60 36.59 -27.15
CA ASP B 412 -12.86 35.14 -27.28
C ASP B 412 -11.87 34.43 -28.19
N ALA B 413 -11.44 35.11 -29.25
CA ALA B 413 -10.55 34.51 -30.24
C ALA B 413 -9.11 34.31 -29.76
N GLN B 414 -8.68 35.10 -28.77
CA GLN B 414 -7.33 34.94 -28.18
C GLN B 414 -7.30 34.09 -26.91
N ARG B 415 -8.42 34.04 -26.17
CA ARG B 415 -8.61 33.04 -25.10
C ARG B 415 -8.58 31.66 -25.72
N SER B 416 -9.41 31.45 -26.73
CA SER B 416 -9.56 30.14 -27.37
C SER B 416 -8.37 29.75 -28.25
N SER B 417 -7.64 30.71 -28.80
CA SER B 417 -6.38 30.38 -29.49
C SER B 417 -5.30 29.95 -28.50
N PHE B 418 -5.33 30.54 -27.31
CA PHE B 418 -4.38 30.22 -26.24
C PHE B 418 -4.67 28.88 -25.60
N LEU B 419 -5.93 28.63 -25.26
CA LEU B 419 -6.35 27.33 -24.68
C LEU B 419 -6.12 26.15 -25.62
N ASN B 420 -6.44 26.34 -26.90
CA ASN B 420 -6.28 25.29 -27.91
C ASN B 420 -4.80 24.95 -28.19
N GLU B 421 -3.93 25.96 -28.10
CA GLU B 421 -2.48 25.75 -28.23
C GLU B 421 -1.87 25.06 -27.01
N ILE B 422 -2.39 25.37 -25.83
CA ILE B 422 -2.04 24.62 -24.60
C ILE B 422 -2.50 23.18 -24.72
N ALA B 423 -3.78 22.98 -25.01
CA ALA B 423 -4.39 21.65 -25.15
C ALA B 423 -3.67 20.74 -26.15
N PHE B 424 -3.13 21.32 -27.23
CA PHE B 424 -2.35 20.58 -28.22
C PHE B 424 -1.04 20.05 -27.64
N ILE B 425 -0.39 20.84 -26.80
CA ILE B 425 0.84 20.40 -26.12
C ILE B 425 0.52 19.25 -25.17
N ASP B 426 -0.51 19.45 -24.34
CA ASP B 426 -1.01 18.39 -23.44
C ASP B 426 -1.36 17.12 -24.21
N GLY B 427 -2.02 17.29 -25.36
CA GLY B 427 -2.41 16.18 -26.22
C GLY B 427 -1.26 15.48 -26.91
N SER B 428 -0.26 16.25 -27.35
CA SER B 428 0.96 15.66 -27.94
C SER B 428 1.80 14.91 -26.89
N THR B 429 1.92 15.51 -25.70
CA THR B 429 2.60 14.91 -24.55
C THR B 429 1.93 13.58 -24.14
N GLN B 430 0.64 13.63 -23.83
CA GLN B 430 -0.15 12.45 -23.42
C GLN B 430 -0.03 11.24 -24.36
N ARG B 431 0.12 11.48 -25.66
CA ARG B 431 0.26 10.40 -26.64
C ARG B 431 1.56 9.63 -26.45
N GLN B 432 2.67 10.35 -26.36
CA GLN B 432 3.98 9.71 -26.22
C GLN B 432 4.19 9.06 -24.84
N ILE B 433 3.56 9.62 -23.82
CA ILE B 433 3.47 8.96 -22.51
C ILE B 433 2.75 7.61 -22.64
N ALA B 434 1.71 7.55 -23.46
CA ALA B 434 1.01 6.28 -23.74
C ALA B 434 1.87 5.26 -24.50
N LEU B 435 2.77 5.73 -25.38
CA LEU B 435 3.75 4.83 -26.00
C LEU B 435 4.72 4.25 -24.98
N VAL B 436 5.08 5.05 -24.00
CA VAL B 436 5.84 4.59 -22.83
C VAL B 436 5.02 3.59 -22.03
N ASP B 437 3.73 3.90 -21.79
CA ASP B 437 2.83 2.99 -21.09
C ASP B 437 2.66 1.66 -21.83
N LEU B 438 2.64 1.71 -23.16
CA LEU B 438 2.56 0.50 -23.98
C LEU B 438 3.85 -0.32 -23.89
N PHE B 439 4.99 0.36 -23.86
CA PHE B 439 6.29 -0.30 -23.63
C PHE B 439 6.36 -0.89 -22.21
N ARG B 440 5.87 -0.13 -21.24
CA ARG B 440 5.80 -0.60 -19.84
C ARG B 440 4.91 -1.83 -19.71
N ALA B 441 3.73 -1.80 -20.36
CA ALA B 441 2.73 -2.86 -20.26
C ALA B 441 3.14 -4.18 -20.92
N LEU B 442 3.88 -4.09 -22.03
CA LEU B 442 4.34 -5.28 -22.74
C LEU B 442 5.59 -5.94 -22.13
N GLY B 443 6.41 -5.19 -21.39
CA GLY B 443 7.62 -5.75 -20.75
C GLY B 443 8.69 -6.21 -21.74
N CYS C 1 -9.03 -23.71 31.87
CA CYS C 1 -8.70 -22.52 32.70
C CYS C 1 -7.87 -21.49 31.90
N SER C 2 -8.55 -20.61 31.17
CA SER C 2 -7.89 -19.52 30.45
C SER C 2 -7.93 -18.25 31.28
N MET C 3 -6.75 -17.66 31.52
CA MET C 3 -6.63 -16.50 32.40
C MET C 3 -6.79 -15.14 31.70
N ALA C 4 -6.99 -15.12 30.37
CA ALA C 4 -7.22 -13.86 29.64
C ALA C 4 -8.39 -13.04 30.23
N PRO C 5 -8.35 -11.71 30.08
CA PRO C 5 -9.43 -10.89 30.66
C PRO C 5 -10.72 -11.06 29.87
N THR C 6 -11.86 -10.81 30.50
CA THR C 6 -13.15 -10.95 29.82
C THR C 6 -13.32 -9.87 28.74
N TYR C 7 -13.61 -10.30 27.52
CA TYR C 7 -13.73 -9.38 26.38
C TYR C 7 -14.96 -8.48 26.53
N GLU C 8 -14.76 -7.19 26.33
CA GLU C 8 -15.83 -6.19 26.32
C GLU C 8 -15.69 -5.32 25.08
N ARG C 9 -16.79 -5.16 24.34
CA ARG C 9 -16.78 -4.32 23.14
C ARG C 9 -16.48 -2.87 23.54
N PRO C 10 -15.44 -2.25 22.93
CA PRO C 10 -15.22 -0.83 23.17
C PRO C 10 -16.43 0.00 22.76
N ALA C 11 -16.82 0.96 23.59
CA ALA C 11 -17.93 1.86 23.27
C ALA C 11 -17.60 2.65 22.00
N ALA C 12 -18.61 2.88 21.18
CA ALA C 12 -18.45 3.50 19.87
C ALA C 12 -17.86 4.90 20.01
N PRO C 13 -16.76 5.20 19.27
CA PRO C 13 -16.09 6.50 19.41
C PRO C 13 -16.68 7.63 18.54
N VAL C 14 -17.92 7.49 18.07
CA VAL C 14 -18.59 8.53 17.28
C VAL C 14 -20.04 8.70 17.77
N ALA C 15 -20.60 9.89 17.52
CA ALA C 15 -22.00 10.24 17.84
C ALA C 15 -23.05 9.21 17.41
N ASP C 16 -24.22 9.27 18.05
CA ASP C 16 -25.25 8.24 17.89
C ASP C 16 -26.06 8.36 16.60
N SER C 17 -25.80 9.39 15.78
CA SER C 17 -26.53 9.56 14.52
C SER C 17 -25.73 10.38 13.51
N TRP C 18 -26.30 10.49 12.31
CA TRP C 18 -25.76 11.30 11.23
C TRP C 18 -26.76 12.43 11.04
N SER C 19 -26.27 13.65 10.90
CA SER C 19 -27.17 14.78 10.66
C SER C 19 -27.79 14.64 9.28
N GLY C 20 -29.12 14.79 9.22
CA GLY C 20 -29.89 14.61 7.99
C GLY C 20 -30.45 15.92 7.47
N ILE C 30 -31.13 -0.71 5.55
CA ILE C 30 -30.27 -1.46 4.63
C ILE C 30 -30.31 -2.96 4.92
N ASP C 31 -30.57 -3.32 6.17
CA ASP C 31 -30.81 -4.70 6.59
C ASP C 31 -31.53 -5.54 5.54
N THR C 32 -32.69 -5.06 5.08
CA THR C 32 -33.48 -5.75 4.05
C THR C 32 -32.74 -5.76 2.70
N LEU C 33 -32.07 -4.66 2.39
CA LEU C 33 -31.40 -4.46 1.11
C LEU C 33 -30.13 -5.30 0.92
N ASP C 34 -30.20 -6.26 0.00
CA ASP C 34 -29.00 -6.97 -0.48
C ASP C 34 -28.65 -6.50 -1.89
N TRP C 35 -27.46 -6.88 -2.37
CA TRP C 35 -26.94 -6.34 -3.63
C TRP C 35 -27.83 -6.68 -4.83
N LYS C 36 -28.43 -7.87 -4.80
CA LYS C 36 -29.31 -8.33 -5.87
C LYS C 36 -30.61 -7.49 -5.86
N SER C 37 -31.07 -7.10 -4.68
CA SER C 37 -32.19 -6.18 -4.53
C SER C 37 -31.82 -4.72 -4.89
N PHE C 38 -30.64 -4.30 -4.45
CA PHE C 38 -30.12 -2.94 -4.68
C PHE C 38 -29.90 -2.61 -6.15
N ILE C 39 -29.28 -3.55 -6.86
CA ILE C 39 -29.03 -3.42 -8.29
C ILE C 39 -30.27 -3.92 -9.04
N VAL C 40 -30.97 -3.00 -9.71
CA VAL C 40 -32.24 -3.28 -10.39
C VAL C 40 -31.99 -3.86 -11.79
N ASP C 41 -30.99 -3.35 -12.49
CA ASP C 41 -30.70 -3.75 -13.86
C ASP C 41 -30.31 -5.23 -13.92
N ALA C 42 -31.02 -5.97 -14.76
CA ALA C 42 -30.76 -7.40 -14.95
C ALA C 42 -29.38 -7.65 -15.54
N GLU C 43 -28.95 -6.77 -16.45
CA GLU C 43 -27.64 -6.89 -17.08
C GLU C 43 -26.49 -6.70 -16.09
N LEU C 44 -26.60 -5.69 -15.21
CA LEU C 44 -25.58 -5.47 -14.18
C LEU C 44 -25.53 -6.61 -13.16
N ARG C 45 -26.70 -7.14 -12.80
CA ARG C 45 -26.78 -8.33 -11.94
C ARG C 45 -25.98 -9.49 -12.50
N ARG C 46 -26.08 -9.71 -13.81
CA ARG C 46 -25.33 -10.78 -14.47
C ARG C 46 -23.82 -10.53 -14.42
N LEU C 47 -23.42 -9.27 -14.61
CA LEU C 47 -22.01 -8.88 -14.53
C LEU C 47 -21.46 -9.11 -13.12
N VAL C 48 -22.21 -8.72 -12.10
CA VAL C 48 -21.78 -8.89 -10.71
C VAL C 48 -21.64 -10.39 -10.38
N ASP C 49 -22.66 -11.17 -10.73
CA ASP C 49 -22.61 -12.63 -10.56
C ASP C 49 -21.33 -13.20 -11.17
N MET C 50 -21.02 -12.77 -12.39
CA MET C 50 -19.86 -13.27 -13.14
C MET C 50 -18.51 -12.97 -12.48
N ALA C 51 -18.36 -11.75 -11.98
CA ALA C 51 -17.16 -11.34 -11.26
C ALA C 51 -17.03 -12.12 -9.96
N LEU C 52 -18.13 -12.26 -9.23
CA LEU C 52 -18.14 -12.99 -7.96
C LEU C 52 -17.62 -14.44 -8.07
N ASP C 53 -17.90 -15.09 -9.20
CA ASP C 53 -17.42 -16.44 -9.46
C ASP C 53 -15.94 -16.43 -9.85
N ASN C 54 -15.57 -15.58 -10.82
CA ASN C 54 -14.24 -15.64 -11.45
C ASN C 54 -13.26 -14.50 -11.15
N ASN C 55 -13.53 -13.66 -10.15
CA ASN C 55 -12.58 -12.60 -9.79
C ASN C 55 -11.43 -13.17 -8.97
N ARG C 56 -10.21 -12.89 -9.41
CA ARG C 56 -9.01 -13.52 -8.85
C ARG C 56 -8.53 -12.90 -7.54
N SER C 57 -8.82 -11.62 -7.32
CA SER C 57 -8.50 -10.97 -6.05
C SER C 57 -9.46 -11.41 -4.94
N LEU C 58 -10.72 -11.64 -5.31
CA LEU C 58 -11.67 -12.25 -4.39
C LEU C 58 -11.22 -13.67 -4.06
N ARG C 59 -10.95 -14.45 -5.10
CA ARG C 59 -10.47 -15.83 -4.98
C ARG C 59 -9.29 -15.96 -4.01
N GLN C 60 -8.36 -15.01 -4.09
CA GLN C 60 -7.23 -14.98 -3.19
C GLN C 60 -7.63 -14.75 -1.72
N THR C 61 -8.51 -13.77 -1.49
CA THR C 61 -9.00 -13.49 -0.13
C THR C 61 -9.91 -14.58 0.45
N LEU C 62 -10.51 -15.39 -0.43
CA LEU C 62 -11.24 -16.58 -0.02
C LEU C 62 -10.29 -17.70 0.42
N LEU C 63 -9.21 -17.88 -0.34
CA LEU C 63 -8.17 -18.85 0.00
C LEU C 63 -7.34 -18.45 1.23
N ASP C 64 -7.34 -17.15 1.56
CA ASP C 64 -6.77 -16.67 2.82
C ASP C 64 -7.54 -17.16 4.03
N ILE C 65 -8.82 -17.48 3.86
CA ILE C 65 -9.62 -18.07 4.94
C ILE C 65 -9.21 -19.52 5.17
N GLU C 66 -9.11 -20.29 4.09
CA GLU C 66 -8.70 -21.70 4.17
C GLU C 66 -7.28 -21.88 4.71
N ALA C 67 -6.43 -20.88 4.48
CA ALA C 67 -5.11 -20.84 5.11
C ALA C 67 -5.21 -20.55 6.62
N ALA C 68 -6.06 -19.59 7.00
CA ALA C 68 -6.25 -19.24 8.42
C ALA C 68 -6.93 -20.35 9.22
N ARG C 69 -7.82 -21.11 8.57
CA ARG C 69 -8.43 -22.28 9.19
C ARG C 69 -7.36 -23.31 9.53
N ALA C 70 -6.47 -23.57 8.56
CA ALA C 70 -5.37 -24.52 8.74
C ALA C 70 -4.51 -24.17 9.95
N GLN C 71 -4.15 -22.90 10.07
CA GLN C 71 -3.37 -22.42 11.21
C GLN C 71 -4.10 -22.50 12.55
N TYR C 72 -5.43 -22.39 12.52
CA TYR C 72 -6.23 -22.70 13.71
C TYR C 72 -6.17 -24.20 14.03
N ARG C 73 -6.23 -25.04 12.99
CA ARG C 73 -6.11 -26.49 13.17
C ARG C 73 -4.70 -26.92 13.62
N ILE C 74 -3.66 -26.17 13.24
CA ILE C 74 -2.30 -26.42 13.72
C ILE C 74 -2.15 -26.12 15.22
N GLN C 75 -2.69 -25.00 15.69
CA GLN C 75 -2.65 -24.69 17.12
C GLN C 75 -3.54 -25.62 17.93
N ARG C 76 -4.67 -26.05 17.37
CA ARG C 76 -5.49 -27.08 18.03
C ARG C 76 -4.66 -28.35 18.25
N ALA C 77 -3.90 -28.75 17.24
CA ALA C 77 -3.12 -29.98 17.32
C ALA C 77 -2.23 -30.03 18.57
N ASP C 78 -1.51 -28.92 18.83
CA ASP C 78 -0.68 -28.76 20.04
C ASP C 78 -1.44 -28.99 21.34
N ARG C 79 -2.76 -28.81 21.33
CA ARG C 79 -3.57 -28.96 22.53
C ARG C 79 -3.79 -30.40 22.97
N VAL C 80 -3.84 -31.34 22.03
CA VAL C 80 -4.03 -32.78 22.38
C VAL C 80 -2.70 -33.56 22.30
N PRO C 81 -2.60 -34.70 23.04
CA PRO C 81 -1.37 -35.50 22.98
C PRO C 81 -1.26 -36.26 21.66
N GLY C 82 -0.04 -36.34 21.14
CA GLY C 82 0.26 -37.12 19.94
C GLY C 82 0.94 -38.41 20.35
N LEU C 83 1.06 -39.32 19.39
CA LEU C 83 1.75 -40.58 19.61
C LEU C 83 2.40 -41.02 18.30
N ASN C 84 3.61 -41.55 18.38
CA ASN C 84 4.36 -41.93 17.19
C ASN C 84 5.35 -43.09 17.37
N ALA C 85 5.51 -43.89 16.32
CA ALA C 85 6.42 -45.04 16.33
C ALA C 85 7.83 -44.49 16.10
N ALA C 86 8.84 -45.16 16.68
CA ALA C 86 10.22 -44.70 16.55
C ALA C 86 11.24 -45.82 16.81
N ALA C 87 12.37 -45.74 16.11
CA ALA C 87 13.48 -46.70 16.27
C ALA C 87 14.80 -45.96 16.53
N THR C 88 15.29 -46.05 17.78
CA THR C 88 16.46 -45.31 18.24
C THR C 88 17.64 -46.25 18.49
N GLY C 89 18.67 -46.14 17.66
CA GLY C 89 19.94 -46.84 17.88
C GLY C 89 20.94 -45.91 18.52
N ASN C 90 21.87 -46.47 19.31
CA ASN C 90 22.97 -45.70 19.91
C ASN C 90 24.18 -46.58 20.22
N ARG C 91 25.17 -46.49 19.33
CA ARG C 91 26.43 -47.22 19.47
C ARG C 91 27.45 -46.21 20.01
N GLN C 92 28.22 -46.61 21.02
CA GLN C 92 29.16 -45.67 21.66
C GLN C 92 30.31 -46.36 22.36
N ARG C 93 31.53 -45.88 22.09
CA ARG C 93 32.74 -46.37 22.74
C ARG C 93 33.11 -45.45 23.90
N GLN C 94 33.60 -46.05 24.99
CA GLN C 94 34.09 -45.29 26.14
C GLN C 94 35.34 -45.97 26.74
N PRO C 95 36.34 -45.18 27.19
CA PRO C 95 37.52 -45.78 27.83
C PRO C 95 37.24 -46.32 29.23
N ALA C 96 38.24 -46.98 29.82
CA ALA C 96 38.10 -47.65 31.12
C ALA C 96 37.81 -46.70 32.29
N ASP C 97 38.54 -45.58 32.34
CA ASP C 97 38.36 -44.56 33.40
C ASP C 97 36.96 -43.93 33.45
N LEU C 98 36.27 -43.93 32.32
CA LEU C 98 34.90 -43.40 32.22
C LEU C 98 33.82 -44.50 32.33
N SER C 99 34.11 -45.71 31.84
CA SER C 99 33.18 -46.85 31.94
C SER C 99 33.05 -47.38 33.37
N ALA C 100 31.83 -47.76 33.76
CA ALA C 100 31.56 -48.36 35.07
C ALA C 100 32.14 -49.78 35.18
N GLY C 101 32.27 -50.47 34.04
CA GLY C 101 32.95 -51.77 33.96
C GLY C 101 34.47 -51.75 34.06
N ASN C 102 35.06 -50.55 34.00
CA ASN C 102 36.52 -50.35 34.11
C ASN C 102 37.30 -51.11 33.04
N ARG C 103 36.86 -50.94 31.79
CA ARG C 103 37.49 -51.56 30.62
C ARG C 103 37.06 -50.84 29.33
N SER C 104 37.78 -51.10 28.23
CA SER C 104 37.50 -50.48 26.93
C SER C 104 36.17 -50.99 26.36
N GLU C 105 35.08 -50.32 26.76
CA GLU C 105 33.71 -50.80 26.52
C GLU C 105 33.10 -50.16 25.27
N VAL C 106 32.51 -51.00 24.41
CA VAL C 106 31.72 -50.55 23.24
C VAL C 106 30.28 -51.06 23.41
N ALA C 107 29.46 -50.26 24.10
CA ALA C 107 28.07 -50.63 24.40
C ALA C 107 27.12 -50.14 23.32
N SER C 108 26.08 -50.95 23.06
CA SER C 108 25.06 -50.64 22.09
C SER C 108 23.68 -50.82 22.74
N SER C 109 22.71 -50.04 22.27
CA SER C 109 21.31 -50.19 22.70
C SER C 109 20.36 -49.82 21.56
N TYR C 110 19.17 -50.42 21.58
CA TYR C 110 18.15 -50.20 20.55
C TYR C 110 16.78 -50.09 21.20
N GLN C 111 15.88 -49.33 20.59
CA GLN C 111 14.49 -49.24 21.05
C GLN C 111 13.57 -49.24 19.83
N VAL C 112 12.40 -49.88 19.97
CA VAL C 112 11.37 -49.84 18.92
C VAL C 112 9.98 -49.87 19.56
N GLY C 113 9.13 -48.92 19.17
CA GLY C 113 7.74 -48.88 19.63
C GLY C 113 7.14 -47.48 19.65
N LEU C 114 6.05 -47.35 20.39
CA LEU C 114 5.29 -46.10 20.46
C LEU C 114 5.93 -45.11 21.43
N ALA C 115 6.11 -43.88 20.95
CA ALA C 115 6.62 -42.76 21.74
C ALA C 115 5.52 -41.70 21.84
N LEU C 116 5.35 -41.15 23.04
CA LEU C 116 4.53 -39.96 23.24
C LEU C 116 5.50 -38.81 23.45
N PRO C 117 5.52 -37.82 22.53
CA PRO C 117 6.43 -36.70 22.73
C PRO C 117 5.77 -35.47 23.36
N GLU C 118 6.50 -34.82 24.28
CA GLU C 118 6.31 -33.42 24.67
C GLU C 118 4.88 -32.86 24.79
N TYR C 119 3.93 -33.65 25.31
CA TYR C 119 2.58 -33.14 25.54
C TYR C 119 2.56 -32.17 26.72
N GLU C 120 1.84 -31.05 26.58
CA GLU C 120 1.73 -30.01 27.61
C GLU C 120 0.32 -29.96 28.16
N LEU C 121 0.15 -30.26 29.45
CA LEU C 121 -1.13 -30.07 30.13
C LEU C 121 -1.28 -28.59 30.44
N ASP C 122 -2.17 -27.89 29.72
CA ASP C 122 -2.43 -26.47 29.97
C ASP C 122 -3.41 -26.31 31.14
N LEU C 123 -2.90 -26.50 32.36
CA LEU C 123 -3.69 -26.32 33.59
C LEU C 123 -3.96 -24.83 33.82
N PHE C 124 -3.04 -24.01 33.33
CA PHE C 124 -3.16 -22.54 33.41
C PHE C 124 -3.50 -21.93 32.04
N GLY C 125 -3.52 -22.76 31.00
CA GLY C 125 -4.34 -22.51 29.80
C GLY C 125 -3.73 -21.67 28.71
N ARG C 126 -2.42 -21.80 28.50
CA ARG C 126 -1.72 -20.96 27.52
C ARG C 126 -2.01 -21.41 26.08
N VAL C 127 -2.08 -22.73 25.86
CA VAL C 127 -2.28 -23.25 24.51
C VAL C 127 -3.71 -23.01 23.99
N LYS C 128 -4.70 -23.03 24.89
CA LYS C 128 -6.08 -22.74 24.52
C LYS C 128 -6.22 -21.29 24.08
N SER C 129 -5.55 -20.39 24.79
CA SER C 129 -5.50 -18.98 24.43
C SER C 129 -4.86 -18.78 23.03
N LEU C 130 -3.76 -19.44 22.77
CA LEU C 130 -3.13 -19.40 21.43
C LEU C 130 -4.05 -19.97 20.34
N THR C 131 -4.85 -20.98 20.72
CA THR C 131 -5.91 -21.55 19.87
C THR C 131 -7.06 -20.54 19.62
N ASP C 132 -7.48 -19.82 20.68
CA ASP C 132 -8.48 -18.73 20.56
C ASP C 132 -8.02 -17.62 19.61
N ALA C 133 -6.76 -17.22 19.73
CA ALA C 133 -6.16 -16.23 18.85
C ALA C 133 -6.21 -16.65 17.39
N ALA C 134 -5.86 -17.89 17.11
CA ALA C 134 -5.89 -18.42 15.75
C ALA C 134 -7.33 -18.59 15.25
N LEU C 135 -8.24 -18.95 16.15
CA LEU C 135 -9.68 -19.03 15.80
C LEU C 135 -10.20 -17.66 15.35
N GLN C 136 -9.91 -16.64 16.14
CA GLN C 136 -10.39 -15.29 15.84
C GLN C 136 -9.76 -14.75 14.57
N GLN C 137 -8.47 -15.00 14.38
CA GLN C 137 -7.76 -14.65 13.14
C GLN C 137 -8.48 -15.15 11.89
N TYR C 138 -8.99 -16.39 11.93
CA TYR C 138 -9.70 -16.95 10.78
C TYR C 138 -11.13 -16.36 10.68
N LEU C 139 -11.75 -16.06 11.83
CA LEU C 139 -13.06 -15.36 11.83
C LEU C 139 -12.95 -13.93 11.30
N ALA C 140 -11.82 -13.27 11.58
CA ALA C 140 -11.51 -12.00 10.94
C ALA C 140 -11.28 -12.20 9.44
N SER C 141 -10.55 -13.23 9.09
CA SER C 141 -10.29 -13.56 7.69
C SER C 141 -11.58 -13.75 6.88
N GLU C 142 -12.63 -14.28 7.53
CA GLU C 142 -13.97 -14.36 6.92
C GLU C 142 -14.48 -12.96 6.65
N GLU C 143 -14.71 -12.19 7.71
CA GLU C 143 -15.23 -10.82 7.58
C GLU C 143 -14.47 -10.02 6.52
N ALA C 144 -13.15 -10.13 6.52
CA ALA C 144 -12.29 -9.49 5.52
C ALA C 144 -12.68 -9.79 4.08
N ALA C 145 -13.03 -11.04 3.82
CA ALA C 145 -13.45 -11.46 2.48
C ALA C 145 -14.88 -11.05 2.15
N ARG C 146 -15.75 -10.95 3.16
CA ARG C 146 -17.08 -10.36 2.98
C ARG C 146 -16.96 -8.93 2.44
N ALA C 147 -16.12 -8.13 3.10
CA ALA C 147 -15.80 -6.77 2.65
C ALA C 147 -15.30 -6.75 1.20
N ALA C 148 -14.35 -7.64 0.92
CA ALA C 148 -13.72 -7.71 -0.40
C ALA C 148 -14.70 -8.09 -1.49
N ARG C 149 -15.73 -8.85 -1.11
CA ARG C 149 -16.81 -9.22 -2.02
C ARG C 149 -17.77 -8.06 -2.29
N ILE C 150 -18.18 -7.38 -1.20
CA ILE C 150 -19.04 -6.19 -1.29
C ILE C 150 -18.33 -5.10 -2.07
N ALA C 151 -17.04 -4.92 -1.78
CA ALA C 151 -16.18 -4.02 -2.55
C ALA C 151 -16.09 -4.40 -4.03
N LEU C 152 -16.09 -5.70 -4.33
CA LEU C 152 -16.13 -6.17 -5.73
C LEU C 152 -17.45 -5.78 -6.41
N VAL C 153 -18.58 -6.15 -5.80
CA VAL C 153 -19.91 -5.75 -6.28
C VAL C 153 -19.85 -4.28 -6.70
N ALA C 154 -19.53 -3.43 -5.72
CA ALA C 154 -19.50 -1.98 -5.88
C ALA C 154 -18.57 -1.54 -7.00
N GLU C 155 -17.37 -2.10 -7.02
CA GLU C 155 -16.38 -1.74 -8.04
C GLU C 155 -16.82 -2.08 -9.46
N VAL C 156 -17.49 -3.22 -9.64
CA VAL C 156 -18.01 -3.60 -10.96
C VAL C 156 -19.16 -2.65 -11.30
N SER C 157 -20.03 -2.39 -10.33
CA SER C 157 -21.13 -1.43 -10.51
C SER C 157 -20.64 -0.08 -11.03
N GLN C 158 -19.68 0.50 -10.31
CA GLN C 158 -19.09 1.79 -10.68
C GLN C 158 -18.47 1.76 -12.07
N ALA C 159 -17.66 0.74 -12.33
CA ALA C 159 -16.98 0.58 -13.61
C ALA C 159 -17.95 0.46 -14.78
N TYR C 160 -19.12 -0.12 -14.52
CA TYR C 160 -20.19 -0.21 -15.52
C TYR C 160 -20.90 1.13 -15.69
N LEU C 161 -21.20 1.80 -14.57
CA LEU C 161 -21.81 3.13 -14.59
C LEU C 161 -20.95 4.15 -15.33
N SER C 162 -19.63 4.07 -15.13
CA SER C 162 -18.68 4.87 -15.91
C SER C 162 -18.74 4.49 -17.38
N TYR C 163 -18.74 3.20 -17.65
CA TYR C 163 -18.89 2.68 -19.01
C TYR C 163 -20.15 3.21 -19.70
N ASP C 164 -21.27 3.09 -19.00
CA ASP C 164 -22.57 3.59 -19.46
C ASP C 164 -22.49 5.05 -19.83
N GLY C 165 -22.05 5.85 -18.86
CA GLY C 165 -21.89 7.30 -19.02
C GLY C 165 -21.10 7.69 -20.27
N ALA C 166 -20.00 6.98 -20.50
CA ALA C 166 -19.14 7.23 -21.67
C ALA C 166 -19.84 7.02 -23.01
N LEU C 167 -20.68 6.00 -23.07
CA LEU C 167 -21.50 5.74 -24.27
C LEU C 167 -22.49 6.88 -24.52
N ARG C 168 -23.06 7.43 -23.44
CA ARG C 168 -23.94 8.61 -23.54
C ARG C 168 -23.21 9.88 -24.03
N ARG C 169 -22.02 10.14 -23.50
CA ARG C 169 -21.20 11.29 -23.91
C ARG C 169 -20.81 11.15 -25.37
N LEU C 170 -20.47 9.92 -25.77
CA LEU C 170 -20.16 9.59 -27.15
C LEU C 170 -21.37 9.83 -28.06
N ALA C 171 -22.55 9.40 -27.62
CA ALA C 171 -23.80 9.57 -28.39
C ALA C 171 -24.10 11.04 -28.66
N LEU C 172 -24.09 11.82 -27.58
CA LEU C 172 -24.23 13.27 -27.66
C LEU C 172 -23.18 13.86 -28.59
N THR C 173 -21.92 13.58 -28.30
CA THR C 173 -20.79 14.12 -29.09
C THR C 173 -20.95 13.85 -30.58
N ARG C 174 -21.46 12.68 -30.91
CA ARG C 174 -21.70 12.32 -32.31
C ARG C 174 -22.90 13.06 -32.90
N GLN C 175 -23.97 13.19 -32.09
CA GLN C 175 -25.13 13.99 -32.51
C GLN C 175 -24.72 15.43 -32.72
N THR C 176 -24.07 16.00 -31.70
CA THR C 176 -23.49 17.33 -31.79
C THR C 176 -22.63 17.43 -33.04
N LEU C 177 -21.71 16.49 -33.22
CA LEU C 177 -20.77 16.50 -34.35
C LEU C 177 -21.46 16.60 -35.71
N VAL C 178 -22.49 15.79 -35.94
CA VAL C 178 -23.18 15.77 -37.24
C VAL C 178 -23.91 17.10 -37.54
N SER C 179 -24.52 17.70 -36.51
CA SER C 179 -25.08 19.05 -36.60
C SER C 179 -24.02 20.08 -37.05
N ARG C 180 -22.82 19.94 -36.50
CA ARG C 180 -21.69 20.83 -36.80
C ARG C 180 -21.17 20.62 -38.22
N GLU C 181 -21.31 19.40 -38.73
CA GLU C 181 -20.90 19.09 -40.10
C GLU C 181 -21.89 19.67 -41.12
N TYR C 182 -23.19 19.65 -40.77
CA TYR C 182 -24.24 20.26 -41.61
C TYR C 182 -24.18 21.80 -41.58
N SER C 183 -24.04 22.37 -40.39
CA SER C 183 -23.92 23.83 -40.21
C SER C 183 -22.73 24.41 -40.97
N PHE C 184 -21.59 23.74 -40.86
CA PHE C 184 -20.37 24.14 -41.56
C PHE C 184 -20.50 24.08 -43.10
N ALA C 185 -21.21 23.07 -43.60
CA ALA C 185 -21.44 22.92 -45.04
C ALA C 185 -22.26 24.07 -45.63
N LEU C 186 -23.16 24.62 -44.82
CA LEU C 186 -23.90 25.83 -45.16
C LEU C 186 -22.95 27.03 -45.23
N ILE C 187 -22.07 27.17 -44.24
CA ILE C 187 -21.11 28.29 -44.18
C ILE C 187 -19.96 28.15 -45.20
N ASP C 188 -19.53 26.92 -45.50
CA ASP C 188 -18.54 26.69 -46.57
C ASP C 188 -19.11 27.15 -47.92
N GLN C 189 -20.40 26.93 -48.13
CA GLN C 189 -21.10 27.43 -49.32
C GLN C 189 -21.24 28.95 -49.30
N ARG C 190 -21.63 29.50 -48.15
CA ARG C 190 -21.77 30.97 -48.02
C ARG C 190 -20.45 31.73 -48.19
N ARG C 191 -19.35 31.21 -47.63
CA ARG C 191 -18.04 31.83 -47.81
C ARG C 191 -17.51 31.62 -49.24
N ALA C 192 -17.89 30.52 -49.89
CA ALA C 192 -17.64 30.33 -51.32
C ALA C 192 -18.44 31.32 -52.15
N ALA C 193 -19.66 31.61 -51.73
CA ALA C 193 -20.53 32.62 -52.36
C ALA C 193 -20.18 34.09 -52.01
N GLY C 194 -19.45 34.29 -50.91
CA GLY C 194 -19.16 35.64 -50.40
C GLY C 194 -20.22 36.17 -49.44
N ALA C 195 -21.16 35.31 -49.04
CA ALA C 195 -22.30 35.68 -48.18
C ALA C 195 -22.00 35.58 -46.67
N ALA C 196 -20.89 34.91 -46.31
CA ALA C 196 -20.42 34.83 -44.92
C ALA C 196 -18.93 35.17 -44.84
N THR C 197 -18.51 35.70 -43.69
CA THR C 197 -17.14 36.19 -43.51
C THR C 197 -16.18 35.00 -43.33
N ALA C 198 -14.91 35.20 -43.65
CA ALA C 198 -13.90 34.15 -43.46
C ALA C 198 -13.69 33.78 -42.00
N LEU C 199 -13.95 34.72 -41.09
CA LEU C 199 -13.92 34.48 -39.66
C LEU C 199 -15.06 33.59 -39.20
N ASP C 200 -16.24 33.77 -39.77
CA ASP C 200 -17.38 32.88 -39.47
C ASP C 200 -17.06 31.45 -39.89
N TYR C 201 -16.40 31.31 -41.05
CA TYR C 201 -15.99 30.01 -41.60
C TYR C 201 -14.96 29.28 -40.73
N GLN C 202 -14.03 30.03 -40.14
CA GLN C 202 -13.03 29.46 -39.23
C GLN C 202 -13.63 29.05 -37.89
N GLU C 203 -14.52 29.88 -37.35
CA GLU C 203 -15.25 29.56 -36.12
C GLU C 203 -16.04 28.26 -36.26
N ALA C 204 -16.75 28.14 -37.37
CA ALA C 204 -17.54 26.94 -37.67
C ALA C 204 -16.68 25.69 -37.83
N LEU C 205 -15.51 25.85 -38.45
CA LEU C 205 -14.55 24.75 -38.57
C LEU C 205 -14.02 24.35 -37.20
N GLY C 206 -13.78 25.33 -36.34
CA GLY C 206 -13.38 25.10 -34.96
C GLY C 206 -14.37 24.22 -34.21
N LEU C 207 -15.64 24.60 -34.27
CA LEU C 207 -16.72 23.82 -33.65
C LEU C 207 -16.67 22.35 -34.05
N VAL C 208 -16.52 22.09 -35.35
CA VAL C 208 -16.41 20.74 -35.89
C VAL C 208 -15.25 19.96 -35.24
N GLU C 209 -14.09 20.61 -35.13
CA GLU C 209 -12.89 19.96 -34.59
C GLU C 209 -13.01 19.68 -33.09
N GLN C 210 -13.60 20.61 -32.34
CA GLN C 210 -13.86 20.42 -30.90
C GLN C 210 -14.62 19.14 -30.62
N ALA C 211 -15.70 18.93 -31.37
CA ALA C 211 -16.53 17.73 -31.27
C ALA C 211 -15.80 16.48 -31.77
N ARG C 212 -14.97 16.64 -32.81
CA ARG C 212 -14.16 15.54 -33.32
C ARG C 212 -13.12 15.05 -32.33
N ALA C 213 -12.40 16.00 -31.73
CA ALA C 213 -11.46 15.69 -30.65
C ALA C 213 -12.19 15.11 -29.44
N GLU C 214 -13.36 15.66 -29.12
CA GLU C 214 -14.20 15.15 -28.02
C GLU C 214 -14.68 13.73 -28.27
N GLN C 215 -14.99 13.40 -29.52
CA GLN C 215 -15.37 12.03 -29.88
C GLN C 215 -14.27 11.04 -29.47
N GLU C 216 -13.03 11.39 -29.79
CA GLU C 216 -11.88 10.52 -29.51
C GLU C 216 -11.62 10.35 -28.02
N ARG C 217 -11.81 11.43 -27.26
CA ARG C 217 -11.72 11.37 -25.80
C ARG C 217 -12.78 10.43 -25.23
N ASN C 218 -14.01 10.54 -25.73
CA ASN C 218 -15.10 9.67 -25.29
C ASN C 218 -14.88 8.20 -25.63
N LEU C 219 -14.26 7.93 -26.77
CA LEU C 219 -13.94 6.56 -27.17
C LEU C 219 -12.93 5.90 -26.24
N ARG C 220 -11.84 6.60 -25.94
CA ARG C 220 -10.86 6.09 -24.98
C ARG C 220 -11.59 5.81 -23.67
N GLN C 221 -12.28 6.81 -23.14
CA GLN C 221 -13.06 6.67 -21.89
C GLN C 221 -13.92 5.41 -21.82
N LYS C 222 -14.62 5.15 -22.93
CA LYS C 222 -15.44 3.96 -23.08
C LYS C 222 -14.60 2.68 -23.03
N GLN C 223 -13.55 2.63 -23.86
CA GLN C 223 -12.70 1.44 -23.98
C GLN C 223 -11.92 1.11 -22.70
N GLN C 224 -11.49 2.13 -21.96
CA GLN C 224 -10.73 1.93 -20.72
C GLN C 224 -11.63 1.42 -19.60
N ALA C 225 -12.85 1.97 -19.53
CA ALA C 225 -13.90 1.48 -18.63
C ALA C 225 -14.32 0.03 -18.95
N PHE C 226 -14.35 -0.28 -20.25
CA PHE C 226 -14.62 -1.63 -20.74
C PHE C 226 -13.51 -2.60 -20.30
N ASN C 227 -12.26 -2.20 -20.54
CA ASN C 227 -11.11 -3.01 -20.17
C ASN C 227 -11.03 -3.25 -18.68
N ALA C 228 -11.43 -2.26 -17.88
CA ALA C 228 -11.55 -2.43 -16.43
C ALA C 228 -12.59 -3.48 -16.10
N LEU C 229 -13.79 -3.37 -16.68
CA LEU C 229 -14.86 -4.36 -16.47
C LEU C 229 -14.38 -5.78 -16.79
N VAL C 230 -13.75 -5.95 -17.95
CA VAL C 230 -13.23 -7.26 -18.35
C VAL C 230 -12.34 -7.83 -17.25
N LEU C 231 -11.45 -6.99 -16.70
CA LEU C 231 -10.55 -7.40 -15.61
C LEU C 231 -11.30 -7.84 -14.35
N LEU C 232 -12.26 -7.04 -13.91
CA LEU C 232 -13.02 -7.33 -12.68
C LEU C 232 -13.86 -8.60 -12.81
N LEU C 233 -14.44 -8.80 -13.99
CA LEU C 233 -15.22 -10.01 -14.26
C LEU C 233 -14.29 -11.23 -14.23
N GLY C 234 -13.11 -11.08 -14.80
CA GLY C 234 -12.01 -12.04 -14.65
C GLY C 234 -12.25 -13.37 -15.33
N SER C 235 -12.91 -13.31 -16.49
CA SER C 235 -13.29 -14.50 -17.21
C SER C 235 -12.78 -14.40 -18.64
N ASP C 236 -12.54 -15.55 -19.26
CA ASP C 236 -12.17 -15.64 -20.67
C ASP C 236 -13.31 -15.11 -21.57
N ASP C 237 -14.56 -15.33 -21.17
CA ASP C 237 -15.75 -14.94 -21.95
C ASP C 237 -16.49 -13.70 -21.41
N ALA C 238 -15.80 -12.86 -20.64
CA ALA C 238 -16.43 -11.68 -20.00
C ALA C 238 -16.76 -10.59 -20.99
N ALA C 239 -15.86 -10.33 -21.93
CA ALA C 239 -16.06 -9.32 -22.98
C ALA C 239 -17.37 -9.53 -23.75
N GLN C 240 -17.73 -10.79 -24.00
CA GLN C 240 -18.99 -11.12 -24.66
C GLN C 240 -20.20 -10.78 -23.78
N ALA C 241 -20.03 -10.91 -22.46
CA ALA C 241 -21.11 -10.65 -21.50
C ALA C 241 -21.41 -9.18 -21.19
N ILE C 242 -20.58 -8.25 -21.66
CA ILE C 242 -20.79 -6.83 -21.38
C ILE C 242 -21.69 -6.26 -22.47
N PRO C 243 -22.84 -5.64 -22.09
CA PRO C 243 -23.74 -5.00 -23.06
C PRO C 243 -23.04 -3.96 -23.92
N ARG C 244 -23.31 -3.99 -25.21
CA ARG C 244 -22.70 -3.03 -26.14
C ARG C 244 -23.53 -1.71 -26.21
N SER C 245 -24.76 -1.70 -25.70
CA SER C 245 -25.67 -0.54 -25.76
C SER C 245 -26.18 -0.16 -24.36
N PRO C 246 -26.46 1.15 -24.11
CA PRO C 246 -26.87 1.58 -22.75
C PRO C 246 -28.09 0.85 -22.17
N GLY C 247 -28.10 0.65 -20.86
CA GLY C 247 -29.29 0.19 -20.14
C GLY C 247 -30.33 1.30 -20.09
N GLN C 248 -31.54 1.01 -20.60
CA GLN C 248 -32.59 2.01 -20.81
C GLN C 248 -32.86 2.93 -19.61
N ARG C 249 -33.06 2.32 -18.45
CA ARG C 249 -33.54 3.01 -17.24
C ARG C 249 -32.41 3.03 -16.19
N PRO C 250 -32.58 3.83 -15.11
CA PRO C 250 -31.76 3.73 -13.90
C PRO C 250 -31.57 2.32 -13.36
N LYS C 251 -30.37 2.03 -12.87
CA LYS C 251 -29.90 0.68 -12.60
C LYS C 251 -29.76 0.36 -11.13
N LEU C 252 -30.16 1.29 -10.25
CA LEU C 252 -30.08 1.08 -8.81
C LEU C 252 -31.27 1.73 -8.12
N LEU C 253 -31.44 1.42 -6.84
CA LEU C 253 -32.43 2.08 -6.00
C LEU C 253 -31.90 3.46 -5.62
N GLN C 254 -32.70 4.50 -5.81
CA GLN C 254 -32.23 5.87 -5.63
C GLN C 254 -32.20 6.35 -4.18
N ASP C 255 -32.98 5.75 -3.29
CA ASP C 255 -33.14 6.23 -1.91
C ASP C 255 -32.86 5.13 -0.87
N ILE C 256 -31.66 5.16 -0.29
CA ILE C 256 -31.21 4.23 0.73
C ILE C 256 -31.25 4.91 2.11
N ALA C 257 -31.88 4.26 3.08
CA ALA C 257 -31.92 4.75 4.47
C ALA C 257 -30.71 4.22 5.24
N PRO C 258 -29.87 5.13 5.78
CA PRO C 258 -28.60 4.70 6.35
C PRO C 258 -28.69 3.96 7.69
N GLY C 259 -29.65 4.31 8.54
CA GLY C 259 -29.72 3.76 9.90
C GLY C 259 -28.69 4.43 10.80
N THR C 260 -28.64 4.00 12.05
CA THR C 260 -27.71 4.57 13.03
C THR C 260 -26.27 4.08 12.78
N PRO C 261 -25.28 4.72 13.45
CA PRO C 261 -23.91 4.18 13.50
C PRO C 261 -23.80 2.96 14.42
N SER C 262 -24.59 2.91 15.50
CA SER C 262 -24.63 1.71 16.36
C SER C 262 -24.97 0.43 15.58
N GLU C 263 -25.88 0.56 14.61
CA GLU C 263 -26.22 -0.53 13.70
C GLU C 263 -25.09 -0.87 12.73
N LEU C 264 -24.42 0.15 12.19
CA LEU C 264 -23.28 -0.01 11.27
C LEU C 264 -22.14 -0.83 11.88
N ILE C 265 -21.92 -0.66 13.18
CA ILE C 265 -20.89 -1.41 13.90
C ILE C 265 -21.15 -2.92 13.78
N GLU C 266 -22.40 -3.31 14.02
CA GLU C 266 -22.79 -4.72 13.97
C GLU C 266 -22.84 -5.30 12.55
N ARG C 267 -23.05 -4.45 11.53
CA ARG C 267 -23.23 -4.91 10.15
C ARG C 267 -21.95 -4.94 9.33
N ARG C 268 -21.21 -3.83 9.34
CA ARG C 268 -20.12 -3.62 8.38
C ARG C 268 -18.94 -4.59 8.63
N PRO C 269 -18.48 -5.30 7.56
CA PRO C 269 -17.37 -6.27 7.69
C PRO C 269 -16.08 -5.75 8.33
N ASP C 270 -15.59 -4.61 7.84
CA ASP C 270 -14.38 -3.96 8.35
C ASP C 270 -14.35 -3.92 9.88
N ILE C 271 -15.45 -3.47 10.46
CA ILE C 271 -15.58 -3.33 11.91
C ILE C 271 -15.47 -4.69 12.60
N LEU C 272 -16.17 -5.68 12.04
CA LEU C 272 -16.19 -7.02 12.63
C LEU C 272 -14.84 -7.74 12.48
N ALA C 273 -14.16 -7.54 11.35
CA ALA C 273 -12.81 -8.07 11.16
C ALA C 273 -11.89 -7.55 12.24
N ALA C 274 -11.90 -6.24 12.45
CA ALA C 274 -11.14 -5.59 13.51
C ALA C 274 -11.51 -6.11 14.90
N GLU C 275 -12.80 -6.33 15.12
CA GLU C 275 -13.28 -6.82 16.42
C GLU C 275 -12.74 -8.21 16.74
N HIS C 276 -12.73 -9.09 15.76
CA HIS C 276 -12.18 -10.43 15.94
C HIS C 276 -10.68 -10.37 16.24
N ARG C 277 -9.95 -9.54 15.48
CA ARG C 277 -8.52 -9.31 15.73
C ARG C 277 -8.23 -8.82 17.16
N LEU C 278 -9.05 -7.89 17.64
CA LEU C 278 -8.98 -7.40 19.02
C LEU C 278 -9.11 -8.55 20.01
N ARG C 279 -10.12 -9.39 19.77
CA ARG C 279 -10.40 -10.54 20.63
C ARG C 279 -9.30 -11.61 20.57
N ALA C 280 -8.63 -11.70 19.42
CA ALA C 280 -7.42 -12.54 19.27
C ALA C 280 -6.25 -12.05 20.14
N ARG C 281 -6.08 -10.75 20.25
CA ARG C 281 -5.05 -10.16 21.11
C ARG C 281 -5.37 -10.22 22.59
N ASN C 282 -6.65 -10.21 22.93
CA ASN C 282 -7.06 -10.45 24.31
C ASN C 282 -6.68 -11.85 24.77
N ALA C 283 -6.70 -12.81 23.84
CA ALA C 283 -6.22 -14.16 24.09
C ALA C 283 -4.70 -14.21 24.27
N ASP C 284 -3.96 -13.58 23.37
CA ASP C 284 -2.49 -13.51 23.49
C ASP C 284 -2.00 -12.96 24.83
N ILE C 285 -2.80 -12.10 25.47
CA ILE C 285 -2.55 -11.65 26.85
C ILE C 285 -2.69 -12.83 27.84
N GLY C 286 -3.75 -13.63 27.71
CA GLY C 286 -3.92 -14.84 28.51
C GLY C 286 -2.82 -15.87 28.38
N ALA C 287 -2.20 -15.93 27.19
CA ALA C 287 -1.03 -16.78 26.96
C ALA C 287 0.23 -16.24 27.62
N ALA C 288 0.39 -14.91 27.62
CA ALA C 288 1.50 -14.25 28.32
C ALA C 288 1.35 -14.30 29.85
N ARG C 289 0.12 -14.17 30.34
CA ARG C 289 -0.18 -14.36 31.78
C ARG C 289 0.08 -15.80 32.22
N ALA C 290 -0.21 -16.75 31.33
CA ALA C 290 0.06 -18.17 31.58
C ALA C 290 1.53 -18.55 31.60
N ALA C 291 2.38 -17.75 30.96
CA ALA C 291 3.84 -17.98 30.98
C ALA C 291 4.47 -17.85 32.38
N PHE C 292 3.91 -17.00 33.25
CA PHE C 292 4.40 -16.83 34.62
C PHE C 292 4.25 -18.09 35.47
N PHE C 293 3.18 -18.83 35.23
CA PHE C 293 2.89 -20.06 35.97
C PHE C 293 3.73 -21.18 35.36
N PRO C 294 3.93 -22.29 36.10
CA PRO C 294 4.87 -23.29 35.58
C PRO C 294 4.33 -24.18 34.46
N ARG C 295 5.23 -24.57 33.55
CA ARG C 295 4.91 -25.42 32.40
C ARG C 295 5.08 -26.91 32.75
N ILE C 296 3.98 -27.68 32.68
CA ILE C 296 4.01 -29.14 32.92
C ILE C 296 4.11 -29.85 31.58
N SER C 297 5.28 -30.40 31.29
CA SER C 297 5.54 -31.17 30.08
C SER C 297 5.80 -32.64 30.46
N LEU C 298 5.26 -33.57 29.69
CA LEU C 298 5.48 -35.00 29.92
C LEU C 298 5.82 -35.75 28.62
N THR C 299 6.73 -36.71 28.75
CA THR C 299 7.19 -37.55 27.64
C THR C 299 7.14 -39.01 28.10
N GLY C 300 6.89 -39.92 27.15
CA GLY C 300 6.86 -41.34 27.45
C GLY C 300 7.17 -42.22 26.25
N SER C 301 7.46 -43.50 26.55
CA SER C 301 7.79 -44.51 25.53
C SER C 301 7.16 -45.84 25.91
N PHE C 302 6.98 -46.69 24.90
CA PHE C 302 6.54 -48.06 25.09
C PHE C 302 7.01 -48.89 23.91
N GLY C 303 7.54 -50.08 24.18
CA GLY C 303 8.03 -50.95 23.12
C GLY C 303 9.01 -51.99 23.58
N THR C 304 9.95 -52.34 22.70
CA THR C 304 11.00 -53.31 22.99
C THR C 304 12.37 -52.66 22.83
N SER C 305 13.30 -53.04 23.70
CA SER C 305 14.69 -52.61 23.64
C SER C 305 15.64 -53.75 24.01
N SER C 306 16.82 -53.77 23.38
CA SER C 306 17.83 -54.80 23.63
C SER C 306 19.25 -54.25 23.43
N ALA C 307 20.22 -55.02 23.90
CA ALA C 307 21.64 -54.66 23.75
C ALA C 307 22.14 -54.91 22.33
N GLU C 308 21.63 -55.98 21.70
CA GLU C 308 21.97 -56.32 20.32
C GLU C 308 20.71 -56.28 19.46
N MET C 309 20.92 -56.07 18.17
CA MET C 309 19.85 -55.82 17.19
C MET C 309 18.96 -57.03 16.96
N SER C 310 19.52 -58.23 17.07
CA SER C 310 18.76 -59.49 16.98
C SER C 310 17.74 -59.62 18.12
N GLY C 311 18.16 -59.27 19.34
CA GLY C 311 17.33 -59.40 20.53
C GLY C 311 16.15 -58.46 20.69
N LEU C 312 15.95 -57.54 19.73
CA LEU C 312 14.85 -56.53 19.76
C LEU C 312 13.48 -57.12 20.12
N PHE C 313 12.83 -57.79 19.16
CA PHE C 313 11.53 -58.39 19.42
C PHE C 313 11.74 -59.80 19.96
N ASP C 314 11.58 -59.92 21.27
CA ASP C 314 11.84 -61.16 22.00
C ASP C 314 11.11 -61.08 23.35
N GLY C 315 10.91 -62.23 24.00
CA GLY C 315 10.31 -62.28 25.33
C GLY C 315 11.18 -61.61 26.38
N GLY C 316 10.54 -60.94 27.34
CA GLY C 316 11.25 -60.19 28.38
C GLY C 316 11.98 -58.94 27.88
N SER C 317 11.59 -58.46 26.70
CA SER C 317 12.16 -57.24 26.11
C SER C 317 11.27 -56.02 26.30
N ARG C 318 10.06 -56.21 26.86
CA ARG C 318 9.08 -55.12 27.00
C ARG C 318 9.63 -54.02 27.89
N SER C 319 9.71 -52.80 27.34
CA SER C 319 10.25 -51.65 28.06
C SER C 319 9.38 -50.43 27.82
N TRP C 320 9.16 -49.65 28.89
CA TRP C 320 8.46 -48.38 28.79
C TRP C 320 9.18 -47.28 29.53
N SER C 321 8.82 -46.04 29.19
CA SER C 321 9.42 -44.83 29.73
C SER C 321 8.31 -43.85 30.12
N PHE C 322 8.50 -43.12 31.21
CA PHE C 322 7.51 -42.17 31.72
C PHE C 322 8.23 -41.08 32.51
N LEU C 323 8.30 -39.86 31.97
CA LEU C 323 9.01 -38.76 32.63
C LEU C 323 8.27 -37.42 32.52
N PRO C 324 7.52 -37.04 33.59
CA PRO C 324 6.92 -35.72 33.68
C PRO C 324 7.84 -34.69 34.33
N THR C 325 7.99 -33.54 33.69
CA THR C 325 8.75 -32.42 34.23
C THR C 325 7.78 -31.26 34.54
N LEU C 326 8.04 -30.59 35.66
CA LEU C 326 7.38 -29.33 36.03
C LEU C 326 8.46 -28.26 35.94
N THR C 327 8.13 -27.08 35.44
CA THR C 327 9.11 -25.99 35.27
C THR C 327 8.52 -24.63 35.65
N LEU C 328 8.96 -24.08 36.77
CA LEU C 328 8.59 -22.72 37.22
C LEU C 328 9.85 -21.85 37.13
N PRO C 329 9.76 -20.68 36.45
CA PRO C 329 10.89 -19.74 36.50
C PRO C 329 10.82 -18.77 37.68
N ILE C 330 11.86 -18.77 38.52
CA ILE C 330 11.98 -17.79 39.62
C ILE C 330 12.45 -16.46 39.03
N PHE C 331 13.52 -16.51 38.25
CA PHE C 331 13.99 -15.37 37.47
C PHE C 331 13.94 -15.74 36.00
N ASP C 332 13.50 -14.78 35.18
CA ASP C 332 13.71 -14.82 33.72
C ASP C 332 14.82 -13.78 33.50
N GLY C 333 14.86 -13.08 32.37
CA GLY C 333 15.64 -11.85 32.27
C GLY C 333 14.77 -10.60 32.23
N GLY C 334 13.55 -10.72 32.76
CA GLY C 334 12.47 -9.76 32.50
C GLY C 334 11.72 -10.04 31.21
N ARG C 335 11.85 -11.25 30.67
CA ARG C 335 11.28 -11.63 29.37
C ARG C 335 9.78 -11.87 29.45
N ASN C 336 9.35 -12.65 30.44
CA ASN C 336 7.93 -12.97 30.63
C ASN C 336 7.10 -11.73 30.98
N ARG C 337 7.72 -10.77 31.66
CA ARG C 337 7.12 -9.44 31.85
C ARG C 337 7.04 -8.67 30.53
N ALA C 338 8.13 -8.68 29.77
CA ALA C 338 8.22 -7.98 28.46
C ALA C 338 7.23 -8.54 27.44
N ASN C 339 7.13 -9.86 27.36
CA ASN C 339 6.12 -10.51 26.54
C ASN C 339 4.71 -10.05 26.88
N LEU C 340 4.41 -9.95 28.17
CA LEU C 340 3.09 -9.50 28.62
C LEU C 340 2.87 -8.03 28.26
N SER C 341 3.89 -7.19 28.44
CA SER C 341 3.84 -5.78 28.01
C SER C 341 3.66 -5.64 26.50
N LEU C 342 4.29 -6.54 25.73
CA LEU C 342 4.12 -6.60 24.27
C LEU C 342 2.69 -7.02 23.92
N ALA C 343 2.20 -8.05 24.59
CA ALA C 343 0.82 -8.54 24.39
C ALA C 343 -0.24 -7.51 24.74
N GLU C 344 0.02 -6.68 25.76
CA GLU C 344 -0.86 -5.58 26.13
C GLU C 344 -0.78 -4.47 25.08
N ALA C 345 0.43 -4.12 24.65
CA ALA C 345 0.64 -3.12 23.61
C ALA C 345 -0.08 -3.51 22.32
N ARG C 346 0.19 -4.71 21.84
CA ARG C 346 -0.44 -5.23 20.61
C ARG C 346 -1.98 -5.21 20.66
N LYS C 347 -2.53 -5.59 21.81
CA LYS C 347 -3.99 -5.57 22.06
C LYS C 347 -4.53 -4.14 22.01
N ASP C 348 -3.80 -3.22 22.63
CA ASP C 348 -4.18 -1.81 22.63
C ASP C 348 -4.18 -1.24 21.19
N SER C 349 -3.21 -1.63 20.37
CA SER C 349 -3.17 -1.22 18.95
C SER C 349 -4.35 -1.76 18.15
N ALA C 350 -4.78 -2.99 18.49
CA ALA C 350 -5.95 -3.59 17.86
C ALA C 350 -7.24 -2.89 18.28
N VAL C 351 -7.31 -2.43 19.53
CA VAL C 351 -8.46 -1.66 20.01
C VAL C 351 -8.54 -0.31 19.29
N ALA C 352 -7.41 0.40 19.21
CA ALA C 352 -7.35 1.66 18.46
C ALA C 352 -7.66 1.48 16.98
N ALA C 353 -7.24 0.34 16.42
CA ALA C 353 -7.56 -0.02 15.04
C ALA C 353 -9.06 -0.24 14.87
N TYR C 354 -9.68 -0.94 15.82
CA TYR C 354 -11.14 -1.14 15.85
C TYR C 354 -11.90 0.17 15.94
N GLU C 355 -11.38 1.12 16.73
CA GLU C 355 -11.99 2.43 16.87
C GLU C 355 -11.82 3.20 15.56
N GLY C 356 -10.58 3.28 15.07
CA GLY C 356 -10.26 3.95 13.80
C GLY C 356 -11.01 3.46 12.57
N THR C 357 -11.34 2.17 12.55
CA THR C 357 -12.15 1.60 11.48
C THR C 357 -13.59 2.16 11.49
N ILE C 358 -14.19 2.20 12.69
CA ILE C 358 -15.53 2.76 12.86
C ILE C 358 -15.53 4.24 12.48
N GLN C 359 -14.51 4.98 12.93
CA GLN C 359 -14.41 6.42 12.63
C GLN C 359 -14.27 6.63 11.12
N THR C 360 -13.38 5.85 10.49
CA THR C 360 -13.19 5.92 9.03
C THR C 360 -14.45 5.51 8.26
N ALA C 361 -15.20 4.55 8.78
CA ALA C 361 -16.49 4.15 8.20
C ALA C 361 -17.52 5.27 8.29
N PHE C 362 -17.51 5.98 9.42
CA PHE C 362 -18.36 7.14 9.62
C PHE C 362 -18.08 8.23 8.58
N ARG C 363 -16.81 8.56 8.36
CA ARG C 363 -16.41 9.53 7.32
C ARG C 363 -16.86 9.13 5.92
N GLU C 364 -16.71 7.85 5.57
CA GLU C 364 -17.08 7.37 4.23
C GLU C 364 -18.59 7.39 4.00
N VAL C 365 -19.34 7.00 5.03
CA VAL C 365 -20.80 7.08 5.00
C VAL C 365 -21.21 8.54 4.91
N ALA C 366 -20.76 9.35 5.87
CA ALA C 366 -21.02 10.80 5.87
C ALA C 366 -20.76 11.45 4.51
N ASP C 367 -19.56 11.25 3.95
CA ASP C 367 -19.19 11.77 2.61
C ASP C 367 -20.14 11.31 1.52
N ALA C 368 -20.61 10.06 1.64
CA ALA C 368 -21.50 9.46 0.65
C ALA C 368 -22.94 10.00 0.65
N LEU C 369 -23.52 10.27 1.82
CA LEU C 369 -24.87 10.86 1.89
C LEU C 369 -24.84 12.32 1.45
N ALA C 370 -23.80 13.03 1.91
CA ALA C 370 -23.55 14.40 1.47
C ALA C 370 -23.41 14.48 -0.04
N ALA C 371 -22.67 13.54 -0.62
CA ALA C 371 -22.52 13.45 -2.08
C ALA C 371 -23.86 13.20 -2.77
N SER C 372 -24.60 12.21 -2.26
CA SER C 372 -25.90 11.82 -2.81
C SER C 372 -26.91 12.96 -2.83
N ASP C 373 -27.06 13.64 -1.67
CA ASP C 373 -28.05 14.70 -1.52
C ASP C 373 -27.73 15.96 -2.32
N THR C 374 -26.46 16.37 -2.33
CA THR C 374 -26.02 17.52 -3.10
C THR C 374 -26.08 17.27 -4.61
N LEU C 375 -25.65 16.08 -5.03
CA LEU C 375 -25.72 15.68 -6.45
C LEU C 375 -27.16 15.49 -6.94
N ARG C 376 -28.10 15.21 -6.04
CA ARG C 376 -29.52 15.15 -6.40
C ARG C 376 -29.94 16.51 -6.93
N ARG C 377 -29.73 17.52 -6.10
CA ARG C 377 -30.07 18.91 -6.43
C ARG C 377 -29.21 19.48 -7.55
N GLU C 378 -27.92 19.16 -7.58
CA GLU C 378 -27.03 19.62 -8.66
C GLU C 378 -27.48 19.10 -10.02
N GLU C 379 -27.94 17.85 -10.05
CA GLU C 379 -28.41 17.21 -11.28
C GLU C 379 -29.65 17.92 -11.85
N LYS C 380 -30.56 18.30 -10.95
CA LYS C 380 -31.80 18.99 -11.35
C LYS C 380 -31.42 20.35 -11.94
N ALA C 381 -30.51 21.06 -11.27
CA ALA C 381 -30.01 22.34 -11.74
C ALA C 381 -29.26 22.20 -13.06
N LEU C 382 -28.43 21.16 -13.17
CA LEU C 382 -27.70 20.88 -14.41
C LEU C 382 -28.63 20.51 -15.57
N ARG C 383 -29.72 19.81 -15.26
CA ARG C 383 -30.78 19.53 -16.24
C ARG C 383 -31.47 20.82 -16.68
N ALA C 384 -31.79 21.67 -15.71
CA ALA C 384 -32.40 22.98 -15.98
C ALA C 384 -31.49 23.89 -16.80
N LEU C 385 -30.20 23.92 -16.47
CA LEU C 385 -29.20 24.66 -17.25
C LEU C 385 -29.05 24.13 -18.67
N ALA C 386 -29.12 22.81 -18.83
CA ALA C 386 -28.89 22.16 -20.10
C ALA C 386 -29.91 22.57 -21.14
N ASN C 387 -31.19 22.34 -20.83
CA ASN C 387 -32.28 22.67 -21.76
C ASN C 387 -32.56 24.18 -21.87
N SER C 388 -32.08 24.97 -20.91
CA SER C 388 -32.05 26.44 -21.05
C SER C 388 -31.09 26.85 -22.17
N SER C 389 -29.87 26.33 -22.10
CA SER C 389 -28.84 26.56 -23.13
C SER C 389 -29.22 25.99 -24.51
N ASN C 390 -30.04 24.93 -24.53
CA ASN C 390 -30.56 24.34 -25.78
C ASN C 390 -31.66 25.18 -26.41
N GLU C 391 -32.54 25.77 -25.60
CA GLU C 391 -33.58 26.68 -26.11
C GLU C 391 -32.93 27.99 -26.59
N ALA C 392 -32.03 28.54 -25.78
CA ALA C 392 -31.23 29.70 -26.17
C ALA C 392 -30.36 29.43 -27.42
N LEU C 393 -29.95 28.19 -27.62
CA LEU C 393 -29.28 27.79 -28.85
C LEU C 393 -30.18 27.97 -30.08
N LYS C 394 -31.44 27.55 -29.96
CA LYS C 394 -32.43 27.68 -31.05
C LYS C 394 -32.78 29.12 -31.35
N LEU C 395 -32.83 29.96 -30.32
CA LEU C 395 -33.13 31.39 -30.47
C LEU C 395 -31.96 32.13 -31.11
N ALA C 396 -30.77 31.93 -30.56
CA ALA C 396 -29.53 32.50 -31.11
C ALA C 396 -29.28 32.08 -32.57
N LYS C 397 -29.65 30.84 -32.90
CA LYS C 397 -29.58 30.31 -34.26
C LYS C 397 -30.48 31.11 -35.21
N ALA C 398 -31.72 31.32 -34.80
CA ALA C 398 -32.69 32.12 -35.57
C ALA C 398 -32.27 33.59 -35.71
N ARG C 399 -31.75 34.13 -34.60
CA ARG C 399 -31.24 35.51 -34.55
C ARG C 399 -30.02 35.74 -35.44
N TYR C 400 -29.12 34.76 -35.51
CA TYR C 400 -27.95 34.82 -36.41
C TYR C 400 -28.36 34.68 -37.87
N GLU C 401 -29.20 33.69 -38.15
CA GLU C 401 -29.63 33.38 -39.52
C GLU C 401 -30.43 34.53 -40.16
N SER C 402 -31.09 35.35 -39.34
CA SER C 402 -31.73 36.59 -39.78
C SER C 402 -30.76 37.68 -40.23
N GLY C 403 -29.49 37.58 -39.81
CA GLY C 403 -28.49 38.60 -40.09
C GLY C 403 -28.48 39.69 -39.05
N VAL C 404 -29.24 39.51 -37.96
CA VAL C 404 -29.41 40.52 -36.92
C VAL C 404 -28.14 40.62 -36.08
N ASP C 405 -27.61 39.46 -35.68
CA ASP C 405 -26.40 39.37 -34.85
C ASP C 405 -25.19 38.80 -35.58
N ASN C 406 -24.01 39.13 -35.06
CA ASN C 406 -22.77 38.46 -35.46
C ASN C 406 -22.78 36.98 -35.05
N HIS C 407 -21.79 36.24 -35.57
CA HIS C 407 -21.68 34.81 -35.32
C HIS C 407 -21.46 34.46 -33.84
N LEU C 408 -20.64 35.26 -33.16
CA LEU C 408 -20.24 34.99 -31.76
C LEU C 408 -21.36 34.52 -30.82
N ARG C 409 -22.56 35.09 -30.96
CA ARG C 409 -23.70 34.72 -30.11
C ARG C 409 -24.19 33.30 -30.37
N TYR C 410 -24.22 32.93 -31.65
CA TYR C 410 -24.53 31.56 -32.08
C TYR C 410 -23.42 30.60 -31.62
N LEU C 411 -22.18 30.92 -32.00
CA LEU C 411 -21.00 30.14 -31.62
C LEU C 411 -20.97 29.86 -30.11
N ASP C 412 -21.11 30.91 -29.32
CA ASP C 412 -21.06 30.79 -27.84
C ASP C 412 -22.21 29.93 -27.29
N ALA C 413 -23.38 30.02 -27.91
CA ALA C 413 -24.51 29.18 -27.53
C ALA C 413 -24.25 27.70 -27.84
N GLN C 414 -23.62 27.43 -28.99
CA GLN C 414 -23.25 26.07 -29.39
C GLN C 414 -22.27 25.45 -28.42
N ARG C 415 -21.24 26.22 -28.07
CA ARG C 415 -20.23 25.82 -27.07
C ARG C 415 -20.90 25.50 -25.73
N SER C 416 -21.68 26.46 -25.23
CA SER C 416 -22.34 26.38 -23.93
C SER C 416 -23.32 25.20 -23.83
N SER C 417 -24.12 24.99 -24.88
CA SER C 417 -25.05 23.85 -24.94
C SER C 417 -24.30 22.53 -24.85
N PHE C 418 -23.29 22.36 -25.70
CA PHE C 418 -22.52 21.12 -25.75
C PHE C 418 -21.78 20.86 -24.44
N LEU C 419 -21.14 21.90 -23.89
CA LEU C 419 -20.45 21.78 -22.60
C LEU C 419 -21.41 21.50 -21.43
N ASN C 420 -22.56 22.16 -21.41
CA ASN C 420 -23.58 21.89 -20.38
C ASN C 420 -24.24 20.53 -20.46
N GLU C 421 -24.37 19.99 -21.67
CA GLU C 421 -25.02 18.69 -21.89
C GLU C 421 -24.10 17.53 -21.49
N ILE C 422 -22.80 17.67 -21.78
CA ILE C 422 -21.78 16.78 -21.22
C ILE C 422 -21.78 16.87 -19.70
N ALA C 423 -21.82 18.09 -19.17
CA ALA C 423 -21.79 18.32 -17.72
C ALA C 423 -22.96 17.66 -17.00
N PHE C 424 -24.11 17.59 -17.67
CA PHE C 424 -25.26 16.85 -17.13
C PHE C 424 -25.01 15.33 -17.10
N ILE C 425 -24.43 14.79 -18.16
CA ILE C 425 -24.11 13.35 -18.23
C ILE C 425 -23.11 13.00 -17.12
N ASP C 426 -22.07 13.81 -16.98
CA ASP C 426 -21.09 13.62 -15.93
C ASP C 426 -21.74 13.68 -14.56
N GLY C 427 -22.49 14.75 -14.29
CA GLY C 427 -23.18 14.93 -13.01
C GLY C 427 -24.17 13.82 -12.66
N SER C 428 -24.88 13.32 -13.68
CA SER C 428 -25.86 12.25 -13.50
C SER C 428 -25.17 10.94 -13.18
N THR C 429 -24.15 10.57 -13.96
CA THR C 429 -23.40 9.33 -13.70
C THR C 429 -22.69 9.39 -12.36
N GLN C 430 -22.19 10.58 -12.00
CA GLN C 430 -21.50 10.79 -10.72
C GLN C 430 -22.43 10.63 -9.50
N ARG C 431 -23.71 10.96 -9.68
CA ARG C 431 -24.72 10.70 -8.64
C ARG C 431 -24.91 9.20 -8.43
N GLN C 432 -24.97 8.45 -9.53
CA GLN C 432 -25.14 7.01 -9.47
C GLN C 432 -23.92 6.32 -8.86
N ILE C 433 -22.73 6.80 -9.21
CA ILE C 433 -21.47 6.33 -8.60
C ILE C 433 -21.45 6.64 -7.09
N ALA C 434 -22.01 7.79 -6.69
CA ALA C 434 -22.17 8.14 -5.28
C ALA C 434 -23.15 7.23 -4.53
N LEU C 435 -24.19 6.79 -5.22
CA LEU C 435 -25.13 5.81 -4.65
C LEU C 435 -24.47 4.46 -4.43
N VAL C 436 -23.55 4.08 -5.32
CA VAL C 436 -22.77 2.85 -5.14
C VAL C 436 -21.78 3.03 -3.99
N ASP C 437 -21.04 4.15 -3.98
CA ASP C 437 -20.12 4.50 -2.87
C ASP C 437 -20.81 4.46 -1.50
N LEU C 438 -22.08 4.86 -1.48
CA LEU C 438 -22.89 4.82 -0.27
C LEU C 438 -23.18 3.40 0.16
N PHE C 439 -23.58 2.56 -0.79
CA PHE C 439 -23.83 1.15 -0.51
C PHE C 439 -22.60 0.46 0.10
N ARG C 440 -21.44 0.67 -0.52
CA ARG C 440 -20.16 0.12 -0.04
C ARG C 440 -19.84 0.61 1.38
N ALA C 441 -19.80 1.93 1.55
CA ALA C 441 -19.53 2.58 2.85
C ALA C 441 -20.43 2.05 3.96
N LEU C 442 -21.69 1.82 3.64
CA LEU C 442 -22.64 1.21 4.56
C LEU C 442 -22.31 -0.26 4.81
N GLY C 443 -21.87 -0.97 3.76
CA GLY C 443 -21.35 -2.32 3.87
C GLY C 443 -22.39 -3.43 3.74
N GLY C 444 -23.39 -3.22 2.89
CA GLY C 444 -24.43 -4.23 2.63
C GLY C 444 -25.34 -4.54 3.80
N GLY C 445 -26.39 -5.33 3.51
CA GLY C 445 -27.41 -5.66 4.50
C GLY C 445 -27.07 -6.87 5.35
N TRP C 446 -27.34 -6.77 6.66
CA TRP C 446 -27.11 -7.84 7.64
C TRP C 446 -25.86 -8.69 7.29
N ASP C 447 -26.02 -9.95 6.88
CA ASP C 447 -24.89 -10.86 6.64
C ASP C 447 -24.88 -11.20 5.15
N GLU C 448 -24.59 -10.16 4.36
CA GLU C 448 -24.62 -10.16 2.90
C GLU C 448 -24.02 -11.42 2.26
N GLY C 449 -22.87 -11.88 2.77
CA GLY C 449 -22.15 -13.03 2.18
C GLY C 449 -21.84 -14.19 3.10
N ARG C 450 -22.18 -15.40 2.66
CA ARG C 450 -21.66 -16.64 3.27
C ARG C 450 -21.18 -17.60 2.17
N SER C 451 -20.56 -17.00 1.13
CA SER C 451 -19.70 -17.69 0.16
C SER C 451 -18.40 -18.17 0.82
N LEU C 452 -18.10 -17.60 1.97
CA LEU C 452 -16.83 -17.73 2.65
C LEU C 452 -16.72 -19.08 3.33
N VAL C 453 -17.80 -19.46 4.02
CA VAL C 453 -17.84 -20.72 4.74
C VAL C 453 -18.36 -21.79 3.79
N VAL C 454 -17.43 -22.37 3.03
CA VAL C 454 -17.70 -23.57 2.21
C VAL C 454 -16.84 -24.78 2.69
N HIS C 455 -16.18 -24.65 3.84
CA HIS C 455 -15.44 -25.74 4.48
C HIS C 455 -15.52 -25.61 6.01
#